data_1W6U
#
_entry.id   1W6U
#
_cell.length_a   63.281
_cell.length_b   131.658
_cell.length_c   70.849
_cell.angle_alpha   90.00
_cell.angle_beta   92.64
_cell.angle_gamma   90.00
#
_symmetry.space_group_name_H-M   'P 1 21 1'
#
loop_
_entity.id
_entity.type
_entity.pdbx_description
1 polymer '2,4-DIENOYL-COA REDUCTASE, MITOCHONDRIAL PRECURSOR'
2 non-polymer 'NADP NICOTINAMIDE-ADENINE-DINUCLEOTIDE PHOSPHATE'
3 non-polymer 'HEXANOYL-COENZYME A'
4 water water
#
_entity_poly.entity_id   1
_entity_poly.type   'polypeptide(L)'
_entity_poly.pdbx_seq_one_letter_code
;MNTEALQSKFFSPLQKAMLPPNSFQGKVAFITGGGTGLGKGMTTLLSSLGAQCVIASRKMDVLKATAEQISSQTGNKVHA
IQCDVRDPDMVQNTVSELIKVAGHPNIVINNAAGNFISPTERLSPNAWKTITDIVLNGTAFVTLEIGKQLIKAQKGAAFL
SITTIYAETGSGFVVPSASAKAGVEAMSKSLAAEWGKYGMRFNVIQPGPIKTKGAFSRLDPTGTFEKEMIGRIPCGRLGT
VEELANLAAFLCSDYASWINGAVIKFDGGEEVLISGEFNDLRKVTKEQWDTIEELIRKTKGS
;
_entity_poly.pdbx_strand_id   A,B,C,D
#
loop_
_chem_comp.id
_chem_comp.type
_chem_comp.name
_chem_comp.formula
HXC non-polymer 'HEXANOYL-COENZYME A' 'C27 H46 N7 O17 P3 S'
NAP non-polymer 'NADP NICOTINAMIDE-ADENINE-DINUCLEOTIDE PHOSPHATE' 'C21 H28 N7 O17 P3'
#
# COMPACT_ATOMS: atom_id res chain seq x y z
N ASN A 2 -10.21 -0.78 34.01
CA ASN A 2 -10.05 -1.95 33.10
C ASN A 2 -10.22 -1.60 31.62
N THR A 3 -9.80 -2.53 30.74
CA THR A 3 -9.83 -2.35 29.29
C THR A 3 -11.21 -1.96 28.74
N GLU A 4 -12.25 -2.64 29.18
CA GLU A 4 -13.62 -2.40 28.71
C GLU A 4 -14.12 -1.01 29.07
N ALA A 5 -13.91 -0.60 30.34
CA ALA A 5 -14.34 0.71 30.83
C ALA A 5 -13.51 1.86 30.21
N LEU A 6 -12.26 1.58 29.86
CA LEU A 6 -11.39 2.58 29.22
C LEU A 6 -11.77 2.82 27.76
N GLN A 7 -12.11 1.75 27.04
CA GLN A 7 -12.54 1.84 25.65
C GLN A 7 -13.90 2.52 25.54
N SER A 8 -14.83 2.13 26.41
CA SER A 8 -16.18 2.70 26.41
C SER A 8 -16.19 4.19 26.68
N LYS A 9 -15.33 4.64 27.60
CA LYS A 9 -15.26 6.05 27.96
C LYS A 9 -14.59 6.90 26.90
N PHE A 10 -13.47 6.41 26.36
CA PHE A 10 -12.65 7.21 25.45
C PHE A 10 -12.86 6.97 23.96
N PHE A 11 -13.64 5.94 23.62
CA PHE A 11 -14.07 5.71 22.23
C PHE A 11 -15.59 5.70 22.11
N SER A 12 -16.26 6.51 22.93
CA SER A 12 -17.72 6.58 22.92
C SER A 12 -18.24 7.15 21.61
N PRO A 13 -19.23 6.49 21.00
CA PRO A 13 -19.82 6.97 19.74
C PRO A 13 -20.64 8.25 19.91
N LEU A 14 -20.38 9.23 19.05
CA LEU A 14 -21.20 10.43 18.96
C LEU A 14 -22.08 10.30 17.72
N GLN A 15 -23.36 10.00 17.94
CA GLN A 15 -24.28 9.65 16.88
C GLN A 15 -25.26 10.77 16.53
N LYS A 16 -24.74 11.98 16.38
CA LYS A 16 -25.53 13.15 15.98
C LYS A 16 -24.86 13.82 14.79
N ALA A 17 -25.63 14.62 14.06
CA ALA A 17 -25.09 15.38 12.94
C ALA A 17 -23.91 16.25 13.37
N MET A 18 -22.82 16.11 12.64
CA MET A 18 -21.58 16.80 12.96
C MET A 18 -21.48 18.12 12.22
N LEU A 19 -21.93 18.12 10.96
CA LEU A 19 -21.89 19.30 10.09
C LEU A 19 -22.97 20.30 10.49
N PRO A 20 -22.78 21.57 10.15
CA PRO A 20 -23.74 22.63 10.51
C PRO A 20 -25.13 22.38 9.89
N PRO A 21 -26.20 22.68 10.64
CA PRO A 21 -27.56 22.56 10.10
C PRO A 21 -27.71 23.25 8.74
N ASN A 22 -28.45 22.61 7.83
CA ASN A 22 -28.67 23.09 6.48
C ASN A 22 -27.42 23.26 5.61
N SER A 23 -26.31 22.64 6.02
CA SER A 23 -25.06 22.76 5.26
C SER A 23 -25.16 22.17 3.84
N PHE A 24 -26.16 21.31 3.61
CA PHE A 24 -26.35 20.68 2.30
C PHE A 24 -27.55 21.20 1.51
N GLN A 25 -28.10 22.35 1.92
CA GLN A 25 -29.24 22.93 1.22
C GLN A 25 -28.87 23.31 -0.22
N GLY A 26 -29.72 22.90 -1.15
CA GLY A 26 -29.49 23.16 -2.57
C GLY A 26 -28.56 22.16 -3.23
N LYS A 27 -28.11 21.16 -2.46
CA LYS A 27 -27.29 20.08 -3.01
C LYS A 27 -28.18 18.89 -3.34
N VAL A 28 -27.83 18.15 -4.39
CA VAL A 28 -28.54 16.90 -4.68
C VAL A 28 -27.59 15.70 -4.60
N ALA A 29 -28.04 14.67 -3.89
CA ALA A 29 -27.26 13.46 -3.64
C ALA A 29 -27.93 12.24 -4.24
N PHE A 30 -27.12 11.37 -4.84
CA PHE A 30 -27.60 10.11 -5.41
C PHE A 30 -26.88 8.96 -4.71
N ILE A 31 -27.66 8.06 -4.12
CA ILE A 31 -27.11 6.99 -3.30
C ILE A 31 -27.64 5.63 -3.78
N THR A 32 -26.75 4.79 -4.30
CA THR A 32 -27.14 3.42 -4.63
C THR A 32 -27.22 2.59 -3.34
N GLY A 33 -28.25 1.75 -3.22
CA GLY A 33 -28.47 1.02 -1.98
C GLY A 33 -28.97 1.91 -0.85
N GLY A 34 -29.52 3.07 -1.19
CA GLY A 34 -29.95 4.07 -0.22
C GLY A 34 -31.16 3.69 0.62
N GLY A 35 -31.78 2.56 0.31
CA GLY A 35 -32.99 2.14 0.99
C GLY A 35 -32.78 1.37 2.28
N THR A 36 -31.57 0.85 2.49
CA THR A 36 -31.28 -0.03 3.62
C THR A 36 -29.93 0.30 4.26
N GLY A 37 -29.74 -0.17 5.50
CA GLY A 37 -28.44 -0.17 6.15
C GLY A 37 -27.64 1.12 6.06
N LEU A 38 -26.39 1.01 5.61
CA LEU A 38 -25.46 2.14 5.52
C LEU A 38 -25.93 3.21 4.54
N GLY A 39 -26.46 2.79 3.40
CA GLY A 39 -27.03 3.71 2.42
C GLY A 39 -28.16 4.53 3.00
N LYS A 40 -29.04 3.87 3.76
CA LYS A 40 -30.16 4.53 4.44
C LYS A 40 -29.68 5.54 5.47
N GLY A 41 -28.70 5.15 6.27
CA GLY A 41 -28.11 6.04 7.27
C GLY A 41 -27.52 7.27 6.62
N MET A 42 -26.79 7.08 5.53
CA MET A 42 -26.19 8.19 4.78
C MET A 42 -27.25 9.10 4.15
N THR A 43 -28.28 8.49 3.55
CA THR A 43 -29.39 9.25 3.00
C THR A 43 -30.06 10.10 4.08
N THR A 44 -30.37 9.47 5.22
CA THR A 44 -31.02 10.12 6.36
C THR A 44 -30.27 11.36 6.84
N LEU A 45 -28.95 11.27 6.98
CA LEU A 45 -28.17 12.42 7.44
C LEU A 45 -28.13 13.54 6.41
N LEU A 46 -27.84 13.20 5.16
CA LEU A 46 -27.75 14.20 4.09
C LEU A 46 -29.07 14.96 3.92
N SER A 47 -30.18 14.21 3.94
CA SER A 47 -31.52 14.81 3.88
C SER A 47 -31.76 15.75 5.07
N SER A 48 -31.40 15.29 6.27
CA SER A 48 -31.52 16.07 7.51
C SER A 48 -30.74 17.38 7.48
N LEU A 49 -29.68 17.40 6.68
CA LEU A 49 -28.83 18.59 6.53
C LEU A 49 -29.21 19.44 5.30
N GLY A 50 -30.34 19.10 4.69
CA GLY A 50 -30.90 19.93 3.62
C GLY A 50 -30.75 19.41 2.20
N ALA A 51 -30.07 18.28 2.02
CA ALA A 51 -29.87 17.75 0.67
C ALA A 51 -31.15 17.19 0.07
N GLN A 52 -31.29 17.33 -1.25
CA GLN A 52 -32.33 16.63 -2.00
C GLN A 52 -31.74 15.29 -2.47
N CYS A 53 -32.21 14.21 -1.85
CA CYS A 53 -31.66 12.89 -2.10
C CYS A 53 -32.46 12.08 -3.11
N VAL A 54 -31.76 11.23 -3.85
CA VAL A 54 -32.36 10.26 -4.76
C VAL A 54 -31.69 8.93 -4.45
N ILE A 55 -32.49 7.92 -4.13
CA ILE A 55 -31.99 6.60 -3.77
C ILE A 55 -32.41 5.55 -4.80
N ALA A 56 -31.49 4.64 -5.11
CA ALA A 56 -31.70 3.65 -6.16
C ALA A 56 -31.25 2.24 -5.76
N SER A 57 -32.11 1.26 -6.06
CA SER A 57 -31.83 -0.16 -5.82
C SER A 57 -32.94 -0.99 -6.47
N ARG A 58 -32.83 -2.32 -6.37
CA ARG A 58 -33.73 -3.23 -7.09
C ARG A 58 -35.17 -3.27 -6.55
N LYS A 59 -35.31 -3.19 -5.22
CA LYS A 59 -36.61 -3.40 -4.56
C LYS A 59 -37.38 -2.09 -4.31
N MET A 60 -38.28 -1.78 -5.24
CA MET A 60 -39.03 -0.52 -5.22
C MET A 60 -39.86 -0.31 -3.95
N ASP A 61 -40.42 -1.39 -3.41
CA ASP A 61 -41.26 -1.31 -2.20
C ASP A 61 -40.48 -0.78 -0.99
N VAL A 62 -39.31 -1.35 -0.73
CA VAL A 62 -38.44 -0.92 0.38
C VAL A 62 -37.88 0.47 0.13
N LEU A 63 -37.47 0.71 -1.11
CA LEU A 63 -36.97 2.01 -1.55
C LEU A 63 -37.99 3.14 -1.36
N LYS A 64 -39.24 2.88 -1.77
CA LYS A 64 -40.31 3.85 -1.58
C LYS A 64 -40.62 4.11 -0.11
N ALA A 65 -40.67 3.04 0.68
CA ALA A 65 -40.93 3.12 2.12
C ALA A 65 -39.88 3.98 2.84
N THR A 66 -38.61 3.69 2.57
CA THR A 66 -37.49 4.46 3.12
C THR A 66 -37.54 5.92 2.70
N ALA A 67 -37.80 6.17 1.41
CA ALA A 67 -37.87 7.53 0.87
C ALA A 67 -38.95 8.37 1.55
N GLU A 68 -40.11 7.75 1.79
CA GLU A 68 -41.22 8.41 2.47
C GLU A 68 -40.95 8.60 3.97
N GLN A 69 -40.35 7.59 4.59
CA GLN A 69 -39.93 7.65 5.99
C GLN A 69 -38.97 8.81 6.27
N ILE A 70 -37.96 8.98 5.42
CA ILE A 70 -36.98 10.04 5.60
C ILE A 70 -37.57 11.42 5.26
N SER A 71 -38.33 11.50 4.17
CA SER A 71 -39.04 12.71 3.76
C SER A 71 -39.87 13.31 4.89
N SER A 72 -40.62 12.45 5.60
CA SER A 72 -41.49 12.89 6.68
C SER A 72 -40.70 13.34 7.91
N GLN A 73 -39.55 12.71 8.14
CA GLN A 73 -38.68 13.04 9.27
C GLN A 73 -37.95 14.38 9.08
N THR A 74 -37.50 14.66 7.87
CA THR A 74 -36.63 15.81 7.60
C THR A 74 -37.31 16.98 6.89
N GLY A 75 -38.46 16.71 6.26
CA GLY A 75 -39.16 17.72 5.48
C GLY A 75 -38.51 18.03 4.14
N ASN A 76 -37.46 17.28 3.80
CA ASN A 76 -36.82 17.39 2.50
C ASN A 76 -37.10 16.15 1.67
N LYS A 77 -37.45 16.36 0.41
CA LYS A 77 -37.87 15.27 -0.47
C LYS A 77 -36.77 14.25 -0.75
N VAL A 78 -37.13 12.98 -0.66
CA VAL A 78 -36.27 11.87 -1.08
C VAL A 78 -36.99 11.14 -2.21
N HIS A 79 -36.34 11.02 -3.36
CA HIS A 79 -36.92 10.33 -4.50
C HIS A 79 -36.38 8.91 -4.62
N ALA A 80 -37.28 7.95 -4.86
CA ALA A 80 -36.88 6.58 -5.13
C ALA A 80 -36.91 6.25 -6.62
N ILE A 81 -35.87 5.56 -7.08
CA ILE A 81 -35.82 5.05 -8.45
C ILE A 81 -35.34 3.61 -8.46
N GLN A 82 -36.15 2.73 -9.02
CA GLN A 82 -35.78 1.32 -9.15
C GLN A 82 -34.67 1.16 -10.18
N CYS A 83 -33.59 0.49 -9.77
CA CYS A 83 -32.42 0.31 -10.62
C CYS A 83 -31.57 -0.89 -10.17
N ASP A 84 -31.29 -1.78 -11.12
CA ASP A 84 -30.29 -2.82 -10.96
C ASP A 84 -29.01 -2.26 -11.57
N VAL A 85 -28.01 -2.00 -10.73
CA VAL A 85 -26.79 -1.32 -11.20
C VAL A 85 -25.94 -2.16 -12.16
N ARG A 86 -26.16 -3.47 -12.21
CA ARG A 86 -25.42 -4.29 -13.18
C ARG A 86 -25.99 -4.20 -14.59
N ASP A 87 -27.09 -3.47 -14.76
CA ASP A 87 -27.75 -3.31 -16.04
C ASP A 87 -27.53 -1.88 -16.57
N PRO A 88 -26.63 -1.73 -17.54
CA PRO A 88 -26.25 -0.39 -18.03
C PRO A 88 -27.42 0.40 -18.61
N ASP A 89 -28.37 -0.29 -19.26
CA ASP A 89 -29.54 0.40 -19.81
C ASP A 89 -30.46 0.90 -18.70
N MET A 90 -30.61 0.10 -17.64
CA MET A 90 -31.34 0.50 -16.45
C MET A 90 -30.65 1.67 -15.77
N VAL A 91 -29.31 1.63 -15.71
CA VAL A 91 -28.51 2.73 -15.16
C VAL A 91 -28.70 4.02 -15.97
N GLN A 92 -28.66 3.91 -17.29
CA GLN A 92 -28.86 5.08 -18.17
C GLN A 92 -30.19 5.78 -17.92
N ASN A 93 -31.27 4.99 -17.78
CA ASN A 93 -32.60 5.54 -17.54
C ASN A 93 -32.73 6.14 -16.14
N THR A 94 -32.03 5.53 -15.20
CA THR A 94 -32.00 5.98 -13.81
C THR A 94 -31.35 7.35 -13.68
N VAL A 95 -30.21 7.54 -14.34
CA VAL A 95 -29.48 8.80 -14.34
C VAL A 95 -30.28 9.89 -15.06
N SER A 96 -30.94 9.49 -16.15
CA SER A 96 -31.85 10.35 -16.88
C SER A 96 -33.02 10.83 -15.97
N GLU A 97 -33.61 9.92 -15.21
CA GLU A 97 -34.68 10.29 -14.27
C GLU A 97 -34.14 11.16 -13.12
N LEU A 98 -32.97 10.79 -12.59
CA LEU A 98 -32.31 11.59 -11.56
C LEU A 98 -32.20 13.06 -11.96
N ILE A 99 -31.73 13.32 -13.18
CA ILE A 99 -31.53 14.68 -13.69
C ILE A 99 -32.85 15.45 -13.86
N LYS A 100 -33.89 14.76 -14.29
CA LYS A 100 -35.21 15.38 -14.51
C LYS A 100 -35.94 15.69 -13.20
N VAL A 101 -35.96 14.73 -12.27
CA VAL A 101 -36.69 14.89 -11.01
C VAL A 101 -35.99 15.77 -9.95
N ALA A 102 -34.67 15.68 -9.88
CA ALA A 102 -33.90 16.41 -8.87
C ALA A 102 -32.89 17.37 -9.48
N GLY A 103 -32.13 16.89 -10.46
CA GLY A 103 -31.07 17.66 -11.09
C GLY A 103 -29.80 16.85 -11.17
N HIS A 104 -28.77 17.42 -11.80
CA HIS A 104 -27.43 16.83 -11.80
C HIS A 104 -26.93 16.72 -10.36
N PRO A 105 -26.37 15.57 -9.99
CA PRO A 105 -25.99 15.35 -8.59
C PRO A 105 -24.74 16.14 -8.23
N ASN A 106 -24.69 16.63 -6.99
CA ASN A 106 -23.46 17.22 -6.45
C ASN A 106 -22.66 16.15 -5.72
N ILE A 107 -23.37 15.12 -5.28
CA ILE A 107 -22.86 14.02 -4.45
C ILE A 107 -23.30 12.70 -5.07
N VAL A 108 -22.36 11.81 -5.33
CA VAL A 108 -22.69 10.49 -5.85
C VAL A 108 -22.07 9.44 -4.91
N ILE A 109 -22.92 8.62 -4.28
CA ILE A 109 -22.45 7.58 -3.37
C ILE A 109 -22.72 6.17 -3.90
N ASN A 110 -21.64 5.49 -4.26
CA ASN A 110 -21.68 4.12 -4.75
C ASN A 110 -21.58 3.14 -3.59
N ASN A 111 -22.74 2.74 -3.09
CA ASN A 111 -22.84 2.00 -1.85
C ASN A 111 -23.42 0.60 -2.05
N ALA A 112 -24.21 0.39 -3.12
CA ALA A 112 -24.82 -0.92 -3.40
C ALA A 112 -23.77 -2.04 -3.50
N ALA A 113 -24.06 -3.19 -2.91
CA ALA A 113 -23.13 -4.32 -2.99
C ALA A 113 -23.85 -5.65 -2.80
N GLY A 114 -23.14 -6.72 -3.11
CA GLY A 114 -23.55 -8.07 -2.79
C GLY A 114 -22.33 -8.81 -2.26
N ASN A 115 -22.56 -9.83 -1.44
CA ASN A 115 -21.46 -10.66 -0.94
C ASN A 115 -21.91 -12.07 -0.62
N PHE A 116 -20.98 -13.01 -0.75
CA PHE A 116 -21.14 -14.36 -0.23
C PHE A 116 -19.96 -14.59 0.69
N ILE A 117 -20.20 -15.22 1.83
CA ILE A 117 -19.11 -15.79 2.60
C ILE A 117 -19.13 -17.30 2.39
N SER A 118 -18.08 -17.79 1.75
CA SER A 118 -18.01 -19.17 1.31
C SER A 118 -16.58 -19.52 0.95
N PRO A 119 -16.19 -20.78 1.18
CA PRO A 119 -14.97 -21.30 0.56
C PRO A 119 -15.03 -21.05 -0.93
N THR A 120 -13.92 -20.61 -1.52
CA THR A 120 -13.88 -20.24 -2.92
C THR A 120 -14.19 -21.43 -3.85
N GLU A 121 -13.76 -22.63 -3.42
CA GLU A 121 -13.97 -23.86 -4.18
C GLU A 121 -15.44 -24.26 -4.33
N ARG A 122 -16.29 -23.70 -3.50
CA ARG A 122 -17.72 -23.99 -3.56
C ARG A 122 -18.49 -23.00 -4.43
N LEU A 123 -17.80 -22.01 -4.98
CA LEU A 123 -18.41 -20.99 -5.84
C LEU A 123 -18.50 -21.44 -7.29
N SER A 124 -19.66 -21.21 -7.91
CA SER A 124 -19.80 -21.36 -9.35
C SER A 124 -19.25 -20.11 -10.05
N PRO A 125 -18.88 -20.23 -11.33
CA PRO A 125 -18.57 -19.06 -12.15
C PRO A 125 -19.66 -17.98 -12.10
N ASN A 126 -20.93 -18.40 -12.06
CA ASN A 126 -22.06 -17.47 -11.97
C ASN A 126 -22.14 -16.74 -10.62
N ALA A 127 -21.79 -17.41 -9.53
CA ALA A 127 -21.76 -16.78 -8.21
C ALA A 127 -20.65 -15.73 -8.18
N TRP A 128 -19.49 -16.05 -8.72
CA TRP A 128 -18.36 -15.12 -8.79
C TRP A 128 -18.74 -13.90 -9.61
N LYS A 129 -19.26 -14.16 -10.82
CA LYS A 129 -19.66 -13.10 -11.75
C LYS A 129 -20.73 -12.19 -11.18
N THR A 130 -21.68 -12.75 -10.43
CA THR A 130 -22.74 -11.96 -9.79
C THR A 130 -22.16 -10.83 -8.92
N ILE A 131 -21.17 -11.17 -8.10
CA ILE A 131 -20.56 -10.20 -7.20
C ILE A 131 -19.78 -9.14 -7.97
N THR A 132 -18.96 -9.57 -8.93
CA THR A 132 -18.21 -8.65 -9.79
C THR A 132 -19.16 -7.69 -10.49
N ASP A 133 -20.26 -8.23 -11.00
CA ASP A 133 -21.31 -7.46 -11.68
C ASP A 133 -21.93 -6.38 -10.79
N ILE A 134 -22.34 -6.74 -9.58
CA ILE A 134 -22.97 -5.77 -8.68
C ILE A 134 -21.99 -4.69 -8.24
N VAL A 135 -20.81 -5.14 -7.78
CA VAL A 135 -19.83 -4.27 -7.11
C VAL A 135 -19.02 -3.46 -8.12
N LEU A 136 -18.25 -4.17 -8.96
CA LEU A 136 -17.33 -3.48 -9.87
C LEU A 136 -18.04 -2.89 -11.09
N ASN A 137 -18.75 -3.72 -11.86
CA ASN A 137 -19.43 -3.18 -13.03
C ASN A 137 -20.55 -2.21 -12.66
N GLY A 138 -21.28 -2.49 -11.58
CA GLY A 138 -22.33 -1.59 -11.13
C GLY A 138 -21.84 -0.20 -10.79
N THR A 139 -20.77 -0.14 -10.00
CA THR A 139 -20.14 1.13 -9.64
C THR A 139 -19.56 1.80 -10.89
N ALA A 140 -18.94 0.99 -11.75
CA ALA A 140 -18.46 1.54 -13.03
C ALA A 140 -19.59 2.14 -13.88
N PHE A 141 -20.67 1.39 -14.09
CA PHE A 141 -21.78 1.88 -14.93
C PHE A 141 -22.38 3.17 -14.38
N VAL A 142 -22.61 3.22 -13.07
CA VAL A 142 -23.16 4.41 -12.42
C VAL A 142 -22.24 5.63 -12.61
N THR A 143 -20.95 5.41 -12.37
CA THR A 143 -19.92 6.45 -12.46
C THR A 143 -19.74 6.94 -13.90
N LEU A 144 -19.63 5.99 -14.83
CA LEU A 144 -19.48 6.28 -16.24
C LEU A 144 -20.59 7.19 -16.77
N GLU A 145 -21.82 6.82 -16.46
CA GLU A 145 -22.98 7.53 -17.00
C GLU A 145 -23.19 8.90 -16.33
N ILE A 146 -23.08 8.96 -15.00
CA ILE A 146 -23.18 10.24 -14.29
C ILE A 146 -22.05 11.15 -14.73
N GLY A 147 -20.84 10.60 -14.79
CA GLY A 147 -19.67 11.32 -15.26
C GLY A 147 -19.86 11.92 -16.64
N LYS A 148 -20.40 11.12 -17.57
CA LYS A 148 -20.68 11.61 -18.91
C LYS A 148 -21.62 12.82 -18.90
N GLN A 149 -22.68 12.72 -18.10
CA GLN A 149 -23.68 13.78 -18.01
C GLN A 149 -23.14 15.04 -17.34
N LEU A 150 -22.25 14.87 -16.37
CA LEU A 150 -21.62 16.00 -15.69
C LEU A 150 -20.68 16.79 -16.61
N ILE A 151 -19.86 16.06 -17.37
CA ILE A 151 -18.98 16.64 -18.38
C ILE A 151 -19.79 17.43 -19.43
N LYS A 152 -20.84 16.81 -19.94
CA LYS A 152 -21.75 17.46 -20.89
C LYS A 152 -22.33 18.75 -20.32
N ALA A 153 -22.76 18.70 -19.06
CA ALA A 153 -23.39 19.83 -18.40
C ALA A 153 -22.40 20.88 -17.85
N GLN A 154 -21.11 20.64 -18.04
CA GLN A 154 -20.04 21.46 -17.43
C GLN A 154 -20.22 21.60 -15.92
N LYS A 155 -20.54 20.49 -15.27
CA LYS A 155 -20.74 20.44 -13.82
C LYS A 155 -19.84 19.38 -13.19
N GLY A 156 -19.50 19.57 -11.92
CA GLY A 156 -18.72 18.61 -11.17
C GLY A 156 -19.49 18.03 -10.00
N ALA A 157 -18.83 17.16 -9.24
CA ALA A 157 -19.47 16.46 -8.14
C ALA A 157 -18.44 15.77 -7.27
N ALA A 158 -18.80 15.49 -6.03
CA ALA A 158 -17.98 14.65 -5.16
C ALA A 158 -18.50 13.22 -5.23
N PHE A 159 -17.61 12.28 -5.55
CA PHE A 159 -17.94 10.86 -5.57
C PHE A 159 -17.38 10.14 -4.34
N LEU A 160 -18.15 9.20 -3.82
CA LEU A 160 -17.76 8.38 -2.69
C LEU A 160 -18.12 6.92 -2.94
N SER A 161 -17.12 6.05 -2.81
CA SER A 161 -17.35 4.61 -2.88
C SER A 161 -17.12 3.98 -1.52
N ILE A 162 -18.05 3.13 -1.12
CA ILE A 162 -17.91 2.39 0.13
C ILE A 162 -17.30 1.04 -0.22
N THR A 163 -16.12 0.74 0.32
CA THR A 163 -15.55 -0.58 0.04
C THR A 163 -15.50 -1.43 1.29
N THR A 164 -14.30 -1.89 1.64
CA THR A 164 -14.08 -2.77 2.80
C THR A 164 -12.61 -2.72 3.15
N ILE A 165 -12.28 -3.06 4.39
CA ILE A 165 -10.88 -3.14 4.81
C ILE A 165 -10.14 -4.26 4.08
N TYR A 166 -10.86 -5.29 3.63
CA TYR A 166 -10.22 -6.38 2.88
C TYR A 166 -10.01 -6.09 1.39
N ALA A 167 -10.49 -4.95 0.90
CA ALA A 167 -10.24 -4.54 -0.49
C ALA A 167 -8.75 -4.40 -0.74
N GLU A 168 -8.03 -3.85 0.24
CA GLU A 168 -6.61 -3.56 0.09
C GLU A 168 -5.71 -4.76 0.39
N THR A 169 -6.19 -5.67 1.23
CA THR A 169 -5.38 -6.78 1.73
C THR A 169 -5.68 -8.07 1.00
N GLY A 170 -6.90 -8.20 0.52
CA GLY A 170 -7.45 -9.49 0.13
C GLY A 170 -8.03 -10.17 1.34
N SER A 171 -8.77 -11.25 1.12
CA SER A 171 -9.20 -12.12 2.20
C SER A 171 -9.82 -13.38 1.62
N GLY A 172 -9.41 -14.52 2.15
CA GLY A 172 -10.08 -15.77 1.84
C GLY A 172 -11.53 -15.64 2.23
N PHE A 173 -12.36 -16.49 1.63
CA PHE A 173 -13.80 -16.63 1.94
C PHE A 173 -14.71 -15.51 1.41
N VAL A 174 -14.10 -14.40 0.99
CA VAL A 174 -14.87 -13.29 0.40
C VAL A 174 -14.18 -12.82 -0.89
N VAL A 175 -13.65 -13.77 -1.66
CA VAL A 175 -12.74 -13.49 -2.77
C VAL A 175 -13.35 -12.67 -3.92
N PRO A 176 -14.52 -13.05 -4.45
CA PRO A 176 -15.19 -12.23 -5.46
C PRO A 176 -15.37 -10.79 -4.98
N SER A 177 -15.82 -10.64 -3.74
CA SER A 177 -15.97 -9.32 -3.12
C SER A 177 -14.65 -8.58 -2.98
N ALA A 178 -13.61 -9.24 -2.45
CA ALA A 178 -12.29 -8.60 -2.32
C ALA A 178 -11.79 -8.09 -3.66
N SER A 179 -11.90 -8.95 -4.69
CA SER A 179 -11.47 -8.57 -6.03
C SER A 179 -12.27 -7.39 -6.60
N ALA A 180 -13.59 -7.47 -6.54
CA ALA A 180 -14.46 -6.40 -7.04
C ALA A 180 -14.30 -5.09 -6.27
N LYS A 181 -14.19 -5.17 -4.94
CA LYS A 181 -13.99 -3.97 -4.11
C LYS A 181 -12.62 -3.32 -4.36
N ALA A 182 -11.61 -4.15 -4.61
CA ALA A 182 -10.28 -3.66 -4.99
C ALA A 182 -10.34 -2.90 -6.32
N GLY A 183 -11.13 -3.43 -7.25
CA GLY A 183 -11.37 -2.77 -8.51
C GLY A 183 -12.05 -1.41 -8.34
N VAL A 184 -13.00 -1.35 -7.40
CA VAL A 184 -13.68 -0.10 -7.10
C VAL A 184 -12.72 0.97 -6.58
N GLU A 185 -11.77 0.56 -5.73
CA GLU A 185 -10.77 1.47 -5.20
C GLU A 185 -9.83 2.02 -6.28
N ALA A 186 -9.33 1.15 -7.16
CA ALA A 186 -8.47 1.58 -8.28
C ALA A 186 -9.20 2.54 -9.23
N MET A 187 -10.48 2.28 -9.46
CA MET A 187 -11.32 3.18 -10.25
C MET A 187 -11.37 4.60 -9.64
N SER A 188 -11.60 4.66 -8.33
CA SER A 188 -11.65 5.94 -7.63
C SER A 188 -10.34 6.71 -7.75
N LYS A 189 -9.23 6.01 -7.56
CA LYS A 189 -7.90 6.63 -7.69
C LYS A 189 -7.64 7.06 -9.15
N SER A 190 -8.11 6.25 -10.09
CA SER A 190 -7.91 6.55 -11.51
C SER A 190 -8.68 7.80 -11.92
N LEU A 191 -9.93 7.90 -11.47
CA LEU A 191 -10.78 9.02 -11.87
C LEU A 191 -10.60 10.29 -11.04
N ALA A 192 -10.03 10.14 -9.84
CA ALA A 192 -9.60 11.31 -9.07
C ALA A 192 -8.59 12.05 -9.93
N ALA A 193 -7.70 11.29 -10.57
CA ALA A 193 -6.67 11.86 -11.42
C ALA A 193 -7.19 12.33 -12.77
N GLU A 194 -7.98 11.48 -13.42
CA GLU A 194 -8.41 11.75 -14.80
C GLU A 194 -9.47 12.85 -14.86
N TRP A 195 -10.35 12.89 -13.87
CA TRP A 195 -11.52 13.75 -13.94
C TRP A 195 -11.51 14.95 -13.00
N GLY A 196 -10.39 15.16 -12.30
CA GLY A 196 -10.24 16.36 -11.49
C GLY A 196 -10.46 17.61 -12.34
N LYS A 197 -9.91 17.58 -13.56
CA LYS A 197 -10.07 18.65 -14.54
C LYS A 197 -11.52 18.97 -14.94
N TYR A 198 -12.45 18.07 -14.62
CA TYR A 198 -13.87 18.31 -14.88
C TYR A 198 -14.65 18.70 -13.61
N GLY A 199 -13.95 18.90 -12.51
CA GLY A 199 -14.60 19.27 -11.26
C GLY A 199 -15.16 18.10 -10.48
N MET A 200 -14.68 16.90 -10.78
CA MET A 200 -15.10 15.69 -10.05
C MET A 200 -13.98 15.19 -9.16
N ARG A 201 -14.31 14.88 -7.91
CA ARG A 201 -13.31 14.26 -7.03
C ARG A 201 -13.86 12.95 -6.50
N PHE A 202 -12.95 12.03 -6.17
CA PHE A 202 -13.29 10.65 -5.85
C PHE A 202 -12.60 10.17 -4.58
N ASN A 203 -13.36 9.73 -3.59
CA ASN A 203 -12.78 9.19 -2.35
C ASN A 203 -13.44 7.89 -1.95
N VAL A 204 -12.82 7.19 -0.98
CA VAL A 204 -13.27 5.88 -0.56
C VAL A 204 -13.28 5.78 0.98
N ILE A 205 -14.32 5.17 1.53
CA ILE A 205 -14.30 4.71 2.92
C ILE A 205 -14.22 3.18 2.95
N GLN A 206 -13.30 2.65 3.77
CA GLN A 206 -13.16 1.21 4.00
C GLN A 206 -13.67 0.86 5.39
N PRO A 207 -14.93 0.43 5.49
CA PRO A 207 -15.53 0.09 6.79
C PRO A 207 -15.12 -1.28 7.30
N GLY A 208 -14.94 -1.34 8.61
CA GLY A 208 -14.92 -2.60 9.34
C GLY A 208 -16.37 -2.91 9.68
N PRO A 209 -16.60 -3.86 10.59
CA PRO A 209 -17.97 -4.26 10.93
C PRO A 209 -18.77 -3.18 11.64
N ILE A 210 -19.92 -2.85 11.06
CA ILE A 210 -20.82 -1.86 11.62
C ILE A 210 -22.06 -2.55 12.16
N LYS A 211 -22.46 -2.17 13.37
CA LYS A 211 -23.65 -2.77 13.99
C LYS A 211 -24.89 -2.56 13.12
N THR A 212 -25.30 -3.64 12.46
CA THR A 212 -26.55 -3.74 11.72
C THR A 212 -27.10 -5.17 11.86
N LEU A 219 -27.98 -15.56 11.96
CA LEU A 219 -26.60 -15.85 12.32
C LEU A 219 -26.17 -15.22 13.65
N ASP A 220 -26.83 -14.12 14.01
CA ASP A 220 -26.53 -13.37 15.24
C ASP A 220 -26.74 -14.21 16.51
N PRO A 221 -27.88 -14.91 16.56
CA PRO A 221 -28.23 -15.88 17.61
C PRO A 221 -27.76 -15.55 19.03
N THR A 222 -26.71 -16.23 19.49
CA THR A 222 -26.22 -16.11 20.86
C THR A 222 -25.59 -14.75 21.16
N GLY A 223 -25.02 -14.12 20.14
CA GLY A 223 -24.30 -12.87 20.30
C GLY A 223 -22.85 -13.08 20.66
N THR A 224 -22.42 -14.35 20.70
CA THR A 224 -21.04 -14.70 21.04
C THR A 224 -20.06 -14.40 19.89
N PHE A 225 -20.57 -14.41 18.66
CA PHE A 225 -19.76 -14.08 17.49
C PHE A 225 -19.32 -12.62 17.49
N GLU A 226 -20.25 -11.73 17.86
CA GLU A 226 -19.95 -10.31 18.03
C GLU A 226 -18.91 -10.09 19.12
N LYS A 227 -19.01 -10.84 20.22
CA LYS A 227 -18.04 -10.80 21.31
C LYS A 227 -16.63 -11.14 20.83
N GLU A 228 -16.55 -12.12 19.92
CA GLU A 228 -15.27 -12.54 19.37
C GLU A 228 -14.72 -11.53 18.35
N MET A 229 -15.62 -10.88 17.61
CA MET A 229 -15.26 -9.85 16.64
C MET A 229 -14.64 -8.64 17.33
N ILE A 230 -15.20 -8.27 18.48
CA ILE A 230 -14.75 -7.10 19.24
C ILE A 230 -13.35 -7.28 19.82
N GLY A 231 -12.94 -8.53 20.04
CA GLY A 231 -11.62 -8.84 20.54
C GLY A 231 -10.52 -8.46 19.57
N ARG A 232 -10.91 -8.30 18.30
CA ARG A 232 -9.98 -7.97 17.22
C ARG A 232 -10.05 -6.48 16.84
N ILE A 233 -10.86 -5.71 17.57
CA ILE A 233 -10.99 -4.28 17.34
C ILE A 233 -10.40 -3.50 18.52
N PRO A 234 -9.30 -2.76 18.28
CA PRO A 234 -8.71 -1.90 19.33
C PRO A 234 -9.70 -0.98 20.04
N CYS A 235 -10.62 -0.37 19.31
CA CYS A 235 -11.62 0.52 19.91
C CYS A 235 -12.67 -0.20 20.74
N GLY A 236 -12.67 -1.53 20.69
CA GLY A 236 -13.46 -2.36 21.59
C GLY A 236 -14.97 -2.36 21.41
N ARG A 237 -15.41 -2.06 20.20
CA ARG A 237 -16.83 -2.11 19.82
C ARG A 237 -16.96 -2.13 18.30
N LEU A 238 -18.15 -2.44 17.81
CA LEU A 238 -18.47 -2.27 16.41
C LEU A 238 -18.75 -0.79 16.15
N GLY A 239 -18.69 -0.38 14.88
CA GLY A 239 -19.00 0.98 14.51
C GLY A 239 -20.50 1.17 14.42
N THR A 240 -20.95 2.41 14.29
CA THR A 240 -22.38 2.69 14.13
C THR A 240 -22.66 3.35 12.80
N VAL A 241 -23.89 3.19 12.33
CA VAL A 241 -24.34 3.79 11.07
C VAL A 241 -24.21 5.31 11.08
N GLU A 242 -24.55 5.93 12.21
CA GLU A 242 -24.51 7.39 12.34
C GLU A 242 -23.07 7.94 12.22
N GLU A 243 -22.10 7.21 12.79
CA GLU A 243 -20.70 7.62 12.73
C GLU A 243 -20.18 7.54 11.30
N LEU A 244 -20.51 6.44 10.64
CA LEU A 244 -20.14 6.25 9.24
C LEU A 244 -20.75 7.35 8.38
N ALA A 245 -22.00 7.67 8.65
CA ALA A 245 -22.72 8.72 7.92
C ALA A 245 -22.04 10.08 8.09
N ASN A 246 -21.60 10.40 9.31
CA ASN A 246 -20.85 11.64 9.54
C ASN A 246 -19.57 11.70 8.70
N LEU A 247 -18.83 10.59 8.68
CA LEU A 247 -17.62 10.52 7.85
C LEU A 247 -17.96 10.71 6.37
N ALA A 248 -18.99 10.01 5.89
CA ALA A 248 -19.45 10.13 4.52
C ALA A 248 -19.85 11.56 4.15
N ALA A 249 -20.66 12.19 5.02
CA ALA A 249 -21.11 13.55 4.78
C ALA A 249 -19.94 14.53 4.71
N PHE A 250 -18.96 14.37 5.61
CA PHE A 250 -17.77 15.20 5.58
C PHE A 250 -17.07 15.10 4.22
N LEU A 251 -16.83 13.86 3.76
CA LEU A 251 -16.11 13.65 2.51
C LEU A 251 -16.88 14.16 1.30
N CYS A 252 -18.21 14.20 1.41
CA CYS A 252 -19.08 14.66 0.32
C CYS A 252 -19.47 16.14 0.48
N SER A 253 -18.86 16.80 1.45
CA SER A 253 -19.15 18.20 1.76
C SER A 253 -18.07 19.12 1.21
N ASP A 254 -18.38 20.40 1.09
CA ASP A 254 -17.43 21.37 0.55
C ASP A 254 -16.22 21.61 1.47
N TYR A 255 -16.32 21.24 2.73
CA TYR A 255 -15.17 21.30 3.65
C TYR A 255 -14.04 20.36 3.21
N ALA A 256 -14.40 19.35 2.41
CA ALA A 256 -13.46 18.37 1.89
C ALA A 256 -13.18 18.55 0.39
N SER A 257 -13.37 19.78 -0.09
CA SER A 257 -13.21 20.09 -1.52
C SER A 257 -11.80 19.89 -2.05
N TRP A 258 -10.82 19.79 -1.14
CA TRP A 258 -9.44 19.45 -1.53
C TRP A 258 -9.04 18.00 -1.19
N ILE A 259 -10.01 17.20 -0.76
CA ILE A 259 -9.75 15.79 -0.53
C ILE A 259 -10.18 15.00 -1.77
N ASN A 260 -9.19 14.41 -2.44
CA ASN A 260 -9.37 13.73 -3.73
C ASN A 260 -8.42 12.54 -3.85
N GLY A 261 -8.95 11.35 -4.12
CA GLY A 261 -8.14 10.14 -4.18
C GLY A 261 -7.76 9.53 -2.84
N ALA A 262 -8.48 9.88 -1.78
CA ALA A 262 -8.15 9.42 -0.44
C ALA A 262 -8.92 8.15 -0.14
N VAL A 263 -8.38 7.34 0.76
CA VAL A 263 -8.96 6.05 1.18
C VAL A 263 -8.88 6.01 2.71
N ILE A 264 -10.04 6.05 3.35
CA ILE A 264 -10.12 6.21 4.80
C ILE A 264 -10.71 4.98 5.49
N LYS A 265 -9.89 4.33 6.30
CA LYS A 265 -10.36 3.20 7.11
C LYS A 265 -11.25 3.73 8.22
N PHE A 266 -12.39 3.07 8.37
CA PHE A 266 -13.34 3.38 9.43
C PHE A 266 -13.59 2.00 10.04
N ASP A 267 -12.75 1.62 10.99
CA ASP A 267 -12.73 0.20 11.43
C ASP A 267 -12.36 -0.05 12.88
N GLY A 268 -12.30 1.01 13.69
CA GLY A 268 -11.93 0.91 15.09
C GLY A 268 -10.52 0.42 15.33
N GLY A 269 -9.69 0.48 14.29
CA GLY A 269 -8.34 -0.07 14.34
C GLY A 269 -8.25 -1.55 13.99
N GLU A 270 -9.31 -2.14 13.46
CA GLU A 270 -9.27 -3.58 13.17
C GLU A 270 -8.14 -3.96 12.21
N GLU A 271 -8.00 -3.24 11.09
CA GLU A 271 -7.03 -3.67 10.08
C GLU A 271 -5.59 -3.63 10.58
N VAL A 272 -5.23 -2.55 11.29
CA VAL A 272 -3.90 -2.47 11.89
C VAL A 272 -3.66 -3.56 12.94
N LEU A 273 -4.68 -3.90 13.72
CA LEU A 273 -4.55 -4.95 14.71
C LEU A 273 -4.24 -6.30 14.04
N ILE A 274 -5.13 -6.75 13.15
CA ILE A 274 -4.99 -8.08 12.55
C ILE A 274 -3.78 -8.24 11.64
N SER A 275 -3.39 -7.15 10.99
CA SER A 275 -2.28 -7.19 10.04
C SER A 275 -0.88 -7.15 10.68
N GLY A 276 -0.76 -6.62 11.90
CA GLY A 276 0.53 -6.51 12.56
C GLY A 276 1.05 -7.84 13.07
N GLU A 277 2.22 -8.26 12.59
CA GLU A 277 2.77 -9.59 12.88
C GLU A 277 2.76 -10.02 14.36
N PHE A 278 3.12 -9.10 15.26
CA PHE A 278 3.27 -9.46 16.66
C PHE A 278 2.12 -9.01 17.55
N ASN A 279 1.03 -8.59 16.93
CA ASN A 279 -0.13 -8.11 17.68
C ASN A 279 -0.83 -9.18 18.50
N ASP A 280 -0.56 -10.45 18.18
CA ASP A 280 -1.08 -11.56 18.98
C ASP A 280 -0.49 -11.59 20.40
N LEU A 281 0.61 -10.86 20.59
CA LEU A 281 1.25 -10.73 21.89
C LEU A 281 0.45 -9.85 22.86
N ARG A 282 -0.68 -9.32 22.40
CA ARG A 282 -1.56 -8.53 23.25
C ARG A 282 -2.18 -9.38 24.36
N LYS A 283 -2.14 -10.70 24.19
CA LYS A 283 -2.69 -11.65 25.15
C LYS A 283 -1.70 -12.00 26.27
N VAL A 284 -0.45 -11.54 26.11
CA VAL A 284 0.57 -11.71 27.14
C VAL A 284 0.29 -10.77 28.32
N THR A 285 0.38 -11.31 29.54
CA THR A 285 0.12 -10.55 30.77
C THR A 285 1.35 -9.80 31.25
N LYS A 286 1.15 -8.84 32.16
CA LYS A 286 2.22 -8.07 32.78
C LYS A 286 3.29 -8.97 33.43
N GLU A 287 2.84 -9.99 34.16
CA GLU A 287 3.74 -10.93 34.84
C GLU A 287 4.61 -11.71 33.86
N GLN A 288 3.98 -12.19 32.79
CA GLN A 288 4.69 -12.95 31.76
C GLN A 288 5.75 -12.10 31.06
N TRP A 289 5.44 -10.82 30.87
CA TRP A 289 6.39 -9.87 30.29
C TRP A 289 7.63 -9.68 31.17
N ASP A 290 7.42 -9.61 32.49
CA ASP A 290 8.49 -9.47 33.45
C ASP A 290 9.55 -10.57 33.33
N THR A 291 9.09 -11.82 33.19
CA THR A 291 9.97 -12.97 33.03
C THR A 291 10.66 -12.98 31.66
N ILE A 292 9.93 -12.56 30.63
CA ILE A 292 10.47 -12.49 29.25
C ILE A 292 11.58 -11.44 29.15
N GLU A 293 11.36 -10.27 29.76
CA GLU A 293 12.34 -9.18 29.79
C GLU A 293 13.54 -9.50 30.70
N GLU A 294 13.43 -10.58 31.47
CA GLU A 294 14.51 -11.04 32.34
C GLU A 294 15.37 -12.13 31.70
N LEU A 295 14.95 -12.58 30.51
CA LEU A 295 15.68 -13.61 29.77
C LEU A 295 16.82 -13.00 28.97
N MET B 1 -16.96 25.62 -19.84
CA MET B 1 -15.85 26.31 -19.11
C MET B 1 -14.58 25.49 -19.16
N ASN B 2 -13.44 26.19 -19.10
CA ASN B 2 -12.14 25.53 -19.14
C ASN B 2 -11.82 24.81 -17.82
N THR B 3 -10.75 24.03 -17.85
CA THR B 3 -10.30 23.27 -16.68
C THR B 3 -10.26 24.13 -15.42
N GLU B 4 -9.56 25.26 -15.52
CA GLU B 4 -9.32 26.14 -14.38
C GLU B 4 -10.63 26.60 -13.75
N ALA B 5 -11.61 26.94 -14.58
CA ALA B 5 -12.90 27.43 -14.10
C ALA B 5 -13.73 26.35 -13.41
N LEU B 6 -13.64 25.12 -13.92
CA LEU B 6 -14.32 23.99 -13.30
C LEU B 6 -13.70 23.69 -11.93
N GLN B 7 -12.37 23.65 -11.90
CA GLN B 7 -11.60 23.45 -10.67
C GLN B 7 -11.91 24.54 -9.63
N SER B 8 -12.00 25.79 -10.08
CA SER B 8 -12.36 26.91 -9.21
C SER B 8 -13.78 26.78 -8.66
N LYS B 9 -14.72 26.40 -9.53
CA LYS B 9 -16.12 26.35 -9.14
C LYS B 9 -16.46 25.16 -8.22
N PHE B 10 -15.84 24.01 -8.49
CA PHE B 10 -16.26 22.78 -7.83
C PHE B 10 -15.29 22.25 -6.77
N PHE B 11 -14.14 22.91 -6.62
CA PHE B 11 -13.21 22.59 -5.53
C PHE B 11 -12.87 23.84 -4.69
N SER B 12 -13.85 24.74 -4.55
CA SER B 12 -13.63 25.99 -3.81
C SER B 12 -13.40 25.71 -2.32
N PRO B 13 -12.36 26.32 -1.76
CA PRO B 13 -12.06 26.16 -0.32
C PRO B 13 -13.13 26.77 0.58
N LEU B 14 -13.58 26.00 1.56
CA LEU B 14 -14.44 26.49 2.62
C LEU B 14 -13.57 26.63 3.86
N GLN B 15 -13.15 27.87 4.14
CA GLN B 15 -12.10 28.14 5.11
C GLN B 15 -12.62 28.56 6.49
N LYS B 16 -13.84 28.17 6.80
CA LYS B 16 -14.41 28.42 8.13
C LYS B 16 -14.58 27.13 8.93
N ALA B 17 -14.65 27.27 10.25
CA ALA B 17 -14.79 26.14 11.17
C ALA B 17 -15.94 25.22 10.78
N MET B 18 -15.67 23.92 10.78
CA MET B 18 -16.64 22.93 10.34
C MET B 18 -17.44 22.32 11.50
N LEU B 19 -16.76 22.03 12.60
CA LEU B 19 -17.39 21.42 13.77
C LEU B 19 -18.20 22.46 14.53
N PRO B 20 -19.17 22.03 15.34
CA PRO B 20 -20.07 22.96 16.05
C PRO B 20 -19.34 23.83 17.08
N PRO B 21 -19.80 25.07 17.26
CA PRO B 21 -19.23 25.95 18.29
C PRO B 21 -19.10 25.21 19.62
N ASN B 22 -17.97 25.36 20.29
CA ASN B 22 -17.71 24.76 21.60
C ASN B 22 -17.61 23.24 21.64
N SER B 23 -17.40 22.61 20.48
CA SER B 23 -17.29 21.14 20.39
C SER B 23 -16.07 20.58 21.16
N PHE B 24 -15.07 21.43 21.36
CA PHE B 24 -13.86 21.00 22.08
C PHE B 24 -13.76 21.56 23.50
N GLN B 25 -14.89 22.04 24.05
CA GLN B 25 -14.97 22.47 25.44
C GLN B 25 -14.54 21.35 26.38
N GLY B 26 -13.58 21.65 27.26
CA GLY B 26 -13.09 20.68 28.23
C GLY B 26 -12.12 19.68 27.62
N LYS B 27 -11.58 20.01 26.45
CA LYS B 27 -10.51 19.24 25.84
C LYS B 27 -9.19 19.99 25.92
N VAL B 28 -8.13 19.25 26.19
CA VAL B 28 -6.80 19.82 26.18
C VAL B 28 -6.04 19.23 24.99
N ALA B 29 -5.45 20.12 24.19
CA ALA B 29 -4.69 19.72 23.01
C ALA B 29 -3.22 20.11 23.17
N PHE B 30 -2.33 19.17 22.83
CA PHE B 30 -0.89 19.41 22.79
C PHE B 30 -0.43 19.31 21.34
N ILE B 31 0.17 20.39 20.84
CA ILE B 31 0.57 20.53 19.45
C ILE B 31 2.04 20.91 19.35
N THR B 32 2.86 19.99 18.84
CA THR B 32 4.27 20.31 18.59
C THR B 32 4.36 21.12 17.30
N GLY B 33 5.25 22.12 17.29
CA GLY B 33 5.35 23.03 16.16
C GLY B 33 4.13 23.94 16.04
N GLY B 34 3.41 24.10 17.15
CA GLY B 34 2.14 24.82 17.17
C GLY B 34 2.21 26.33 17.06
N GLY B 35 3.42 26.88 16.87
CA GLY B 35 3.59 28.33 16.75
C GLY B 35 3.67 28.89 15.34
N THR B 36 3.84 28.02 14.34
CA THR B 36 3.91 28.45 12.94
C THR B 36 3.05 27.59 12.02
N GLY B 37 2.83 28.09 10.80
CA GLY B 37 2.29 27.30 9.70
C GLY B 37 1.09 26.45 10.04
N LEU B 38 1.17 25.16 9.71
CA LEU B 38 0.07 24.22 9.92
C LEU B 38 -0.29 24.06 11.39
N GLY B 39 0.74 23.95 12.25
CA GLY B 39 0.51 23.79 13.67
C GLY B 39 -0.27 24.93 14.29
N LYS B 40 0.09 26.15 13.90
CA LYS B 40 -0.61 27.36 14.33
C LYS B 40 -2.07 27.35 13.87
N GLY B 41 -2.29 26.92 12.63
CA GLY B 41 -3.62 26.80 12.07
C GLY B 41 -4.50 25.85 12.85
N MET B 42 -3.95 24.69 13.19
CA MET B 42 -4.68 23.70 13.98
C MET B 42 -4.94 24.20 15.40
N THR B 43 -3.93 24.82 15.99
CA THR B 43 -4.08 25.44 17.30
C THR B 43 -5.20 26.49 17.30
N THR B 44 -5.20 27.37 16.29
CA THR B 44 -6.21 28.43 16.18
C THR B 44 -7.63 27.85 16.16
N LEU B 45 -7.85 26.81 15.35
CA LEU B 45 -9.17 26.20 15.22
C LEU B 45 -9.60 25.49 16.50
N LEU B 46 -8.72 24.69 17.07
CA LEU B 46 -9.05 23.97 18.30
C LEU B 46 -9.40 24.95 19.44
N SER B 47 -8.60 26.01 19.56
CA SER B 47 -8.85 27.04 20.58
C SER B 47 -10.20 27.72 20.36
N SER B 48 -10.44 28.15 19.13
CA SER B 48 -11.70 28.80 18.76
C SER B 48 -12.90 27.90 19.06
N LEU B 49 -12.69 26.59 18.94
CA LEU B 49 -13.73 25.61 19.21
C LEU B 49 -13.81 25.22 20.68
N GLY B 50 -12.98 25.82 21.52
CA GLY B 50 -13.09 25.67 22.96
C GLY B 50 -12.00 24.91 23.68
N ALA B 51 -11.07 24.31 22.93
CA ALA B 51 -9.98 23.53 23.54
C ALA B 51 -9.01 24.42 24.31
N GLN B 52 -8.42 23.86 25.36
CA GLN B 52 -7.27 24.47 26.02
C GLN B 52 -6.02 23.93 25.32
N CYS B 53 -5.34 24.79 24.58
CA CYS B 53 -4.20 24.39 23.77
C CYS B 53 -2.84 24.68 24.37
N VAL B 54 -1.93 23.72 24.22
CA VAL B 54 -0.55 23.86 24.65
C VAL B 54 0.33 23.62 23.43
N ILE B 55 1.10 24.64 23.06
CA ILE B 55 2.02 24.54 21.94
C ILE B 55 3.48 24.44 22.39
N ALA B 56 4.26 23.62 21.70
CA ALA B 56 5.65 23.39 22.08
C ALA B 56 6.57 23.34 20.88
N SER B 57 7.65 24.12 20.96
CA SER B 57 8.69 24.13 19.93
C SER B 57 9.94 24.83 20.48
N ARG B 58 10.97 24.99 19.65
CA ARG B 58 12.27 25.52 20.10
C ARG B 58 12.26 27.02 20.40
N LYS B 59 11.71 27.81 19.49
CA LYS B 59 11.77 29.26 19.56
C LYS B 59 10.71 29.85 20.48
N MET B 60 11.09 30.09 21.75
CA MET B 60 10.16 30.58 22.77
C MET B 60 9.49 31.91 22.42
N ASP B 61 10.21 32.77 21.72
CA ASP B 61 9.69 34.09 21.31
C ASP B 61 8.56 33.98 20.27
N VAL B 62 8.78 33.21 19.22
CA VAL B 62 7.77 32.99 18.19
C VAL B 62 6.57 32.25 18.80
N LEU B 63 6.86 31.29 19.67
CA LEU B 63 5.85 30.50 20.37
C LEU B 63 4.98 31.35 21.30
N LYS B 64 5.60 32.29 22.01
CA LYS B 64 4.89 33.19 22.92
C LYS B 64 4.01 34.19 22.15
N ALA B 65 4.54 34.72 21.06
CA ALA B 65 3.81 35.66 20.22
C ALA B 65 2.56 35.01 19.60
N THR B 66 2.70 33.77 19.15
CA THR B 66 1.59 33.01 18.59
C THR B 66 0.54 32.70 19.65
N ALA B 67 0.99 32.22 20.81
CA ALA B 67 0.08 31.88 21.91
C ALA B 67 -0.74 33.09 22.38
N GLU B 68 -0.08 34.24 22.48
CA GLU B 68 -0.75 35.50 22.85
C GLU B 68 -1.78 35.89 21.79
N GLN B 69 -1.36 35.83 20.53
CA GLN B 69 -2.21 36.18 19.39
C GLN B 69 -3.51 35.35 19.35
N ILE B 70 -3.38 34.03 19.52
CA ILE B 70 -4.53 33.13 19.48
C ILE B 70 -5.42 33.30 20.73
N SER B 71 -4.79 33.47 21.88
CA SER B 71 -5.50 33.71 23.15
C SER B 71 -6.43 34.91 23.08
N SER B 72 -5.93 36.01 22.50
CA SER B 72 -6.72 37.24 22.38
C SER B 72 -7.83 37.09 21.33
N GLN B 73 -7.52 36.40 20.23
CA GLN B 73 -8.49 36.12 19.17
C GLN B 73 -9.66 35.27 19.68
N THR B 74 -9.35 34.13 20.28
CA THR B 74 -10.37 33.15 20.66
C THR B 74 -10.95 33.37 22.04
N GLY B 75 -10.19 34.02 22.92
CA GLY B 75 -10.56 34.17 24.30
C GLY B 75 -10.05 33.04 25.18
N ASN B 76 -9.77 31.89 24.56
CA ASN B 76 -9.28 30.71 25.28
C ASN B 76 -7.77 30.67 25.38
N LYS B 77 -7.27 30.41 26.58
CA LYS B 77 -5.84 30.47 26.86
C LYS B 77 -5.06 29.38 26.12
N VAL B 78 -3.97 29.80 25.48
CA VAL B 78 -3.01 28.89 24.87
C VAL B 78 -1.69 29.00 25.62
N HIS B 79 -1.18 27.88 26.12
CA HIS B 79 0.11 27.89 26.82
C HIS B 79 1.27 27.57 25.90
N ALA B 80 2.40 28.25 26.12
CA ALA B 80 3.62 28.02 25.35
C ALA B 80 4.68 27.36 26.21
N ILE B 81 5.26 26.27 25.72
CA ILE B 81 6.34 25.55 26.41
C ILE B 81 7.48 25.31 25.43
N GLN B 82 8.67 25.77 25.81
CA GLN B 82 9.87 25.57 25.00
C GLN B 82 10.29 24.11 25.05
N CYS B 83 10.45 23.51 23.87
CA CYS B 83 10.83 22.10 23.76
C CYS B 83 11.49 21.79 22.44
N ASP B 84 12.67 21.20 22.51
CA ASP B 84 13.30 20.56 21.36
C ASP B 84 12.92 19.08 21.45
N VAL B 85 12.11 18.60 20.51
CA VAL B 85 11.53 17.25 20.62
C VAL B 85 12.54 16.10 20.52
N ARG B 86 13.72 16.39 19.97
CA ARG B 86 14.76 15.35 19.89
C ARG B 86 15.53 15.17 21.20
N ASP B 87 15.23 16.00 22.19
CA ASP B 87 15.83 15.92 23.51
C ASP B 87 14.83 15.27 24.46
N PRO B 88 15.06 14.01 24.85
CA PRO B 88 14.08 13.27 25.67
C PRO B 88 13.88 13.86 27.06
N ASP B 89 14.93 14.48 27.61
CA ASP B 89 14.85 15.14 28.91
C ASP B 89 13.92 16.35 28.84
N MET B 90 14.07 17.13 27.78
CA MET B 90 13.23 18.29 27.54
C MET B 90 11.78 17.88 27.31
N VAL B 91 11.58 16.73 26.66
CA VAL B 91 10.24 16.20 26.41
C VAL B 91 9.60 15.79 27.73
N GLN B 92 10.35 15.10 28.59
CA GLN B 92 9.87 14.74 29.92
C GLN B 92 9.36 15.94 30.73
N ASN B 93 10.18 16.99 30.81
CA ASN B 93 9.84 18.23 31.51
C ASN B 93 8.63 18.93 30.90
N THR B 94 8.59 18.93 29.56
CA THR B 94 7.51 19.55 28.80
C THR B 94 6.16 18.89 29.08
N VAL B 95 6.12 17.55 29.06
CA VAL B 95 4.91 16.79 29.37
C VAL B 95 4.48 16.97 30.83
N SER B 96 5.46 17.02 31.73
CA SER B 96 5.19 17.33 33.13
C SER B 96 4.54 18.69 33.27
N GLU B 97 5.09 19.69 32.60
CA GLU B 97 4.51 21.04 32.64
C GLU B 97 3.13 21.06 32.00
N LEU B 98 2.99 20.36 30.88
CA LEU B 98 1.70 20.24 30.18
C LEU B 98 0.62 19.76 31.14
N ILE B 99 0.90 18.69 31.87
CA ILE B 99 -0.07 18.11 32.81
C ILE B 99 -0.36 19.07 33.98
N LYS B 100 0.67 19.79 34.44
CA LYS B 100 0.51 20.73 35.54
C LYS B 100 -0.31 21.96 35.15
N VAL B 101 0.00 22.56 34.00
CA VAL B 101 -0.63 23.82 33.60
C VAL B 101 -1.99 23.66 32.90
N ALA B 102 -2.22 22.53 32.25
CA ALA B 102 -3.47 22.30 31.52
C ALA B 102 -4.19 21.02 31.96
N GLY B 103 -3.45 19.95 32.15
CA GLY B 103 -4.01 18.65 32.48
C GLY B 103 -3.56 17.60 31.48
N HIS B 104 -3.96 16.35 31.70
CA HIS B 104 -3.64 15.27 30.75
C HIS B 104 -4.29 15.58 29.41
N PRO B 105 -3.53 15.46 28.31
CA PRO B 105 -4.04 15.84 26.98
C PRO B 105 -5.08 14.85 26.45
N ASN B 106 -6.11 15.37 25.79
CA ASN B 106 -7.10 14.55 25.11
C ASN B 106 -6.77 14.44 23.62
N ILE B 107 -5.94 15.36 23.15
CA ILE B 107 -5.55 15.46 21.75
C ILE B 107 -4.05 15.69 21.73
N VAL B 108 -3.33 14.87 20.96
CA VAL B 108 -1.89 15.05 20.80
C VAL B 108 -1.57 15.15 19.31
N ILE B 109 -1.06 16.30 18.88
CA ILE B 109 -0.71 16.48 17.47
C ILE B 109 0.81 16.58 17.27
N ASN B 110 1.39 15.53 16.67
CA ASN B 110 2.81 15.50 16.35
C ASN B 110 3.03 16.14 14.99
N ASN B 111 3.31 17.44 15.01
CA ASN B 111 3.36 18.25 13.81
C ASN B 111 4.77 18.81 13.53
N ALA B 112 5.62 18.87 14.55
CA ALA B 112 6.98 19.41 14.39
C ALA B 112 7.79 18.61 13.39
N ALA B 113 8.54 19.32 12.53
CA ALA B 113 9.40 18.66 11.56
C ALA B 113 10.50 19.57 11.08
N GLY B 114 11.45 18.96 10.38
CA GLY B 114 12.47 19.66 9.63
C GLY B 114 12.66 18.96 8.31
N ASN B 115 13.23 19.67 7.34
CA ASN B 115 13.44 19.11 6.01
C ASN B 115 14.47 19.89 5.21
N PHE B 116 15.27 19.17 4.43
CA PHE B 116 16.10 19.79 3.40
C PHE B 116 15.66 19.25 2.04
N ILE B 117 15.65 20.12 1.04
CA ILE B 117 15.53 19.67 -0.34
C ILE B 117 16.92 19.72 -0.95
N SER B 118 17.47 18.54 -1.25
CA SER B 118 18.86 18.42 -1.71
C SER B 118 19.10 17.06 -2.36
N PRO B 119 20.01 16.98 -3.33
CA PRO B 119 20.51 15.68 -3.78
C PRO B 119 21.11 14.96 -2.59
N THR B 120 20.79 13.68 -2.43
CA THR B 120 21.21 12.91 -1.27
C THR B 120 22.74 12.87 -1.08
N GLU B 121 23.48 12.85 -2.19
CA GLU B 121 24.95 12.86 -2.18
C GLU B 121 25.58 14.09 -1.51
N ARG B 122 24.81 15.16 -1.42
CA ARG B 122 25.31 16.39 -0.82
C ARG B 122 25.08 16.43 0.69
N LEU B 123 24.31 15.47 1.20
CA LEU B 123 24.01 15.40 2.63
C LEU B 123 25.13 14.76 3.43
N SER B 124 25.47 15.39 4.55
CA SER B 124 26.39 14.79 5.53
C SER B 124 25.60 13.83 6.41
N PRO B 125 26.28 12.87 7.03
CA PRO B 125 25.63 11.98 8.01
C PRO B 125 24.89 12.76 9.11
N ASN B 126 25.43 13.91 9.51
CA ASN B 126 24.78 14.75 10.52
C ASN B 126 23.50 15.40 10.00
N ALA B 127 23.50 15.81 8.74
CA ALA B 127 22.32 16.42 8.13
C ALA B 127 21.16 15.44 8.06
N TRP B 128 21.47 14.19 7.70
CA TRP B 128 20.48 13.11 7.67
C TRP B 128 19.93 12.86 9.07
N LYS B 129 20.84 12.63 10.01
CA LYS B 129 20.56 12.39 11.42
C LYS B 129 19.65 13.47 12.02
N THR B 130 19.91 14.73 11.66
CA THR B 130 19.13 15.87 12.14
C THR B 130 17.65 15.71 11.80
N ILE B 131 17.36 15.30 10.56
CA ILE B 131 15.97 15.13 10.12
C ILE B 131 15.32 13.96 10.84
N THR B 132 16.03 12.83 10.90
CA THR B 132 15.56 11.64 11.62
C THR B 132 15.22 11.95 13.08
N ASP B 133 16.10 12.70 13.74
CA ASP B 133 15.92 13.09 15.15
C ASP B 133 14.65 13.90 15.39
N ILE B 134 14.45 14.95 14.59
CA ILE B 134 13.30 15.84 14.79
C ILE B 134 12.00 15.10 14.48
N VAL B 135 11.99 14.42 13.33
CA VAL B 135 10.75 13.84 12.80
C VAL B 135 10.39 12.54 13.51
N LEU B 136 11.26 11.53 13.39
CA LEU B 136 10.96 10.20 13.92
C LEU B 136 11.17 10.09 15.43
N ASN B 137 12.39 10.38 15.89
CA ASN B 137 12.67 10.29 17.32
C ASN B 137 11.85 11.29 18.13
N GLY B 138 11.70 12.50 17.59
CA GLY B 138 10.91 13.54 18.23
C GLY B 138 9.47 13.13 18.44
N THR B 139 8.83 12.61 17.39
CA THR B 139 7.47 12.08 17.50
C THR B 139 7.43 10.89 18.45
N ALA B 140 8.43 10.01 18.36
CA ALA B 140 8.52 8.87 19.28
C ALA B 140 8.59 9.31 20.75
N PHE B 141 9.49 10.24 21.06
CA PHE B 141 9.70 10.67 22.44
C PHE B 141 8.45 11.33 23.01
N VAL B 142 7.85 12.24 22.26
CA VAL B 142 6.60 12.89 22.66
C VAL B 142 5.51 11.83 22.87
N THR B 143 5.40 10.90 21.91
CA THR B 143 4.40 9.83 22.00
C THR B 143 4.66 8.86 23.17
N LEU B 144 5.91 8.44 23.35
CA LEU B 144 6.28 7.55 24.45
C LEU B 144 5.93 8.14 25.81
N GLU B 145 6.30 9.41 26.01
CA GLU B 145 6.17 10.07 27.31
C GLU B 145 4.71 10.33 27.66
N ILE B 146 3.97 10.94 26.74
CA ILE B 146 2.54 11.19 26.96
C ILE B 146 1.81 9.86 27.16
N GLY B 147 2.10 8.88 26.32
CA GLY B 147 1.51 7.56 26.44
C GLY B 147 1.74 6.93 27.81
N LYS B 148 2.97 7.02 28.31
CA LYS B 148 3.28 6.54 29.65
C LYS B 148 2.43 7.22 30.71
N GLN B 149 2.30 8.54 30.63
CA GLN B 149 1.51 9.31 31.60
C GLN B 149 0.01 9.03 31.49
N LEU B 150 -0.47 8.80 30.26
CA LEU B 150 -1.89 8.49 30.05
C LEU B 150 -2.26 7.13 30.61
N ILE B 151 -1.36 6.15 30.42
CA ILE B 151 -1.58 4.80 30.97
C ILE B 151 -1.62 4.85 32.50
N LYS B 152 -0.70 5.62 33.09
CA LYS B 152 -0.64 5.83 34.53
C LYS B 152 -1.92 6.41 35.09
N ALA B 153 -2.47 7.41 34.39
CA ALA B 153 -3.66 8.14 34.83
C ALA B 153 -4.98 7.45 34.46
N GLN B 154 -4.88 6.35 33.71
CA GLN B 154 -6.04 5.66 33.15
C GLN B 154 -6.90 6.59 32.30
N LYS B 155 -6.24 7.39 31.48
CA LYS B 155 -6.91 8.32 30.57
C LYS B 155 -6.51 8.01 29.14
N GLY B 156 -7.42 8.31 28.21
CA GLY B 156 -7.18 8.07 26.80
C GLY B 156 -6.96 9.37 26.07
N ALA B 157 -6.66 9.28 24.77
CA ALA B 157 -6.46 10.46 23.94
C ALA B 157 -6.52 10.07 22.47
N ALA B 158 -6.77 11.07 21.62
CA ALA B 158 -6.59 10.90 20.18
C ALA B 158 -5.24 11.49 19.77
N PHE B 159 -4.46 10.70 19.05
CA PHE B 159 -3.16 11.13 18.53
C PHE B 159 -3.27 11.37 17.02
N LEU B 160 -2.53 12.38 16.55
CA LEU B 160 -2.49 12.70 15.14
C LEU B 160 -1.08 13.08 14.73
N SER B 161 -0.56 12.40 13.71
CA SER B 161 0.70 12.78 13.12
C SER B 161 0.47 13.37 11.75
N ILE B 162 1.16 14.47 11.46
CA ILE B 162 1.16 15.05 10.14
C ILE B 162 2.37 14.52 9.39
N THR B 163 2.15 13.78 8.31
CA THR B 163 3.29 13.31 7.54
C THR B 163 3.36 14.04 6.21
N THR B 164 3.41 13.28 5.12
CA THR B 164 3.51 13.81 3.75
C THR B 164 3.05 12.73 2.79
N ILE B 165 2.65 13.10 1.57
CA ILE B 165 2.29 12.10 0.57
C ILE B 165 3.48 11.21 0.16
N TYR B 166 4.71 11.71 0.30
CA TYR B 166 5.89 10.93 -0.09
C TYR B 166 6.43 9.99 1.01
N ALA B 167 5.77 9.94 2.17
CA ALA B 167 6.11 8.99 3.23
C ALA B 167 5.78 7.56 2.80
N GLU B 168 4.74 7.44 1.96
CA GLU B 168 4.29 6.16 1.47
C GLU B 168 5.04 5.69 0.23
N THR B 169 5.44 6.63 -0.63
CA THR B 169 6.02 6.30 -1.92
C THR B 169 7.53 6.36 -1.92
N GLY B 170 8.08 7.10 -0.97
CA GLY B 170 9.46 7.55 -1.06
C GLY B 170 9.51 8.73 -2.01
N SER B 171 10.67 9.39 -2.05
CA SER B 171 10.94 10.47 -3.00
C SER B 171 12.40 10.86 -2.92
N GLY B 172 13.05 10.96 -4.08
CA GLY B 172 14.39 11.52 -4.15
C GLY B 172 14.37 12.96 -3.67
N PHE B 173 15.54 13.46 -3.28
CA PHE B 173 15.74 14.87 -2.90
C PHE B 173 15.17 15.30 -1.55
N VAL B 174 14.36 14.43 -0.93
CA VAL B 174 13.85 14.63 0.43
C VAL B 174 13.97 13.32 1.21
N VAL B 175 15.08 12.62 1.00
CA VAL B 175 15.22 11.23 1.45
C VAL B 175 15.20 11.00 2.98
N PRO B 176 15.99 11.74 3.77
CA PRO B 176 15.86 11.64 5.24
C PRO B 176 14.44 11.95 5.74
N SER B 177 13.78 12.94 5.15
CA SER B 177 12.40 13.26 5.51
C SER B 177 11.46 12.09 5.18
N ALA B 178 11.60 11.55 3.97
CA ALA B 178 10.75 10.45 3.52
C ALA B 178 10.89 9.24 4.44
N SER B 179 12.14 8.93 4.81
CA SER B 179 12.42 7.81 5.70
C SER B 179 11.83 8.05 7.10
N ALA B 180 12.09 9.24 7.66
CA ALA B 180 11.61 9.59 8.99
C ALA B 180 10.08 9.64 9.03
N LYS B 181 9.49 10.23 8.00
CA LYS B 181 8.02 10.32 7.90
C LYS B 181 7.34 8.95 7.75
N ALA B 182 7.96 8.04 6.99
CA ALA B 182 7.45 6.67 6.85
C ALA B 182 7.49 5.98 8.20
N GLY B 183 8.55 6.24 8.95
CA GLY B 183 8.72 5.75 10.31
C GLY B 183 7.58 6.22 11.21
N VAL B 184 7.24 7.51 11.09
CA VAL B 184 6.15 8.11 11.88
C VAL B 184 4.81 7.43 11.54
N GLU B 185 4.62 7.11 10.27
CA GLU B 185 3.40 6.41 9.85
C GLU B 185 3.32 5.01 10.44
N ALA B 186 4.42 4.26 10.41
CA ALA B 186 4.42 2.89 10.98
C ALA B 186 4.17 2.92 12.48
N MET B 187 4.72 3.93 13.16
CA MET B 187 4.52 4.13 14.59
C MET B 187 3.03 4.26 14.93
N SER B 188 2.32 5.08 14.15
CA SER B 188 0.89 5.30 14.38
C SER B 188 0.08 4.01 14.24
N LYS B 189 0.37 3.25 13.19
CA LYS B 189 -0.34 2.01 12.91
C LYS B 189 -0.03 0.98 14.00
N SER B 190 1.20 0.98 14.48
CA SER B 190 1.64 0.06 15.54
C SER B 190 0.91 0.35 16.85
N LEU B 191 0.84 1.63 17.21
CA LEU B 191 0.29 2.03 18.49
C LEU B 191 -1.24 2.07 18.47
N ALA B 192 -1.81 2.36 17.30
CA ALA B 192 -3.25 2.14 17.08
C ALA B 192 -3.62 0.72 17.53
N ALA B 193 -2.80 -0.26 17.13
CA ALA B 193 -3.04 -1.65 17.50
C ALA B 193 -2.72 -1.94 18.96
N GLU B 194 -1.55 -1.50 19.42
CA GLU B 194 -1.07 -1.85 20.75
C GLU B 194 -1.84 -1.16 21.87
N TRP B 195 -2.23 0.08 21.66
CA TRP B 195 -2.71 0.94 22.76
C TRP B 195 -4.21 1.26 22.74
N GLY B 196 -4.97 0.50 21.96
CA GLY B 196 -6.43 0.57 22.01
C GLY B 196 -7.02 0.23 23.38
N LYS B 197 -6.42 -0.77 24.04
CA LYS B 197 -6.80 -1.15 25.39
C LYS B 197 -6.60 -0.01 26.41
N TYR B 198 -5.82 1.00 26.04
CA TYR B 198 -5.56 2.16 26.90
C TYR B 198 -6.38 3.39 26.51
N GLY B 199 -7.23 3.27 25.49
CA GLY B 199 -8.10 4.36 25.08
C GLY B 199 -7.37 5.39 24.24
N MET B 200 -6.27 4.98 23.61
CA MET B 200 -5.51 5.84 22.73
C MET B 200 -5.66 5.38 21.28
N ARG B 201 -6.10 6.28 20.42
CA ARG B 201 -6.20 5.99 18.98
C ARG B 201 -5.24 6.91 18.21
N PHE B 202 -4.76 6.43 17.06
CA PHE B 202 -3.69 7.06 16.29
C PHE B 202 -4.07 7.17 14.83
N ASN B 203 -4.05 8.39 14.29
CA ASN B 203 -4.30 8.60 12.88
C ASN B 203 -3.28 9.51 12.26
N VAL B 204 -3.32 9.56 10.93
CA VAL B 204 -2.33 10.27 10.18
C VAL B 204 -3.00 11.07 9.06
N ILE B 205 -2.52 12.30 8.84
CA ILE B 205 -2.85 13.04 7.63
C ILE B 205 -1.59 13.14 6.80
N GLN B 206 -1.74 12.87 5.50
CA GLN B 206 -0.67 13.10 4.52
C GLN B 206 -1.00 14.32 3.65
N PRO B 207 -0.43 15.49 3.96
CA PRO B 207 -0.65 16.68 3.12
C PRO B 207 0.19 16.73 1.86
N GLY B 208 -0.42 17.25 0.78
CA GLY B 208 0.31 17.80 -0.34
C GLY B 208 0.63 19.25 0.00
N PRO B 209 1.08 20.03 -0.99
CA PRO B 209 1.53 21.41 -0.74
C PRO B 209 0.41 22.33 -0.27
N ILE B 210 0.64 22.97 0.87
CA ILE B 210 -0.34 23.89 1.44
C ILE B 210 0.17 25.33 1.31
N LYS B 211 -0.73 26.24 0.92
CA LYS B 211 -0.37 27.64 0.68
C LYS B 211 -0.05 28.39 1.97
N THR B 212 1.07 29.10 1.95
CA THR B 212 1.48 29.98 3.06
C THR B 212 1.80 31.37 2.54
N GLY B 223 9.41 30.52 -6.15
CA GLY B 223 9.76 31.20 -7.39
C GLY B 223 9.18 30.51 -8.61
N THR B 224 7.93 30.86 -8.93
CA THR B 224 7.17 30.30 -10.07
C THR B 224 6.96 28.77 -10.02
N PHE B 225 7.58 28.12 -9.03
CA PHE B 225 7.44 26.69 -8.81
C PHE B 225 6.06 26.36 -8.20
N GLU B 226 5.49 27.36 -7.53
CA GLU B 226 4.12 27.29 -7.01
C GLU B 226 3.15 27.01 -8.15
N LYS B 227 3.27 27.80 -9.23
CA LYS B 227 2.48 27.62 -10.44
C LYS B 227 2.72 26.26 -11.10
N GLU B 228 3.95 25.76 -10.97
CA GLU B 228 4.36 24.49 -11.58
C GLU B 228 3.77 23.28 -10.84
N MET B 229 3.67 23.38 -9.51
CA MET B 229 3.12 22.31 -8.69
C MET B 229 1.64 22.08 -9.03
N ILE B 230 0.92 23.18 -9.24
CA ILE B 230 -0.52 23.16 -9.51
C ILE B 230 -0.89 22.31 -10.73
N GLY B 231 -0.02 22.29 -11.74
CA GLY B 231 -0.22 21.46 -12.92
C GLY B 231 -0.24 19.97 -12.63
N ARG B 232 0.20 19.58 -11.43
CA ARG B 232 0.22 18.18 -11.01
C ARG B 232 -0.86 17.89 -9.97
N ILE B 233 -1.76 18.85 -9.77
CA ILE B 233 -2.85 18.73 -8.79
C ILE B 233 -4.20 18.76 -9.50
N PRO B 234 -4.90 17.62 -9.55
CA PRO B 234 -6.21 17.55 -10.22
C PRO B 234 -7.21 18.58 -9.70
N CYS B 235 -7.11 18.97 -8.42
CA CYS B 235 -8.01 19.97 -7.86
C CYS B 235 -7.61 21.40 -8.25
N GLY B 236 -6.47 21.54 -8.91
CA GLY B 236 -6.09 22.78 -9.59
C GLY B 236 -5.66 23.95 -8.73
N ARG B 237 -5.29 23.67 -7.49
CA ARG B 237 -4.83 24.70 -6.55
C ARG B 237 -4.06 24.05 -5.41
N LEU B 238 -3.35 24.87 -4.64
CA LEU B 238 -2.75 24.38 -3.40
C LEU B 238 -3.84 24.31 -2.33
N GLY B 239 -3.61 23.48 -1.31
CA GLY B 239 -4.51 23.42 -0.16
C GLY B 239 -4.36 24.64 0.72
N THR B 240 -5.31 24.86 1.62
CA THR B 240 -5.18 25.93 2.62
C THR B 240 -5.06 25.39 4.05
N VAL B 241 -4.49 26.21 4.93
CA VAL B 241 -4.29 25.85 6.34
C VAL B 241 -5.63 25.58 7.05
N GLU B 242 -6.63 26.39 6.73
CA GLU B 242 -7.96 26.28 7.34
C GLU B 242 -8.64 24.94 7.03
N GLU B 243 -8.47 24.49 5.80
CA GLU B 243 -8.99 23.21 5.34
C GLU B 243 -8.30 22.05 6.04
N LEU B 244 -6.97 22.11 6.11
CA LEU B 244 -6.22 21.09 6.84
C LEU B 244 -6.64 21.04 8.30
N ALA B 245 -6.79 22.20 8.91
CA ALA B 245 -7.21 22.30 10.31
C ALA B 245 -8.56 21.64 10.54
N ASN B 246 -9.50 21.88 9.63
CA ASN B 246 -10.80 21.24 9.71
C ASN B 246 -10.66 19.71 9.72
N LEU B 247 -9.83 19.18 8.82
CA LEU B 247 -9.62 17.73 8.76
C LEU B 247 -8.99 17.22 10.05
N ALA B 248 -7.98 17.94 10.54
CA ALA B 248 -7.31 17.61 11.80
C ALA B 248 -8.27 17.59 12.98
N ALA B 249 -9.11 18.63 13.06
CA ALA B 249 -10.09 18.74 14.16
C ALA B 249 -11.06 17.57 14.12
N PHE B 250 -11.56 17.23 12.93
CA PHE B 250 -12.49 16.10 12.80
C PHE B 250 -11.86 14.83 13.37
N LEU B 251 -10.64 14.53 12.96
CA LEU B 251 -9.94 13.32 13.37
C LEU B 251 -9.66 13.29 14.87
N CYS B 252 -9.46 14.45 15.47
CA CYS B 252 -9.18 14.59 16.90
C CYS B 252 -10.45 14.82 17.74
N SER B 253 -11.60 14.71 17.10
CA SER B 253 -12.89 14.90 17.75
C SER B 253 -13.57 13.58 18.11
N ASP B 254 -14.55 13.66 18.99
CA ASP B 254 -15.31 12.49 19.40
C ASP B 254 -16.19 11.95 18.27
N TYR B 255 -16.42 12.75 17.24
CA TYR B 255 -17.12 12.28 16.03
C TYR B 255 -16.32 11.20 15.29
N ALA B 256 -15.01 11.17 15.54
CA ALA B 256 -14.12 10.19 14.92
C ALA B 256 -13.60 9.18 15.93
N SER B 257 -14.39 8.89 16.96
CA SER B 257 -13.92 8.02 18.05
C SER B 257 -13.71 6.57 17.62
N TRP B 258 -14.21 6.20 16.44
CA TRP B 258 -14.00 4.86 15.89
C TRP B 258 -13.04 4.87 14.70
N ILE B 259 -12.37 6.00 14.46
CA ILE B 259 -11.35 6.09 13.42
C ILE B 259 -10.00 5.95 14.10
N ASN B 260 -9.28 4.91 13.69
CA ASN B 260 -8.05 4.47 14.37
C ASN B 260 -7.17 3.70 13.39
N GLY B 261 -5.93 4.15 13.22
CA GLY B 261 -5.03 3.57 12.24
C GLY B 261 -5.23 4.04 10.80
N ALA B 262 -6.02 5.09 10.62
CA ALA B 262 -6.31 5.64 9.29
C ALA B 262 -5.19 6.55 8.83
N VAL B 263 -4.98 6.57 7.51
CA VAL B 263 -4.01 7.46 6.88
C VAL B 263 -4.76 8.16 5.74
N ILE B 264 -4.90 9.48 5.86
CA ILE B 264 -5.73 10.27 4.96
C ILE B 264 -4.93 11.26 4.15
N LYS B 265 -4.90 11.05 2.84
CA LYS B 265 -4.33 12.01 1.90
C LYS B 265 -5.16 13.28 1.88
N PHE B 266 -4.46 14.40 2.00
CA PHE B 266 -5.05 15.73 1.88
C PHE B 266 -4.15 16.44 0.87
N ASP B 267 -4.39 16.20 -0.42
CA ASP B 267 -3.43 16.60 -1.47
C ASP B 267 -4.03 17.06 -2.81
N GLY B 268 -5.33 17.32 -2.84
CA GLY B 268 -6.02 17.73 -4.07
C GLY B 268 -5.91 16.73 -5.21
N GLY B 269 -5.61 15.47 -4.87
CA GLY B 269 -5.40 14.42 -5.85
C GLY B 269 -4.00 14.32 -6.42
N GLU B 270 -3.04 15.07 -5.84
CA GLU B 270 -1.68 15.05 -6.39
C GLU B 270 -1.06 13.64 -6.47
N GLU B 271 -1.13 12.90 -5.37
CA GLU B 271 -0.49 11.58 -5.35
C GLU B 271 -1.04 10.66 -6.43
N VAL B 272 -2.36 10.56 -6.53
CA VAL B 272 -2.98 9.70 -7.55
C VAL B 272 -2.62 10.18 -8.95
N LEU B 273 -2.53 11.50 -9.14
CA LEU B 273 -2.11 12.04 -10.43
C LEU B 273 -0.70 11.60 -10.82
N ILE B 274 0.30 11.90 -9.99
CA ILE B 274 1.69 11.65 -10.37
C ILE B 274 2.03 10.15 -10.43
N SER B 275 1.35 9.37 -9.58
CA SER B 275 1.63 7.95 -9.48
C SER B 275 1.08 7.12 -10.65
N GLY B 276 0.03 7.61 -11.33
CA GLY B 276 -0.62 6.87 -12.39
C GLY B 276 0.15 6.89 -13.69
N GLU B 277 0.53 5.71 -14.17
CA GLU B 277 1.41 5.57 -15.34
C GLU B 277 1.01 6.40 -16.57
N PHE B 278 -0.29 6.41 -16.88
CA PHE B 278 -0.77 7.05 -18.11
C PHE B 278 -1.38 8.43 -17.89
N ASN B 279 -1.16 8.99 -16.70
CA ASN B 279 -1.69 10.31 -16.37
C ASN B 279 -0.97 11.45 -17.07
N ASP B 280 0.16 11.13 -17.70
CA ASP B 280 0.86 12.11 -18.54
C ASP B 280 0.09 12.44 -19.82
N LEU B 281 -0.99 11.69 -20.08
CA LEU B 281 -1.84 11.92 -21.25
C LEU B 281 -2.93 12.96 -20.97
N ARG B 282 -2.88 13.60 -19.80
CA ARG B 282 -3.93 14.53 -19.36
C ARG B 282 -4.04 15.81 -20.20
N LYS B 283 -2.99 16.13 -20.95
CA LYS B 283 -2.94 17.38 -21.73
C LYS B 283 -3.52 17.23 -23.12
N VAL B 284 -3.68 15.98 -23.58
CA VAL B 284 -4.25 15.69 -24.90
C VAL B 284 -5.69 16.22 -24.97
N THR B 285 -5.96 17.03 -25.99
CA THR B 285 -7.27 17.69 -26.13
C THR B 285 -8.31 16.83 -26.84
N LYS B 286 -9.57 17.25 -26.74
CA LYS B 286 -10.71 16.60 -27.37
C LYS B 286 -10.45 16.21 -28.83
N GLU B 287 -9.88 17.14 -29.60
CA GLU B 287 -9.60 16.93 -31.03
C GLU B 287 -8.45 15.96 -31.26
N GLN B 288 -7.43 16.02 -30.41
CA GLN B 288 -6.24 15.17 -30.53
C GLN B 288 -6.54 13.71 -30.24
N TRP B 289 -7.52 13.46 -29.37
CA TRP B 289 -7.89 12.11 -28.99
C TRP B 289 -8.58 11.33 -30.12
N ASP B 290 -9.33 12.05 -30.96
CA ASP B 290 -9.96 11.47 -32.14
C ASP B 290 -8.92 10.81 -33.06
N THR B 291 -7.80 11.50 -33.25
CA THR B 291 -6.70 11.03 -34.08
C THR B 291 -6.01 9.78 -33.49
N ILE B 292 -5.85 9.75 -32.18
CA ILE B 292 -5.24 8.60 -31.49
C ILE B 292 -6.12 7.35 -31.63
N GLU B 293 -7.42 7.54 -31.46
CA GLU B 293 -8.39 6.44 -31.60
C GLU B 293 -8.49 5.94 -33.04
N GLU B 294 -8.18 6.81 -33.99
CA GLU B 294 -8.14 6.46 -35.42
C GLU B 294 -7.04 5.45 -35.73
N LEU B 295 -5.95 5.53 -34.96
CA LEU B 295 -4.80 4.62 -35.11
C LEU B 295 -5.11 3.21 -34.60
N ILE B 296 -5.91 3.12 -33.53
CA ILE B 296 -6.33 1.84 -32.96
C ILE B 296 -7.70 1.42 -33.51
N THR C 3 25.37 10.35 -19.14
CA THR C 3 24.66 9.68 -18.01
C THR C 3 24.08 8.31 -18.42
N GLU C 4 23.87 8.12 -19.71
CA GLU C 4 23.29 6.88 -20.23
C GLU C 4 24.33 5.76 -20.37
N ALA C 5 25.61 6.12 -20.30
CA ALA C 5 26.70 5.14 -20.33
C ALA C 5 26.76 4.33 -19.03
N LEU C 6 26.43 4.98 -17.92
CA LEU C 6 26.38 4.34 -16.60
C LEU C 6 25.19 3.39 -16.49
N GLN C 7 24.05 3.82 -17.06
CA GLN C 7 22.82 3.04 -17.05
C GLN C 7 22.94 1.83 -17.97
N SER C 8 23.60 2.00 -19.11
CA SER C 8 23.79 0.94 -20.09
C SER C 8 24.78 -0.12 -19.60
N LYS C 9 25.84 0.32 -18.92
CA LYS C 9 26.88 -0.58 -18.43
C LYS C 9 26.45 -1.36 -17.18
N PHE C 10 25.73 -0.70 -16.28
CA PHE C 10 25.38 -1.29 -14.99
C PHE C 10 23.95 -1.83 -14.88
N PHE C 11 23.11 -1.54 -15.88
CA PHE C 11 21.77 -2.12 -15.96
C PHE C 11 21.56 -2.95 -17.23
N SER C 12 22.67 -3.39 -17.83
CA SER C 12 22.62 -4.18 -19.07
C SER C 12 21.81 -5.47 -18.87
N PRO C 13 20.91 -5.76 -19.80
CA PRO C 13 20.06 -6.96 -19.72
C PRO C 13 20.79 -8.28 -19.91
N LEU C 14 20.45 -9.26 -19.09
CA LEU C 14 20.96 -10.62 -19.21
C LEU C 14 19.83 -11.51 -19.73
N GLN C 15 19.82 -11.73 -21.04
CA GLN C 15 18.66 -12.31 -21.72
C GLN C 15 18.70 -13.82 -21.90
N LYS C 16 19.47 -14.49 -21.05
CA LYS C 16 19.58 -15.96 -21.11
C LYS C 16 19.00 -16.62 -19.86
N ALA C 17 18.77 -17.92 -19.95
CA ALA C 17 18.17 -18.69 -18.85
C ALA C 17 18.96 -18.57 -17.55
N MET C 18 18.24 -18.36 -16.46
CA MET C 18 18.83 -18.14 -15.14
C MET C 18 18.85 -19.43 -14.33
N LEU C 19 17.76 -20.17 -14.39
CA LEU C 19 17.59 -21.41 -13.64
C LEU C 19 18.44 -22.53 -14.26
N PRO C 20 18.77 -23.57 -13.49
CA PRO C 20 19.57 -24.69 -13.99
C PRO C 20 18.86 -25.47 -15.10
N PRO C 21 19.62 -25.98 -16.08
CA PRO C 21 19.06 -26.83 -17.13
C PRO C 21 18.21 -27.98 -16.59
N ASN C 22 17.11 -28.29 -17.27
CA ASN C 22 16.19 -29.38 -16.94
C ASN C 22 15.49 -29.30 -15.57
N SER C 23 15.57 -28.14 -14.91
CA SER C 23 14.94 -27.95 -13.59
C SER C 23 13.42 -28.02 -13.60
N PHE C 24 12.82 -27.82 -14.77
CA PHE C 24 11.37 -27.94 -14.94
C PHE C 24 10.91 -29.25 -15.56
N GLN C 25 11.83 -30.21 -15.70
CA GLN C 25 11.48 -31.55 -16.18
C GLN C 25 10.44 -32.20 -15.26
N GLY C 26 9.42 -32.82 -15.84
CA GLY C 26 8.37 -33.45 -15.07
C GLY C 26 7.28 -32.50 -14.61
N LYS C 27 7.46 -31.21 -14.89
CA LYS C 27 6.49 -30.19 -14.49
C LYS C 27 5.64 -29.76 -15.68
N VAL C 28 4.37 -29.50 -15.42
CA VAL C 28 3.43 -29.05 -16.45
C VAL C 28 2.95 -27.63 -16.15
N ALA C 29 3.08 -26.76 -17.16
CA ALA C 29 2.69 -25.35 -17.05
C ALA C 29 1.52 -25.02 -17.97
N PHE C 30 0.57 -24.24 -17.44
CA PHE C 30 -0.55 -23.73 -18.22
C PHE C 30 -0.46 -22.21 -18.29
N ILE C 31 -0.46 -21.66 -19.51
CA ILE C 31 -0.22 -20.23 -19.73
C ILE C 31 -1.30 -19.61 -20.63
N THR C 32 -2.20 -18.79 -20.07
CA THR C 32 -3.15 -18.04 -20.90
C THR C 32 -2.41 -16.93 -21.65
N GLY C 33 -2.78 -16.71 -22.90
CA GLY C 33 -2.09 -15.73 -23.75
C GLY C 33 -0.67 -16.14 -24.13
N GLY C 34 -0.39 -17.43 -24.06
CA GLY C 34 0.95 -17.96 -24.26
C GLY C 34 1.48 -17.96 -25.68
N GLY C 35 0.68 -17.45 -26.63
CA GLY C 35 1.07 -17.45 -28.03
C GLY C 35 1.80 -16.19 -28.49
N THR C 36 1.71 -15.12 -27.73
CA THR C 36 2.28 -13.83 -28.12
C THR C 36 3.00 -13.14 -26.96
N GLY C 37 3.80 -12.13 -27.31
CA GLY C 37 4.46 -11.24 -26.35
C GLY C 37 5.06 -11.90 -25.13
N LEU C 38 4.58 -11.49 -23.97
CA LEU C 38 5.11 -11.95 -22.68
C LEU C 38 4.78 -13.41 -22.40
N GLY C 39 3.56 -13.82 -22.74
CA GLY C 39 3.13 -15.20 -22.59
C GLY C 39 4.01 -16.16 -23.37
N LYS C 40 4.40 -15.76 -24.58
CA LYS C 40 5.26 -16.57 -25.44
C LYS C 40 6.66 -16.75 -24.87
N GLY C 41 7.23 -15.66 -24.35
CA GLY C 41 8.54 -15.69 -23.74
C GLY C 41 8.61 -16.55 -22.49
N MET C 42 7.55 -16.52 -21.69
CA MET C 42 7.47 -17.36 -20.48
C MET C 42 7.36 -18.84 -20.88
N THR C 43 6.52 -19.12 -21.87
CA THR C 43 6.39 -20.47 -22.42
C THR C 43 7.73 -20.95 -22.99
N THR C 44 8.39 -20.08 -23.75
CA THR C 44 9.69 -20.38 -24.38
C THR C 44 10.72 -20.80 -23.35
N LEU C 45 10.82 -20.06 -22.25
CA LEU C 45 11.76 -20.37 -21.19
C LEU C 45 11.39 -21.64 -20.44
N LEU C 46 10.13 -21.76 -20.03
CA LEU C 46 9.67 -22.94 -19.28
C LEU C 46 9.89 -24.24 -20.05
N SER C 47 9.59 -24.22 -21.35
CA SER C 47 9.83 -25.37 -22.22
C SER C 47 11.32 -25.68 -22.38
N SER C 48 12.12 -24.64 -22.60
CA SER C 48 13.57 -24.76 -22.74
C SER C 48 14.22 -25.35 -21.48
N LEU C 49 13.61 -25.07 -20.33
CA LEU C 49 14.05 -25.61 -19.05
C LEU C 49 13.45 -26.98 -18.73
N GLY C 50 12.60 -27.49 -19.63
CA GLY C 50 12.11 -28.86 -19.51
C GLY C 50 10.66 -29.05 -19.15
N ALA C 51 9.92 -27.96 -18.99
CA ALA C 51 8.49 -28.05 -18.70
C ALA C 51 7.71 -28.51 -19.92
N GLN C 52 6.64 -29.26 -19.67
CA GLN C 52 5.63 -29.54 -20.68
C GLN C 52 4.58 -28.44 -20.60
N CYS C 53 4.53 -27.60 -21.62
CA CYS C 53 3.68 -26.41 -21.59
C CYS C 53 2.36 -26.59 -22.34
N VAL C 54 1.34 -25.87 -21.87
CA VAL C 54 0.03 -25.86 -22.48
C VAL C 54 -0.42 -24.41 -22.56
N ILE C 55 -0.61 -23.91 -23.78
CA ILE C 55 -0.96 -22.52 -24.00
C ILE C 55 -2.39 -22.37 -24.51
N ALA C 56 -3.07 -21.35 -24.01
CA ALA C 56 -4.48 -21.13 -24.35
C ALA C 56 -4.78 -19.67 -24.63
N SER C 57 -5.50 -19.44 -25.72
CA SER C 57 -6.04 -18.13 -26.09
C SER C 57 -7.05 -18.30 -27.25
N ARG C 58 -7.48 -17.19 -27.85
CA ARG C 58 -8.57 -17.24 -28.84
C ARG C 58 -8.11 -17.63 -30.24
N LYS C 59 -6.99 -17.06 -30.69
CA LYS C 59 -6.51 -17.24 -32.06
C LYS C 59 -5.69 -18.53 -32.19
N MET C 60 -6.38 -19.62 -32.53
CA MET C 60 -5.77 -20.95 -32.68
C MET C 60 -4.62 -20.99 -33.69
N ASP C 61 -4.71 -20.15 -34.71
CA ASP C 61 -3.70 -20.03 -35.76
C ASP C 61 -2.35 -19.57 -35.21
N VAL C 62 -2.37 -18.53 -34.37
CA VAL C 62 -1.15 -18.00 -33.73
C VAL C 62 -0.67 -18.98 -32.67
N LEU C 63 -1.63 -19.58 -31.97
CA LEU C 63 -1.36 -20.55 -30.92
C LEU C 63 -0.59 -21.77 -31.43
N LYS C 64 -1.16 -22.44 -32.43
CA LYS C 64 -0.53 -23.62 -33.05
C LYS C 64 0.86 -23.31 -33.60
N ALA C 65 0.98 -22.20 -34.33
CA ALA C 65 2.25 -21.75 -34.88
C ALA C 65 3.32 -21.56 -33.81
N THR C 66 2.95 -20.93 -32.70
CA THR C 66 3.85 -20.71 -31.58
C THR C 66 4.18 -22.03 -30.87
N ALA C 67 3.16 -22.84 -30.62
CA ALA C 67 3.31 -24.13 -29.95
C ALA C 67 4.27 -25.05 -30.70
N GLU C 68 4.14 -25.07 -32.03
CA GLU C 68 5.02 -25.86 -32.89
C GLU C 68 6.43 -25.27 -32.93
N GLN C 69 6.51 -23.93 -33.00
CA GLN C 69 7.79 -23.21 -33.04
C GLN C 69 8.66 -23.46 -31.80
N ILE C 70 8.04 -23.44 -30.63
CA ILE C 70 8.75 -23.71 -29.37
C ILE C 70 9.06 -25.21 -29.23
N SER C 71 8.10 -26.05 -29.64
CA SER C 71 8.24 -27.51 -29.60
C SER C 71 9.51 -27.99 -30.30
N SER C 72 9.80 -27.41 -31.46
CA SER C 72 10.98 -27.79 -32.25
C SER C 72 12.26 -27.13 -31.74
N GLN C 73 12.11 -25.95 -31.15
CA GLN C 73 13.23 -25.17 -30.63
C GLN C 73 13.84 -25.79 -29.37
N THR C 74 13.00 -26.42 -28.55
CA THR C 74 13.43 -26.95 -27.25
C THR C 74 13.48 -28.47 -27.21
N GLY C 75 12.64 -29.12 -28.02
CA GLY C 75 12.55 -30.56 -28.03
C GLY C 75 11.49 -31.09 -27.08
N ASN C 76 10.82 -30.19 -26.38
CA ASN C 76 9.72 -30.55 -25.49
C ASN C 76 8.39 -30.06 -26.07
N LYS C 77 7.37 -30.91 -25.94
CA LYS C 77 6.07 -30.65 -26.58
C LYS C 77 5.26 -29.55 -25.91
N VAL C 78 4.87 -28.56 -26.71
CA VAL C 78 3.96 -27.50 -26.28
C VAL C 78 2.60 -27.73 -26.93
N HIS C 79 1.57 -27.81 -26.11
CA HIS C 79 0.20 -28.04 -26.58
C HIS C 79 -0.57 -26.71 -26.73
N ALA C 80 -1.28 -26.58 -27.84
CA ALA C 80 -2.16 -25.42 -28.07
C ALA C 80 -3.63 -25.79 -27.85
N ILE C 81 -4.34 -24.97 -27.08
CA ILE C 81 -5.79 -25.15 -26.87
C ILE C 81 -6.50 -23.82 -27.03
N GLN C 82 -7.54 -23.80 -27.88
CA GLN C 82 -8.35 -22.60 -28.06
C GLN C 82 -9.24 -22.38 -26.85
N CYS C 83 -9.21 -21.16 -26.31
CA CYS C 83 -10.00 -20.80 -25.15
C CYS C 83 -10.22 -19.28 -25.04
N ASP C 84 -11.48 -18.88 -24.96
CA ASP C 84 -11.80 -17.52 -24.51
C ASP C 84 -12.04 -17.59 -23.01
N VAL C 85 -11.14 -16.96 -22.24
CA VAL C 85 -11.16 -17.06 -20.78
C VAL C 85 -12.41 -16.46 -20.13
N ARG C 86 -13.11 -15.59 -20.84
CA ARG C 86 -14.32 -14.99 -20.28
C ARG C 86 -15.54 -15.92 -20.34
N ASP C 87 -15.38 -17.06 -21.00
CA ASP C 87 -16.45 -18.05 -21.10
C ASP C 87 -16.12 -19.26 -20.22
N PRO C 88 -16.94 -19.48 -19.18
CA PRO C 88 -16.67 -20.55 -18.20
C PRO C 88 -16.66 -21.96 -18.78
N ASP C 89 -17.52 -22.23 -19.76
CA ASP C 89 -17.58 -23.54 -20.40
C ASP C 89 -16.33 -23.84 -21.21
N MET C 90 -15.84 -22.85 -21.95
CA MET C 90 -14.60 -22.99 -22.69
C MET C 90 -13.42 -23.20 -21.74
N VAL C 91 -13.41 -22.46 -20.64
CA VAL C 91 -12.40 -22.62 -19.60
C VAL C 91 -12.45 -24.04 -19.04
N GLN C 92 -13.65 -24.50 -18.71
CA GLN C 92 -13.87 -25.86 -18.23
C GLN C 92 -13.31 -26.92 -19.19
N ASN C 93 -13.54 -26.72 -20.49
CA ASN C 93 -13.04 -27.62 -21.54
C ASN C 93 -11.52 -27.61 -21.63
N THR C 94 -10.97 -26.41 -21.50
CA THR C 94 -9.53 -26.18 -21.62
C THR C 94 -8.79 -26.84 -20.46
N VAL C 95 -9.35 -26.71 -19.26
CA VAL C 95 -8.80 -27.34 -18.05
C VAL C 95 -8.85 -28.87 -18.21
N SER C 96 -10.01 -29.39 -18.61
CA SER C 96 -10.19 -30.82 -18.87
C SER C 96 -9.19 -31.35 -19.91
N GLU C 97 -9.05 -30.63 -21.03
CA GLU C 97 -8.09 -30.99 -22.07
C GLU C 97 -6.65 -30.88 -21.58
N LEU C 98 -6.37 -29.84 -20.78
CA LEU C 98 -5.05 -29.66 -20.17
C LEU C 98 -4.65 -30.90 -19.36
N ILE C 99 -5.60 -31.41 -18.58
CA ILE C 99 -5.38 -32.55 -17.70
C ILE C 99 -5.18 -33.85 -18.50
N LYS C 100 -5.85 -33.96 -19.64
CA LYS C 100 -5.74 -35.16 -20.48
C LYS C 100 -4.44 -35.22 -21.28
N VAL C 101 -4.09 -34.14 -21.98
CA VAL C 101 -2.89 -34.14 -22.83
C VAL C 101 -1.58 -33.97 -22.06
N ALA C 102 -1.67 -33.41 -20.85
CA ALA C 102 -0.46 -33.07 -20.09
C ALA C 102 -0.52 -33.51 -18.62
N GLY C 103 -1.68 -33.35 -17.99
CA GLY C 103 -1.85 -33.63 -16.58
C GLY C 103 -2.24 -32.38 -15.79
N HIS C 104 -2.49 -32.56 -14.49
CA HIS C 104 -2.73 -31.44 -13.58
C HIS C 104 -1.51 -30.53 -13.57
N PRO C 105 -1.72 -29.22 -13.70
CA PRO C 105 -0.60 -28.27 -13.79
C PRO C 105 0.13 -28.06 -12.46
N ASN C 106 1.46 -27.92 -12.53
CA ASN C 106 2.25 -27.49 -11.37
C ASN C 106 2.46 -25.98 -11.39
N ILE C 107 2.24 -25.38 -12.56
CA ILE C 107 2.45 -23.95 -12.80
C ILE C 107 1.23 -23.42 -13.57
N VAL C 108 0.59 -22.38 -13.03
CA VAL C 108 -0.55 -21.74 -13.70
C VAL C 108 -0.27 -20.25 -13.85
N ILE C 109 -0.27 -19.78 -15.08
CA ILE C 109 0.07 -18.39 -15.35
C ILE C 109 -1.09 -17.67 -16.04
N ASN C 110 -1.68 -16.71 -15.32
CA ASN C 110 -2.77 -15.89 -15.82
C ASN C 110 -2.20 -14.62 -16.45
N ASN C 111 -2.07 -14.67 -17.76
CA ASN C 111 -1.34 -13.68 -18.51
C ASN C 111 -2.22 -12.99 -19.57
N ALA C 112 -3.29 -13.66 -19.98
CA ALA C 112 -4.23 -13.09 -20.96
C ALA C 112 -4.80 -11.76 -20.48
N ALA C 113 -4.82 -10.77 -21.39
CA ALA C 113 -5.38 -9.46 -21.09
C ALA C 113 -5.88 -8.71 -22.33
N GLY C 114 -6.71 -7.70 -22.07
CA GLY C 114 -7.11 -6.73 -23.08
C GLY C 114 -7.02 -5.36 -22.45
N ASN C 115 -6.90 -4.32 -23.29
CA ASN C 115 -6.79 -2.94 -22.82
C ASN C 115 -7.21 -1.93 -23.88
N PHE C 116 -7.80 -0.83 -23.41
CA PHE C 116 -8.03 0.36 -24.21
C PHE C 116 -7.26 1.51 -23.57
N ILE C 117 -6.65 2.36 -24.41
CA ILE C 117 -6.15 3.62 -23.91
C ILE C 117 -7.08 4.70 -24.43
N SER C 118 -7.84 5.31 -23.53
CA SER C 118 -8.94 6.20 -23.92
C SER C 118 -9.40 7.05 -22.74
N PRO C 119 -9.84 8.28 -23.00
CA PRO C 119 -10.59 9.02 -22.00
C PRO C 119 -11.77 8.15 -21.55
N THR C 120 -11.97 8.06 -20.25
CA THR C 120 -12.99 7.17 -19.69
C THR C 120 -14.39 7.56 -20.19
N GLU C 121 -14.61 8.85 -20.42
CA GLU C 121 -15.90 9.35 -20.90
C GLU C 121 -16.23 8.93 -22.36
N ARG C 122 -15.26 8.38 -23.08
CA ARG C 122 -15.48 7.88 -24.44
C ARG C 122 -15.79 6.38 -24.48
N LEU C 123 -15.71 5.73 -23.32
CA LEU C 123 -15.99 4.30 -23.23
C LEU C 123 -17.48 4.02 -23.11
N SER C 124 -17.95 3.02 -23.84
CA SER C 124 -19.30 2.49 -23.65
C SER C 124 -19.28 1.53 -22.46
N PRO C 125 -20.44 1.28 -21.85
CA PRO C 125 -20.53 0.21 -20.85
C PRO C 125 -19.97 -1.12 -21.36
N ASN C 126 -20.24 -1.48 -22.61
CA ASN C 126 -19.73 -2.74 -23.17
C ASN C 126 -18.20 -2.78 -23.26
N ALA C 127 -17.59 -1.65 -23.60
CA ALA C 127 -16.14 -1.57 -23.69
C ALA C 127 -15.54 -1.80 -22.30
N TRP C 128 -16.14 -1.18 -21.29
CA TRP C 128 -15.71 -1.37 -19.90
C TRP C 128 -15.83 -2.83 -19.50
N LYS C 129 -17.03 -3.37 -19.70
CA LYS C 129 -17.32 -4.76 -19.36
C LYS C 129 -16.39 -5.74 -20.08
N THR C 130 -16.05 -5.46 -21.34
CA THR C 130 -15.12 -6.31 -22.10
C THR C 130 -13.81 -6.53 -21.34
N ILE C 131 -13.24 -5.44 -20.83
CA ILE C 131 -11.95 -5.51 -20.14
C ILE C 131 -12.06 -6.27 -18.82
N THR C 132 -13.09 -5.94 -18.04
CA THR C 132 -13.36 -6.63 -16.78
C THR C 132 -13.52 -8.14 -17.01
N ASP C 133 -14.21 -8.48 -18.09
CA ASP C 133 -14.45 -9.89 -18.44
C ASP C 133 -13.17 -10.66 -18.73
N ILE C 134 -12.30 -10.10 -19.57
CA ILE C 134 -11.06 -10.77 -19.98
C ILE C 134 -10.06 -10.84 -18.82
N VAL C 135 -9.83 -9.70 -18.19
CA VAL C 135 -8.79 -9.57 -17.16
C VAL C 135 -9.23 -10.20 -15.83
N LEU C 136 -10.32 -9.71 -15.26
CA LEU C 136 -10.76 -10.16 -13.92
C LEU C 136 -11.53 -11.48 -13.92
N ASN C 137 -12.66 -11.51 -14.62
CA ASN C 137 -13.49 -12.72 -14.65
C ASN C 137 -12.77 -13.89 -15.31
N GLY C 138 -11.98 -13.59 -16.35
CA GLY C 138 -11.19 -14.59 -17.04
C GLY C 138 -10.14 -15.25 -16.16
N THR C 139 -9.37 -14.44 -15.45
CA THR C 139 -8.41 -14.94 -14.47
C THR C 139 -9.14 -15.72 -13.36
N ALA C 140 -10.28 -15.19 -12.94
CA ALA C 140 -11.11 -15.82 -11.91
C ALA C 140 -11.62 -17.20 -12.34
N PHE C 141 -12.15 -17.30 -13.57
CA PHE C 141 -12.67 -18.57 -14.09
C PHE C 141 -11.58 -19.62 -14.23
N VAL C 142 -10.41 -19.23 -14.74
CA VAL C 142 -9.27 -20.13 -14.89
C VAL C 142 -8.84 -20.66 -13.52
N THR C 143 -8.75 -19.75 -12.55
CA THR C 143 -8.28 -20.08 -11.21
C THR C 143 -9.27 -20.97 -10.47
N LEU C 144 -10.54 -20.60 -10.56
CA LEU C 144 -11.63 -21.36 -9.95
C LEU C 144 -11.65 -22.81 -10.40
N GLU C 145 -11.61 -23.02 -11.72
CA GLU C 145 -11.71 -24.36 -12.28
C GLU C 145 -10.48 -25.23 -12.00
N ILE C 146 -9.29 -24.69 -12.27
CA ILE C 146 -8.05 -25.41 -11.97
C ILE C 146 -7.92 -25.70 -10.48
N GLY C 147 -8.23 -24.69 -9.66
CA GLY C 147 -8.24 -24.86 -8.22
C GLY C 147 -9.17 -25.96 -7.76
N LYS C 148 -10.37 -26.00 -8.32
CA LYS C 148 -11.34 -27.03 -7.98
C LYS C 148 -10.84 -28.43 -8.33
N GLN C 149 -10.14 -28.55 -9.47
CA GLN C 149 -9.60 -29.84 -9.91
C GLN C 149 -8.39 -30.26 -9.08
N LEU C 150 -7.56 -29.29 -8.71
CA LEU C 150 -6.38 -29.54 -7.88
C LEU C 150 -6.76 -30.02 -6.47
N ILE C 151 -7.76 -29.36 -5.88
CA ILE C 151 -8.31 -29.79 -4.58
C ILE C 151 -8.89 -31.20 -4.70
N LYS C 152 -9.60 -31.46 -5.80
CA LYS C 152 -10.17 -32.78 -6.07
C LYS C 152 -9.11 -33.88 -6.16
N ALA C 153 -7.99 -33.55 -6.79
CA ALA C 153 -6.93 -34.53 -7.05
C ALA C 153 -5.83 -34.52 -6.00
N GLN C 154 -6.07 -33.81 -4.89
CA GLN C 154 -5.09 -33.67 -3.80
C GLN C 154 -3.71 -33.23 -4.30
N LYS C 155 -3.71 -32.26 -5.22
CA LYS C 155 -2.47 -31.72 -5.77
C LYS C 155 -2.39 -30.21 -5.56
N GLY C 156 -1.18 -29.68 -5.59
CA GLY C 156 -0.96 -28.25 -5.48
C GLY C 156 -0.25 -27.67 -6.69
N ALA C 157 -0.10 -26.35 -6.71
CA ALA C 157 0.54 -25.65 -7.83
C ALA C 157 0.99 -24.26 -7.43
N ALA C 158 1.93 -23.70 -8.17
CA ALA C 158 2.27 -22.28 -8.06
C ALA C 158 1.44 -21.51 -9.08
N PHE C 159 0.78 -20.45 -8.63
CA PHE C 159 0.03 -19.56 -9.52
C PHE C 159 0.73 -18.22 -9.67
N LEU C 160 0.65 -17.67 -10.88
CA LEU C 160 1.26 -16.39 -11.21
C LEU C 160 0.32 -15.56 -12.05
N SER C 161 0.08 -14.32 -11.62
CA SER C 161 -0.70 -13.38 -12.41
C SER C 161 0.16 -12.20 -12.80
N ILE C 162 0.04 -11.82 -14.07
CA ILE C 162 0.77 -10.68 -14.59
C ILE C 162 -0.21 -9.51 -14.58
N THR C 163 0.12 -8.46 -13.83
CA THR C 163 -0.74 -7.29 -13.81
C THR C 163 -0.04 -6.11 -14.45
N THR C 164 0.07 -5.02 -13.71
CA THR C 164 0.67 -3.77 -14.23
C THR C 164 1.03 -2.88 -13.05
N ILE C 165 1.96 -1.95 -13.24
CA ILE C 165 2.31 -1.02 -12.17
C ILE C 165 1.14 -0.10 -11.78
N TYR C 166 0.15 0.05 -12.66
CA TYR C 166 -1.00 0.91 -12.35
C TYR C 166 -2.16 0.20 -11.65
N ALA C 167 -2.05 -1.12 -11.47
CA ALA C 167 -3.05 -1.86 -10.70
C ALA C 167 -3.11 -1.37 -9.25
N GLU C 168 -1.95 -1.02 -8.72
CA GLU C 168 -1.84 -0.60 -7.32
C GLU C 168 -2.16 0.89 -7.13
N THR C 169 -1.89 1.71 -8.14
CA THR C 169 -2.01 3.16 -8.00
C THR C 169 -3.27 3.72 -8.63
N GLY C 170 -3.83 2.97 -9.58
CA GLY C 170 -4.86 3.47 -10.46
C GLY C 170 -4.16 4.30 -11.51
N SER C 171 -4.89 4.64 -12.56
CA SER C 171 -4.35 5.53 -13.59
C SER C 171 -5.48 5.99 -14.49
N GLY C 172 -5.52 7.28 -14.81
CA GLY C 172 -6.43 7.74 -15.84
C GLY C 172 -6.15 7.05 -17.16
N PHE C 173 -7.15 7.03 -18.03
CA PHE C 173 -6.99 6.61 -19.43
C PHE C 173 -6.88 5.09 -19.67
N VAL C 174 -6.73 4.32 -18.60
CA VAL C 174 -6.66 2.87 -18.68
C VAL C 174 -7.53 2.30 -17.55
N VAL C 175 -8.66 2.97 -17.31
CA VAL C 175 -9.44 2.75 -16.08
C VAL C 175 -10.04 1.33 -15.90
N PRO C 176 -10.78 0.81 -16.88
CA PRO C 176 -11.28 -0.57 -16.75
C PRO C 176 -10.15 -1.59 -16.52
N SER C 177 -9.02 -1.41 -17.20
CA SER C 177 -7.83 -2.22 -16.96
C SER C 177 -7.30 -2.07 -15.54
N ALA C 178 -7.15 -0.84 -15.08
CA ALA C 178 -6.62 -0.55 -13.75
C ALA C 178 -7.47 -1.24 -12.71
N SER C 179 -8.78 -1.14 -12.89
CA SER C 179 -9.75 -1.72 -11.96
C SER C 179 -9.72 -3.26 -11.99
N ALA C 180 -9.72 -3.82 -13.20
CA ALA C 180 -9.68 -5.28 -13.37
C ALA C 180 -8.39 -5.88 -12.83
N LYS C 181 -7.27 -5.24 -13.14
CA LYS C 181 -5.95 -5.66 -12.68
C LYS C 181 -5.77 -5.57 -11.16
N ALA C 182 -6.35 -4.55 -10.54
CA ALA C 182 -6.38 -4.42 -9.08
C ALA C 182 -7.18 -5.57 -8.47
N GLY C 183 -8.28 -5.92 -9.12
CA GLY C 183 -9.06 -7.09 -8.79
C GLY C 183 -8.24 -8.37 -8.84
N VAL C 184 -7.44 -8.52 -9.90
CA VAL C 184 -6.58 -9.70 -10.05
C VAL C 184 -5.58 -9.82 -8.89
N GLU C 185 -5.00 -8.69 -8.47
CA GLU C 185 -4.06 -8.70 -7.36
C GLU C 185 -4.71 -9.09 -6.04
N ALA C 186 -5.92 -8.57 -5.79
CA ALA C 186 -6.67 -8.89 -4.57
C ALA C 186 -6.99 -10.38 -4.52
N MET C 187 -7.32 -10.95 -5.69
CA MET C 187 -7.62 -12.38 -5.79
C MET C 187 -6.42 -13.23 -5.39
N SER C 188 -5.25 -12.88 -5.92
CA SER C 188 -4.00 -13.56 -5.58
C SER C 188 -3.73 -13.56 -4.08
N LYS C 189 -3.87 -12.39 -3.46
CA LYS C 189 -3.64 -12.24 -2.03
C LYS C 189 -4.67 -13.04 -1.21
N SER C 190 -5.90 -13.05 -1.68
CA SER C 190 -7.01 -13.76 -1.03
C SER C 190 -6.75 -15.27 -1.05
N LEU C 191 -6.36 -15.78 -2.21
CA LEU C 191 -6.20 -17.23 -2.40
C LEU C 191 -4.86 -17.77 -1.88
N ALA C 192 -3.83 -16.92 -1.85
CA ALA C 192 -2.58 -17.22 -1.16
C ALA C 192 -2.85 -17.56 0.31
N ALA C 193 -3.75 -16.79 0.91
CA ALA C 193 -4.21 -17.06 2.28
C ALA C 193 -5.15 -18.26 2.36
N GLU C 194 -6.14 -18.33 1.47
CA GLU C 194 -7.20 -19.35 1.60
C GLU C 194 -6.76 -20.76 1.18
N TRP C 195 -5.93 -20.84 0.14
CA TRP C 195 -5.64 -22.11 -0.51
C TRP C 195 -4.24 -22.65 -0.25
N GLY C 196 -3.53 -22.00 0.68
CA GLY C 196 -2.23 -22.50 1.13
C GLY C 196 -2.35 -23.89 1.70
N LYS C 197 -3.44 -24.14 2.42
CA LYS C 197 -3.76 -25.45 2.99
C LYS C 197 -3.94 -26.56 1.93
N TYR C 198 -4.17 -26.16 0.69
CA TYR C 198 -4.35 -27.10 -0.42
C TYR C 198 -3.06 -27.25 -1.23
N GLY C 199 -1.99 -26.60 -0.78
CA GLY C 199 -0.72 -26.64 -1.49
C GLY C 199 -0.65 -25.71 -2.68
N MET C 200 -1.50 -24.68 -2.70
CA MET C 200 -1.50 -23.69 -3.77
C MET C 200 -0.96 -22.35 -3.27
N ARG C 201 -0.01 -21.79 -4.01
CA ARG C 201 0.52 -20.45 -3.71
C ARG C 201 0.31 -19.49 -4.88
N PHE C 202 0.20 -18.20 -4.56
CA PHE C 202 -0.20 -17.18 -5.53
C PHE C 202 0.70 -15.94 -5.46
N ASN C 203 1.33 -15.59 -6.58
CA ASN C 203 2.15 -14.40 -6.65
C ASN C 203 1.82 -13.54 -7.88
N VAL C 204 2.35 -12.30 -7.87
CA VAL C 204 2.07 -11.31 -8.91
C VAL C 204 3.35 -10.61 -9.38
N ILE C 205 3.46 -10.44 -10.70
CA ILE C 205 4.43 -9.50 -11.26
C ILE C 205 3.66 -8.31 -11.81
N GLN C 206 4.15 -7.11 -11.47
CA GLN C 206 3.64 -5.85 -12.03
C GLN C 206 4.67 -5.28 -13.00
N PRO C 207 4.52 -5.57 -14.30
CA PRO C 207 5.47 -5.07 -15.30
C PRO C 207 5.32 -3.59 -15.65
N GLY C 208 6.45 -2.93 -15.88
CA GLY C 208 6.47 -1.65 -16.56
C GLY C 208 6.52 -1.92 -18.05
N PRO C 209 6.86 -0.92 -18.86
CA PRO C 209 6.90 -1.09 -20.32
C PRO C 209 7.98 -2.09 -20.75
N ILE C 210 7.57 -3.13 -21.46
CA ILE C 210 8.50 -4.11 -21.99
C ILE C 210 8.54 -4.05 -23.52
N LYS C 211 9.75 -4.07 -24.07
CA LYS C 211 9.96 -4.10 -25.52
C LYS C 211 9.17 -5.24 -26.15
N THR C 212 8.03 -4.89 -26.76
CA THR C 212 7.15 -5.84 -27.45
C THR C 212 6.57 -5.22 -28.72
N GLY C 214 6.74 -0.66 -25.06
CA GLY C 214 5.60 -0.26 -24.25
C GLY C 214 4.35 0.01 -25.07
N ALA C 215 3.39 0.73 -24.47
CA ALA C 215 2.14 1.04 -25.13
C ALA C 215 1.72 2.49 -24.90
N PHE C 216 1.22 3.13 -25.97
CA PHE C 216 0.66 4.49 -25.97
C PHE C 216 1.18 5.31 -27.14
N GLY C 223 8.76 6.65 -33.09
CA GLY C 223 10.10 6.42 -32.57
C GLY C 223 10.47 7.33 -31.41
N THR C 224 9.85 8.50 -31.35
CA THR C 224 10.15 9.52 -30.33
C THR C 224 9.44 9.27 -29.01
N PHE C 225 8.36 8.48 -29.03
CA PHE C 225 7.60 8.18 -27.82
C PHE C 225 8.35 7.26 -26.87
N GLU C 226 9.08 6.29 -27.41
CA GLU C 226 9.94 5.41 -26.61
C GLU C 226 10.99 6.22 -25.84
N LYS C 227 11.63 7.17 -26.53
CA LYS C 227 12.65 8.03 -25.93
C LYS C 227 12.10 8.82 -24.74
N GLU C 228 10.85 9.25 -24.86
CA GLU C 228 10.16 9.99 -23.79
C GLU C 228 9.82 9.09 -22.61
N MET C 229 9.40 7.85 -22.90
CA MET C 229 9.08 6.85 -21.90
C MET C 229 10.28 6.53 -21.01
N ILE C 230 11.45 6.41 -21.63
CA ILE C 230 12.70 6.06 -20.95
C ILE C 230 13.13 7.14 -19.95
N GLY C 231 12.73 8.39 -20.19
CA GLY C 231 13.01 9.48 -19.27
C GLY C 231 12.36 9.33 -17.90
N ARG C 232 11.37 8.46 -17.81
CA ARG C 232 10.67 8.18 -16.56
C ARG C 232 11.11 6.84 -15.95
N ILE C 233 12.16 6.26 -16.53
CA ILE C 233 12.68 4.97 -16.07
C ILE C 233 14.12 5.14 -15.57
N PRO C 234 14.31 5.02 -14.26
CA PRO C 234 15.65 5.15 -13.64
C PRO C 234 16.70 4.21 -14.25
N CYS C 235 16.30 2.99 -14.62
CA CYS C 235 17.21 2.04 -15.26
C CYS C 235 17.55 2.35 -16.73
N GLY C 236 16.99 3.44 -17.24
CA GLY C 236 17.36 4.00 -18.54
C GLY C 236 17.01 3.23 -19.80
N ARG C 237 16.07 2.29 -19.70
CA ARG C 237 15.66 1.48 -20.86
C ARG C 237 14.33 0.80 -20.58
N LEU C 238 13.75 0.19 -21.61
CA LEU C 238 12.60 -0.70 -21.44
C LEU C 238 13.09 -2.06 -20.97
N GLY C 239 12.16 -2.86 -20.45
CA GLY C 239 12.46 -4.22 -20.04
C GLY C 239 12.45 -5.14 -21.25
N THR C 240 12.89 -6.38 -21.05
CA THR C 240 12.87 -7.38 -22.11
C THR C 240 12.03 -8.59 -21.70
N VAL C 241 11.51 -9.29 -22.71
CA VAL C 241 10.69 -10.48 -22.50
C VAL C 241 11.47 -11.59 -21.77
N GLU C 242 12.76 -11.69 -22.07
CA GLU C 242 13.61 -12.71 -21.49
C GLU C 242 13.84 -12.47 -19.99
N GLU C 243 14.04 -11.20 -19.63
CA GLU C 243 14.22 -10.79 -18.24
C GLU C 243 12.96 -11.06 -17.44
N LEU C 244 11.81 -10.69 -17.98
CA LEU C 244 10.52 -10.98 -17.35
C LEU C 244 10.30 -12.48 -17.15
N ALA C 245 10.59 -13.26 -18.20
CA ALA C 245 10.47 -14.71 -18.14
C ALA C 245 11.30 -15.33 -17.01
N ASN C 246 12.53 -14.85 -16.82
CA ASN C 246 13.40 -15.34 -15.75
C ASN C 246 12.79 -15.08 -14.37
N LEU C 247 12.19 -13.90 -14.19
CA LEU C 247 11.48 -13.57 -12.96
C LEU C 247 10.28 -14.50 -12.77
N ALA C 248 9.48 -14.65 -13.82
CA ALA C 248 8.33 -15.55 -13.80
C ALA C 248 8.71 -16.99 -13.50
N ALA C 249 9.77 -17.48 -14.14
CA ALA C 249 10.24 -18.84 -13.91
C ALA C 249 10.66 -19.02 -12.45
N PHE C 250 11.41 -18.05 -11.93
CA PHE C 250 11.80 -18.07 -10.53
C PHE C 250 10.60 -18.23 -9.59
N LEU C 251 9.60 -17.37 -9.75
CA LEU C 251 8.40 -17.41 -8.89
C LEU C 251 7.59 -18.70 -9.04
N CYS C 252 7.67 -19.34 -10.21
CA CYS C 252 6.94 -20.58 -10.44
C CYS C 252 7.79 -21.82 -10.16
N SER C 253 9.03 -21.60 -9.74
CA SER C 253 9.98 -22.69 -9.43
C SER C 253 9.90 -23.12 -7.97
N ASP C 254 10.45 -24.30 -7.69
CA ASP C 254 10.52 -24.82 -6.33
C ASP C 254 11.49 -24.05 -5.44
N TYR C 255 12.34 -23.23 -6.04
CA TYR C 255 13.22 -22.34 -5.27
C TYR C 255 12.42 -21.26 -4.54
N ALA C 256 11.20 -21.01 -5.01
CA ALA C 256 10.34 -19.97 -4.47
C ALA C 256 9.15 -20.57 -3.72
N SER C 257 9.32 -21.79 -3.23
CA SER C 257 8.23 -22.52 -2.58
C SER C 257 7.72 -21.88 -1.28
N TRP C 258 8.50 -20.94 -0.73
CA TRP C 258 8.05 -20.14 0.42
C TRP C 258 7.70 -18.68 0.04
N ILE C 259 7.61 -18.40 -1.25
CA ILE C 259 7.13 -17.09 -1.72
C ILE C 259 5.65 -17.22 -2.07
N ASN C 260 4.81 -16.49 -1.33
CA ASN C 260 3.36 -16.65 -1.39
C ASN C 260 2.64 -15.35 -1.00
N GLY C 261 1.87 -14.78 -1.94
CA GLY C 261 1.17 -13.52 -1.72
C GLY C 261 2.03 -12.31 -2.01
N ALA C 262 3.16 -12.53 -2.70
CA ALA C 262 4.08 -11.47 -3.05
C ALA C 262 3.63 -10.73 -4.31
N VAL C 263 4.02 -9.47 -4.40
CA VAL C 263 3.75 -8.60 -5.54
C VAL C 263 5.07 -7.94 -5.91
N ILE C 264 5.61 -8.26 -7.07
CA ILE C 264 6.94 -7.80 -7.47
C ILE C 264 6.87 -6.85 -8.67
N LYS C 265 7.31 -5.62 -8.44
CA LYS C 265 7.47 -4.65 -9.52
C LYS C 265 8.64 -5.07 -10.39
N PHE C 266 8.38 -5.09 -11.70
CA PHE C 266 9.42 -5.34 -12.70
C PHE C 266 9.29 -4.18 -13.67
N ASP C 267 9.96 -3.07 -13.36
CA ASP C 267 9.66 -1.79 -14.03
C ASP C 267 10.83 -0.82 -14.19
N GLY C 268 12.04 -1.30 -13.90
CA GLY C 268 13.23 -0.47 -14.01
C GLY C 268 13.24 0.74 -13.09
N GLY C 269 12.35 0.71 -12.09
CA GLY C 269 12.18 1.82 -11.17
C GLY C 269 11.15 2.85 -11.60
N GLU C 270 10.36 2.57 -12.64
CA GLU C 270 9.44 3.58 -13.16
C GLU C 270 8.44 4.06 -12.10
N GLU C 271 7.78 3.13 -11.42
CA GLU C 271 6.77 3.53 -10.44
C GLU C 271 7.32 4.42 -9.32
N VAL C 272 8.46 4.03 -8.73
CA VAL C 272 9.02 4.84 -7.65
C VAL C 272 9.39 6.25 -8.15
N LEU C 273 9.85 6.34 -9.39
CA LEU C 273 10.17 7.63 -9.97
C LEU C 273 8.93 8.51 -10.10
N ILE C 274 7.92 8.04 -10.83
CA ILE C 274 6.76 8.89 -11.14
C ILE C 274 5.93 9.20 -9.89
N SER C 275 5.90 8.28 -8.92
CA SER C 275 5.08 8.46 -7.72
C SER C 275 5.70 9.39 -6.66
N GLY C 276 7.01 9.61 -6.72
CA GLY C 276 7.68 10.43 -5.73
C GLY C 276 7.50 11.91 -5.97
N GLU C 277 6.89 12.60 -5.01
CA GLU C 277 6.52 14.03 -5.14
C GLU C 277 7.61 14.95 -5.70
N PHE C 278 8.84 14.78 -5.25
CA PHE C 278 9.91 15.71 -5.60
C PHE C 278 10.88 15.15 -6.64
N ASN C 279 10.51 14.03 -7.25
CA ASN C 279 11.35 13.39 -8.28
C ASN C 279 11.48 14.18 -9.57
N ASP C 280 10.57 15.14 -9.77
CA ASP C 280 10.66 16.09 -10.87
C ASP C 280 11.92 16.97 -10.77
N LEU C 281 12.54 16.99 -9.60
CA LEU C 281 13.75 17.77 -9.35
C LEU C 281 15.02 17.16 -9.95
N ARG C 282 14.88 16.01 -10.60
CA ARG C 282 16.00 15.34 -11.27
C ARG C 282 16.52 16.12 -12.49
N LYS C 283 15.69 17.05 -12.99
CA LYS C 283 16.06 17.90 -14.11
C LYS C 283 16.99 19.04 -13.69
N VAL C 284 17.01 19.33 -12.39
CA VAL C 284 17.88 20.38 -11.84
C VAL C 284 19.35 19.97 -11.99
N THR C 285 20.14 20.86 -12.60
CA THR C 285 21.57 20.62 -12.83
C THR C 285 22.38 20.92 -11.56
N LYS C 286 23.61 20.42 -11.54
CA LYS C 286 24.51 20.58 -10.39
C LYS C 286 24.84 22.02 -10.04
N GLU C 287 24.97 22.87 -11.07
CA GLU C 287 25.23 24.29 -10.88
C GLU C 287 24.04 25.03 -10.25
N GLN C 288 22.84 24.65 -10.68
CA GLN C 288 21.59 25.20 -10.15
C GLN C 288 21.44 24.88 -8.67
N TRP C 289 21.81 23.65 -8.30
CA TRP C 289 21.74 23.19 -6.91
C TRP C 289 22.62 24.03 -5.98
N ASP C 290 23.81 24.39 -6.45
CA ASP C 290 24.74 25.24 -5.70
C ASP C 290 24.11 26.58 -5.33
N THR C 291 23.30 27.12 -6.24
CA THR C 291 22.59 28.38 -6.00
C THR C 291 21.50 28.24 -4.94
N ILE C 292 20.73 27.14 -5.01
CA ILE C 292 19.64 26.89 -4.08
C ILE C 292 20.15 26.58 -2.67
N GLU C 293 21.25 25.85 -2.60
CA GLU C 293 21.86 25.46 -1.32
C GLU C 293 22.48 26.66 -0.57
N GLU C 294 22.66 27.78 -1.27
CA GLU C 294 23.12 29.01 -0.65
C GLU C 294 22.04 29.65 0.22
N LEU C 295 20.78 29.48 -0.19
CA LEU C 295 19.63 29.98 0.56
C LEU C 295 19.19 28.97 1.62
N MET D 1 -5.06 -36.00 1.18
CA MET D 1 -4.07 -35.74 2.26
C MET D 1 -4.38 -34.46 3.02
N ASN D 2 -4.02 -34.44 4.30
CA ASN D 2 -4.30 -33.31 5.19
C ASN D 2 -3.49 -32.06 4.86
N THR D 3 -3.82 -30.96 5.53
CA THR D 3 -3.17 -29.66 5.35
C THR D 3 -1.64 -29.75 5.43
N GLU D 4 -1.14 -30.37 6.50
CA GLU D 4 0.29 -30.48 6.76
C GLU D 4 1.03 -31.27 5.68
N ALA D 5 0.37 -32.28 5.12
CA ALA D 5 0.96 -33.13 4.08
C ALA D 5 1.10 -32.39 2.74
N LEU D 6 0.03 -31.71 2.31
CA LEU D 6 0.07 -30.91 1.09
C LEU D 6 1.07 -29.76 1.20
N GLN D 7 1.08 -29.11 2.36
CA GLN D 7 2.00 -28.01 2.64
C GLN D 7 3.46 -28.47 2.54
N SER D 8 3.77 -29.62 3.14
CA SER D 8 5.11 -30.17 3.07
C SER D 8 5.48 -30.66 1.66
N LYS D 9 4.52 -31.23 0.94
CA LYS D 9 4.77 -31.75 -0.40
C LYS D 9 5.02 -30.66 -1.44
N PHE D 10 4.12 -29.67 -1.47
CA PHE D 10 4.15 -28.67 -2.53
C PHE D 10 4.84 -27.37 -2.15
N PHE D 11 5.24 -27.25 -0.88
CA PHE D 11 6.04 -26.11 -0.42
C PHE D 11 7.38 -26.55 0.15
N SER D 12 7.86 -27.72 -0.29
CA SER D 12 9.14 -28.25 0.15
C SER D 12 10.29 -27.29 -0.17
N PRO D 13 11.14 -27.01 0.82
CA PRO D 13 12.28 -26.11 0.62
C PRO D 13 13.35 -26.70 -0.29
N LEU D 14 13.78 -25.91 -1.28
CA LEU D 14 14.91 -26.26 -2.12
C LEU D 14 16.10 -25.44 -1.65
N GLN D 15 16.99 -26.08 -0.90
CA GLN D 15 18.03 -25.37 -0.16
C GLN D 15 19.40 -25.38 -0.84
N LYS D 16 19.40 -25.69 -2.13
CA LYS D 16 20.62 -25.70 -2.94
C LYS D 16 20.73 -24.38 -3.69
N ALA D 17 21.95 -24.05 -4.13
CA ALA D 17 22.21 -22.85 -4.91
C ALA D 17 21.39 -22.82 -6.20
N MET D 18 20.70 -21.71 -6.43
CA MET D 18 19.81 -21.57 -7.57
C MET D 18 20.52 -21.05 -8.82
N LEU D 19 21.35 -20.03 -8.65
CA LEU D 19 22.03 -19.37 -9.76
C LEU D 19 23.19 -20.23 -10.28
N PRO D 20 23.65 -19.99 -11.51
CA PRO D 20 24.71 -20.81 -12.11
C PRO D 20 26.03 -20.75 -11.33
N PRO D 21 26.73 -21.88 -11.22
CA PRO D 21 28.08 -21.91 -10.64
C PRO D 21 28.95 -20.77 -11.17
N ASN D 22 29.64 -20.08 -10.25
CA ASN D 22 30.52 -18.94 -10.56
C ASN D 22 29.89 -17.72 -11.24
N SER D 23 28.57 -17.57 -11.12
CA SER D 23 27.86 -16.42 -11.69
C SER D 23 28.24 -15.07 -11.06
N PHE D 24 28.79 -15.11 -9.85
CA PHE D 24 29.19 -13.88 -9.17
C PHE D 24 30.70 -13.62 -9.20
N GLN D 25 31.41 -14.29 -10.12
CA GLN D 25 32.85 -14.07 -10.27
C GLN D 25 33.13 -12.65 -10.75
N GLY D 26 34.11 -12.01 -10.12
CA GLY D 26 34.45 -10.63 -10.43
C GLY D 26 33.54 -9.62 -9.74
N LYS D 27 32.70 -10.11 -8.84
CA LYS D 27 31.78 -9.25 -8.09
C LYS D 27 32.16 -9.20 -6.61
N VAL D 28 32.11 -8.00 -6.05
CA VAL D 28 32.36 -7.79 -4.62
C VAL D 28 31.04 -7.48 -3.91
N ALA D 29 30.77 -8.23 -2.83
CA ALA D 29 29.57 -8.04 -2.02
C ALA D 29 29.91 -7.59 -0.60
N PHE D 30 29.26 -6.52 -0.16
CA PHE D 30 29.42 -5.98 1.18
C PHE D 30 28.13 -6.21 1.96
N ILE D 31 28.23 -6.99 3.05
CA ILE D 31 27.06 -7.39 3.83
C ILE D 31 27.23 -6.92 5.28
N THR D 32 26.32 -6.05 5.75
CA THR D 32 26.31 -5.70 7.18
C THR D 32 25.65 -6.83 7.96
N GLY D 33 26.22 -7.15 9.13
CA GLY D 33 25.74 -8.27 9.91
C GLY D 33 25.94 -9.61 9.22
N GLY D 34 26.94 -9.68 8.34
CA GLY D 34 27.22 -10.89 7.59
C GLY D 34 27.84 -12.03 8.37
N GLY D 35 28.13 -11.79 9.65
CA GLY D 35 28.74 -12.80 10.50
C GLY D 35 27.79 -13.82 11.08
N THR D 36 26.50 -13.49 11.10
CA THR D 36 25.49 -14.33 11.74
C THR D 36 24.24 -14.53 10.90
N GLY D 37 23.49 -15.58 11.21
CA GLY D 37 22.16 -15.81 10.69
C GLY D 37 21.94 -15.54 9.21
N LEU D 38 20.98 -14.68 8.91
CA LEU D 38 20.63 -14.37 7.53
C LEU D 38 21.78 -13.77 6.75
N GLY D 39 22.51 -12.84 7.36
CA GLY D 39 23.68 -12.24 6.77
C GLY D 39 24.74 -13.30 6.45
N LYS D 40 24.92 -14.24 7.37
CA LYS D 40 25.85 -15.36 7.18
C LYS D 40 25.44 -16.23 5.99
N GLY D 41 24.15 -16.53 5.88
CA GLY D 41 23.62 -17.34 4.80
C GLY D 41 23.77 -16.73 3.43
N MET D 42 23.55 -15.41 3.35
CA MET D 42 23.71 -14.68 2.09
C MET D 42 25.18 -14.61 1.67
N THR D 43 26.05 -14.32 2.63
CA THR D 43 27.50 -14.32 2.42
C THR D 43 27.98 -15.69 1.91
N THR D 44 27.50 -16.74 2.53
CA THR D 44 27.89 -18.11 2.18
C THR D 44 27.51 -18.45 0.72
N LEU D 45 26.29 -18.10 0.33
CA LEU D 45 25.85 -18.33 -1.04
C LEU D 45 26.61 -17.49 -2.05
N LEU D 46 26.74 -16.20 -1.78
CA LEU D 46 27.44 -15.29 -2.68
C LEU D 46 28.90 -15.71 -2.86
N SER D 47 29.57 -16.06 -1.76
CA SER D 47 30.95 -16.55 -1.81
C SER D 47 31.06 -17.86 -2.58
N SER D 48 30.11 -18.78 -2.36
CA SER D 48 30.14 -20.08 -3.03
C SER D 48 29.89 -19.95 -4.53
N LEU D 49 29.06 -18.95 -4.90
CA LEU D 49 28.81 -18.64 -6.30
C LEU D 49 29.91 -17.75 -6.91
N GLY D 50 30.96 -17.47 -6.13
CA GLY D 50 32.14 -16.83 -6.67
C GLY D 50 32.46 -15.39 -6.29
N ALA D 51 31.57 -14.75 -5.54
CA ALA D 51 31.76 -13.36 -5.14
C ALA D 51 32.87 -13.19 -4.09
N GLN D 52 33.56 -12.05 -4.14
CA GLN D 52 34.47 -11.65 -3.07
C GLN D 52 33.67 -10.90 -2.02
N CYS D 53 33.50 -11.50 -0.85
CA CYS D 53 32.64 -10.94 0.18
C CYS D 53 33.37 -10.19 1.28
N VAL D 54 32.74 -9.12 1.75
CA VAL D 54 33.20 -8.34 2.88
C VAL D 54 32.05 -8.23 3.87
N ILE D 55 32.29 -8.66 5.11
CA ILE D 55 31.28 -8.62 6.15
C ILE D 55 31.66 -7.65 7.26
N ALA D 56 30.66 -6.96 7.82
CA ALA D 56 30.91 -5.91 8.80
C ALA D 56 29.87 -5.92 9.91
N SER D 57 30.36 -5.91 11.15
CA SER D 57 29.52 -5.82 12.35
C SER D 57 30.39 -5.50 13.57
N ARG D 58 29.78 -5.45 14.76
CA ARG D 58 30.49 -5.06 15.98
C ARG D 58 31.44 -6.13 16.53
N LYS D 59 31.01 -7.39 16.54
CA LYS D 59 31.74 -8.47 17.19
C LYS D 59 32.78 -9.13 16.28
N MET D 60 34.02 -8.64 16.37
CA MET D 60 35.13 -9.08 15.52
C MET D 60 35.45 -10.58 15.58
N ASP D 61 35.26 -11.19 16.75
CA ASP D 61 35.56 -12.61 16.95
C ASP D 61 34.67 -13.49 16.09
N VAL D 62 33.36 -13.28 16.19
CA VAL D 62 32.39 -14.00 15.37
C VAL D 62 32.58 -13.63 13.90
N LEU D 63 32.84 -12.35 13.65
CA LEU D 63 33.09 -11.85 12.30
C LEU D 63 34.38 -12.39 11.66
N LYS D 64 35.27 -12.94 12.48
CA LYS D 64 36.46 -13.61 11.97
C LYS D 64 36.25 -15.13 11.80
N ALA D 65 35.49 -15.72 12.74
CA ALA D 65 35.21 -17.15 12.71
C ALA D 65 34.33 -17.56 11.51
N THR D 66 33.28 -16.79 11.24
CA THR D 66 32.41 -17.02 10.09
C THR D 66 33.16 -16.81 8.77
N ALA D 67 33.98 -15.76 8.71
CA ALA D 67 34.72 -15.40 7.49
C ALA D 67 35.77 -16.45 7.12
N GLU D 68 36.43 -17.00 8.13
CA GLU D 68 37.40 -18.08 7.94
C GLU D 68 36.70 -19.36 7.54
N GLN D 69 35.56 -19.63 8.19
CA GLN D 69 34.76 -20.81 7.91
C GLN D 69 34.19 -20.84 6.48
N ILE D 70 33.74 -19.68 6.00
CA ILE D 70 33.21 -19.58 4.63
C ILE D 70 34.35 -19.68 3.62
N SER D 71 35.45 -18.96 3.88
CA SER D 71 36.65 -19.00 3.04
C SER D 71 37.12 -20.43 2.76
N SER D 72 37.19 -21.26 3.81
CA SER D 72 37.65 -22.63 3.67
C SER D 72 36.62 -23.54 2.98
N GLN D 73 35.33 -23.23 3.17
CA GLN D 73 34.27 -24.00 2.53
C GLN D 73 34.18 -23.73 1.02
N THR D 74 34.22 -22.46 0.64
CA THR D 74 34.00 -22.05 -0.75
C THR D 74 35.28 -21.90 -1.55
N GLY D 75 36.40 -21.68 -0.86
CA GLY D 75 37.67 -21.42 -1.51
C GLY D 75 37.88 -19.94 -1.81
N ASN D 76 36.82 -19.16 -1.69
CA ASN D 76 36.85 -17.72 -2.00
C ASN D 76 36.95 -16.86 -0.74
N LYS D 77 37.87 -15.90 -0.77
CA LYS D 77 38.22 -15.09 0.40
C LYS D 77 37.09 -14.18 0.87
N VAL D 78 36.83 -14.22 2.17
CA VAL D 78 35.87 -13.33 2.81
C VAL D 78 36.62 -12.47 3.83
N HIS D 79 36.49 -11.14 3.71
CA HIS D 79 37.14 -10.22 4.65
C HIS D 79 36.19 -9.75 5.74
N ALA D 80 36.73 -9.69 6.95
CA ALA D 80 36.01 -9.22 8.13
C ALA D 80 36.47 -7.82 8.49
N ILE D 81 35.52 -6.91 8.65
CA ILE D 81 35.81 -5.54 9.07
C ILE D 81 34.88 -5.15 10.22
N GLN D 82 35.46 -4.75 11.34
CA GLN D 82 34.65 -4.30 12.48
C GLN D 82 33.98 -2.96 12.17
N CYS D 83 32.66 -2.91 12.33
CA CYS D 83 31.91 -1.67 12.10
C CYS D 83 30.63 -1.61 12.91
N ASP D 84 30.47 -0.53 13.65
CA ASP D 84 29.19 -0.18 14.24
C ASP D 84 28.54 0.80 13.27
N VAL D 85 27.48 0.36 12.60
CA VAL D 85 26.85 1.12 11.52
C VAL D 85 26.27 2.46 11.97
N ARG D 86 25.96 2.58 13.26
CA ARG D 86 25.38 3.81 13.79
C ARG D 86 26.41 4.92 14.00
N ASP D 87 27.68 4.62 13.77
CA ASP D 87 28.75 5.61 13.87
C ASP D 87 29.33 5.94 12.49
N PRO D 88 29.13 7.19 12.03
CA PRO D 88 29.53 7.60 10.69
C PRO D 88 31.02 7.42 10.39
N ASP D 89 31.87 7.63 11.40
CA ASP D 89 33.31 7.49 11.23
C ASP D 89 33.74 6.06 11.02
N MET D 90 33.21 5.15 11.84
CA MET D 90 33.45 3.72 11.67
C MET D 90 32.99 3.27 10.28
N VAL D 91 31.87 3.80 9.83
CA VAL D 91 31.33 3.52 8.49
C VAL D 91 32.28 4.03 7.40
N GLN D 92 32.68 5.30 7.48
CA GLN D 92 33.62 5.91 6.55
C GLN D 92 34.94 5.12 6.47
N ASN D 93 35.48 4.74 7.62
CA ASN D 93 36.70 3.94 7.65
C ASN D 93 36.48 2.52 7.12
N THR D 94 35.29 1.98 7.35
CA THR D 94 34.90 0.66 6.86
C THR D 94 34.75 0.64 5.33
N VAL D 95 34.19 1.72 4.79
CA VAL D 95 34.04 1.84 3.34
C VAL D 95 35.41 1.98 2.66
N SER D 96 36.30 2.75 3.28
CA SER D 96 37.67 2.90 2.80
C SER D 96 38.44 1.58 2.77
N GLU D 97 38.27 0.76 3.81
CA GLU D 97 38.90 -0.55 3.86
C GLU D 97 38.31 -1.52 2.82
N LEU D 98 36.98 -1.53 2.72
CA LEU D 98 36.28 -2.35 1.73
C LEU D 98 36.83 -2.12 0.32
N ILE D 99 37.05 -0.85 -0.02
CA ILE D 99 37.58 -0.46 -1.32
C ILE D 99 39.05 -0.84 -1.46
N LYS D 100 39.78 -0.80 -0.35
CA LYS D 100 41.20 -1.18 -0.33
C LYS D 100 41.41 -2.68 -0.51
N VAL D 101 40.75 -3.49 0.33
CA VAL D 101 40.96 -4.94 0.36
C VAL D 101 40.23 -5.72 -0.73
N ALA D 102 39.20 -5.12 -1.32
CA ALA D 102 38.36 -5.81 -2.31
C ALA D 102 38.04 -4.95 -3.53
N GLY D 103 37.79 -3.67 -3.32
CA GLY D 103 37.40 -2.77 -4.39
C GLY D 103 35.97 -2.27 -4.20
N HIS D 104 35.54 -1.37 -5.08
CA HIS D 104 34.18 -0.82 -5.01
C HIS D 104 33.16 -1.93 -5.13
N PRO D 105 32.16 -1.96 -4.23
CA PRO D 105 31.16 -3.03 -4.20
C PRO D 105 30.22 -3.01 -5.41
N ASN D 106 29.88 -4.20 -5.90
CA ASN D 106 28.83 -4.36 -6.91
C ASN D 106 27.51 -4.72 -6.26
N ILE D 107 27.60 -5.20 -5.01
CA ILE D 107 26.45 -5.66 -4.22
C ILE D 107 26.57 -5.11 -2.80
N VAL D 108 25.55 -4.38 -2.35
CA VAL D 108 25.52 -3.86 -0.98
C VAL D 108 24.25 -4.40 -0.31
N ILE D 109 24.45 -5.10 0.80
CA ILE D 109 23.33 -5.66 1.55
C ILE D 109 23.30 -5.06 2.95
N ASN D 110 22.23 -4.32 3.22
CA ASN D 110 22.00 -3.73 4.54
C ASN D 110 21.11 -4.65 5.35
N ASN D 111 21.75 -5.48 6.17
CA ASN D 111 21.10 -6.59 6.85
C ASN D 111 21.17 -6.45 8.37
N ALA D 112 22.14 -5.68 8.85
CA ALA D 112 22.35 -5.48 10.29
C ALA D 112 21.14 -4.82 10.95
N ALA D 113 20.73 -5.35 12.09
CA ALA D 113 19.60 -4.80 12.83
C ALA D 113 19.66 -5.13 14.32
N GLY D 114 18.77 -4.50 15.06
CA GLY D 114 18.55 -4.79 16.47
C GLY D 114 17.07 -4.69 16.72
N ASN D 115 16.59 -5.38 17.75
CA ASN D 115 15.17 -5.38 18.08
C ASN D 115 14.96 -5.72 19.56
N PHE D 116 13.85 -5.22 20.10
CA PHE D 116 13.32 -5.74 21.35
C PHE D 116 11.86 -6.09 21.11
N ILE D 117 11.42 -7.21 21.66
CA ILE D 117 9.99 -7.48 21.77
C ILE D 117 9.56 -7.05 23.16
N SER D 118 8.75 -6.00 23.22
CA SER D 118 8.40 -5.37 24.49
C SER D 118 7.13 -4.54 24.32
N PRO D 119 6.29 -4.47 25.36
CA PRO D 119 5.25 -3.44 25.38
C PRO D 119 5.94 -2.10 25.26
N THR D 120 5.42 -1.21 24.41
CA THR D 120 6.07 0.06 24.10
C THR D 120 6.28 0.95 25.32
N GLU D 121 5.33 0.90 26.25
CA GLU D 121 5.36 1.68 27.50
C GLU D 121 6.49 1.29 28.47
N ARG D 122 7.16 0.17 28.19
CA ARG D 122 8.30 -0.26 29.02
C ARG D 122 9.63 0.14 28.39
N LEU D 123 9.59 0.76 27.22
CA LEU D 123 10.80 1.21 26.52
C LEU D 123 11.25 2.59 27.01
N SER D 124 12.55 2.71 27.27
CA SER D 124 13.15 4.02 27.53
C SER D 124 13.40 4.73 26.20
N PRO D 125 13.47 6.06 26.23
CA PRO D 125 13.89 6.83 25.04
C PRO D 125 15.20 6.31 24.42
N ASN D 126 16.19 5.96 25.25
CA ASN D 126 17.44 5.36 24.76
C ASN D 126 17.20 4.04 24.03
N ALA D 127 16.32 3.21 24.58
CA ALA D 127 16.00 1.91 23.98
C ALA D 127 15.40 2.07 22.57
N TRP D 128 14.51 3.05 22.42
CA TRP D 128 13.92 3.40 21.12
C TRP D 128 15.01 3.89 20.16
N LYS D 129 15.77 4.89 20.62
CA LYS D 129 16.81 5.51 19.82
C LYS D 129 17.88 4.51 19.33
N THR D 130 18.20 3.53 20.18
CA THR D 130 19.14 2.46 19.83
C THR D 130 18.71 1.75 18.55
N ILE D 131 17.44 1.34 18.49
CA ILE D 131 16.90 0.62 17.35
C ILE D 131 16.88 1.51 16.09
N THR D 132 16.42 2.75 16.24
CA THR D 132 16.42 3.72 15.14
C THR D 132 17.83 3.93 14.60
N ASP D 133 18.80 4.09 15.51
CA ASP D 133 20.19 4.31 15.15
C ASP D 133 20.80 3.16 14.36
N ILE D 134 20.59 1.92 14.81
CA ILE D 134 21.15 0.73 14.16
C ILE D 134 20.50 0.48 12.79
N VAL D 135 19.17 0.46 12.79
CA VAL D 135 18.39 0.06 11.63
C VAL D 135 18.32 1.18 10.58
N LEU D 136 17.73 2.32 10.95
CA LEU D 136 17.54 3.41 9.99
C LEU D 136 18.79 4.23 9.73
N ASN D 137 19.34 4.84 10.78
CA ASN D 137 20.54 5.66 10.62
C ASN D 137 21.75 4.86 10.12
N GLY D 138 21.91 3.65 10.63
CA GLY D 138 22.96 2.75 10.19
C GLY D 138 22.88 2.41 8.71
N THR D 139 21.69 2.02 8.25
CA THR D 139 21.47 1.75 6.83
C THR D 139 21.71 3.01 6.00
N ALA D 140 21.26 4.15 6.52
CA ALA D 140 21.46 5.45 5.85
C ALA D 140 22.95 5.79 5.69
N PHE D 141 23.71 5.65 6.78
CA PHE D 141 25.14 5.99 6.77
C PHE D 141 25.93 5.11 5.81
N VAL D 142 25.64 3.82 5.81
CA VAL D 142 26.30 2.86 4.93
C VAL D 142 25.97 3.18 3.46
N THR D 143 24.69 3.41 3.18
CA THR D 143 24.21 3.72 1.84
C THR D 143 24.76 5.06 1.33
N LEU D 144 24.75 6.06 2.20
CA LEU D 144 25.25 7.39 1.87
C LEU D 144 26.74 7.38 1.54
N GLU D 145 27.53 6.65 2.34
CA GLU D 145 28.98 6.60 2.17
C GLU D 145 29.38 5.82 0.92
N ILE D 146 28.82 4.61 0.77
CA ILE D 146 29.09 3.78 -0.40
C ILE D 146 28.59 4.46 -1.68
N GLY D 147 27.38 5.03 -1.60
CA GLY D 147 26.80 5.76 -2.71
C GLY D 147 27.70 6.88 -3.20
N LYS D 148 28.14 7.72 -2.26
CA LYS D 148 29.05 8.84 -2.55
C LYS D 148 30.32 8.37 -3.27
N GLN D 149 30.87 7.24 -2.82
CA GLN D 149 32.11 6.69 -3.40
C GLN D 149 31.87 6.15 -4.80
N LEU D 150 30.71 5.53 -5.01
CA LEU D 150 30.35 4.94 -6.30
C LEU D 150 30.08 6.02 -7.36
N ILE D 151 29.53 7.16 -6.92
CA ILE D 151 29.30 8.31 -7.80
C ILE D 151 30.65 8.89 -8.24
N LYS D 152 31.57 9.02 -7.29
CA LYS D 152 32.91 9.55 -7.52
C LYS D 152 33.72 8.65 -8.48
N ALA D 153 33.56 7.33 -8.33
CA ALA D 153 34.25 6.36 -9.18
C ALA D 153 33.47 6.04 -10.46
N GLN D 154 32.32 6.69 -10.64
CA GLN D 154 31.42 6.43 -11.78
C GLN D 154 31.15 4.94 -11.95
N LYS D 155 30.78 4.30 -10.85
CA LYS D 155 30.48 2.88 -10.82
C LYS D 155 29.10 2.65 -10.22
N GLY D 156 28.44 1.57 -10.64
CA GLY D 156 27.10 1.25 -10.17
C GLY D 156 27.09 0.05 -9.24
N ALA D 157 25.94 -0.20 -8.62
CA ALA D 157 25.76 -1.36 -7.73
C ALA D 157 24.30 -1.68 -7.48
N ALA D 158 24.05 -2.92 -7.07
CA ALA D 158 22.73 -3.34 -6.61
C ALA D 158 22.69 -3.29 -5.08
N PHE D 159 21.71 -2.57 -4.55
CA PHE D 159 21.49 -2.47 -3.11
C PHE D 159 20.31 -3.32 -2.69
N LEU D 160 20.41 -3.93 -1.51
CA LEU D 160 19.32 -4.73 -0.98
C LEU D 160 19.21 -4.51 0.53
N SER D 161 18.03 -4.08 0.98
CA SER D 161 17.77 -4.02 2.41
C SER D 161 16.85 -5.17 2.81
N ILE D 162 17.15 -5.76 3.96
CA ILE D 162 16.29 -6.78 4.56
C ILE D 162 15.45 -6.08 5.62
N THR D 163 14.14 -6.06 5.42
CA THR D 163 13.27 -5.46 6.41
C THR D 163 12.47 -6.53 7.14
N THR D 164 11.16 -6.37 7.12
CA THR D 164 10.23 -7.24 7.83
C THR D 164 8.87 -7.04 7.21
N ILE D 165 7.98 -8.02 7.36
CA ILE D 165 6.61 -7.84 6.88
C ILE D 165 5.89 -6.75 7.68
N TYR D 166 6.29 -6.51 8.93
CA TYR D 166 5.63 -5.48 9.74
C TYR D 166 6.09 -4.03 9.49
N ALA D 167 7.07 -3.83 8.62
CA ALA D 167 7.49 -2.49 8.21
C ALA D 167 6.36 -1.77 7.46
N GLU D 168 5.62 -2.54 6.67
CA GLU D 168 4.52 -2.04 5.85
C GLU D 168 3.23 -1.84 6.66
N THR D 169 3.01 -2.70 7.65
CA THR D 169 1.74 -2.71 8.37
C THR D 169 1.83 -1.98 9.71
N GLY D 170 3.06 -1.86 10.22
CA GLY D 170 3.29 -1.54 11.62
C GLY D 170 3.01 -2.81 12.42
N SER D 171 3.37 -2.80 13.71
CA SER D 171 2.99 -3.87 14.64
C SER D 171 3.21 -3.42 16.06
N GLY D 172 2.28 -3.71 16.96
CA GLY D 172 2.54 -3.52 18.37
C GLY D 172 3.71 -4.38 18.82
N PHE D 173 4.34 -4.00 19.93
CA PHE D 173 5.39 -4.77 20.58
C PHE D 173 6.76 -4.78 19.88
N VAL D 174 6.82 -4.25 18.65
CA VAL D 174 8.09 -4.12 17.92
C VAL D 174 8.18 -2.72 17.27
N VAL D 175 7.74 -1.72 18.01
CA VAL D 175 7.46 -0.39 17.44
C VAL D 175 8.68 0.39 16.93
N PRO D 176 9.76 0.53 17.71
CA PRO D 176 10.98 1.16 17.18
C PRO D 176 11.49 0.44 15.94
N SER D 177 11.41 -0.89 15.92
CA SER D 177 11.79 -1.67 14.75
C SER D 177 10.89 -1.38 13.56
N ALA D 178 9.58 -1.53 13.76
CA ALA D 178 8.59 -1.25 12.71
C ALA D 178 8.84 0.10 12.07
N SER D 179 9.01 1.14 12.90
CA SER D 179 9.24 2.50 12.42
C SER D 179 10.55 2.61 11.63
N ALA D 180 11.63 2.11 12.20
CA ALA D 180 12.94 2.22 11.56
C ALA D 180 12.97 1.44 10.25
N LYS D 181 12.40 0.23 10.27
CA LYS D 181 12.30 -0.61 9.08
C LYS D 181 11.42 0.02 8.00
N ALA D 182 10.31 0.64 8.40
CA ALA D 182 9.47 1.39 7.47
C ALA D 182 10.31 2.47 6.80
N GLY D 183 11.17 3.12 7.59
CA GLY D 183 12.04 4.17 7.09
C GLY D 183 13.07 3.66 6.10
N VAL D 184 13.60 2.46 6.37
CA VAL D 184 14.53 1.80 5.46
C VAL D 184 13.89 1.51 4.08
N GLU D 185 12.66 1.02 4.09
CA GLU D 185 11.89 0.82 2.86
C GLU D 185 11.72 2.11 2.05
N ALA D 186 11.31 3.18 2.73
CA ALA D 186 11.16 4.49 2.09
C ALA D 186 12.47 4.97 1.47
N MET D 187 13.58 4.75 2.17
CA MET D 187 14.89 5.11 1.67
C MET D 187 15.19 4.40 0.37
N SER D 188 14.89 3.09 0.32
CA SER D 188 15.15 2.28 -0.87
C SER D 188 14.37 2.80 -2.08
N LYS D 189 13.07 3.04 -1.88
CA LYS D 189 12.22 3.56 -2.94
C LYS D 189 12.67 4.93 -3.41
N SER D 190 13.17 5.73 -2.47
CA SER D 190 13.61 7.11 -2.74
C SER D 190 14.87 7.10 -3.61
N LEU D 191 15.83 6.27 -3.23
CA LEU D 191 17.11 6.21 -3.94
C LEU D 191 17.04 5.41 -5.25
N ALA D 192 16.11 4.46 -5.32
CA ALA D 192 15.79 3.79 -6.58
C ALA D 192 15.44 4.82 -7.66
N ALA D 193 14.67 5.83 -7.25
CA ALA D 193 14.29 6.94 -8.13
C ALA D 193 15.43 7.92 -8.37
N GLU D 194 16.12 8.31 -7.30
CA GLU D 194 17.09 9.40 -7.35
C GLU D 194 18.41 9.03 -8.03
N TRP D 195 18.86 7.79 -7.83
CA TRP D 195 20.21 7.39 -8.18
C TRP D 195 20.28 6.42 -9.37
N GLY D 196 19.21 6.40 -10.17
CA GLY D 196 19.17 5.61 -11.39
C GLY D 196 20.21 6.08 -12.38
N LYS D 197 20.41 7.40 -12.44
CA LYS D 197 21.40 8.03 -13.29
C LYS D 197 22.84 7.65 -12.92
N TYR D 198 23.01 7.14 -11.71
CA TYR D 198 24.34 6.74 -11.22
C TYR D 198 24.58 5.24 -11.32
N GLY D 199 23.62 4.51 -11.84
CA GLY D 199 23.75 3.07 -12.03
C GLY D 199 23.52 2.27 -10.76
N MET D 200 22.82 2.87 -9.80
CA MET D 200 22.54 2.21 -8.55
C MET D 200 21.05 1.88 -8.47
N ARG D 201 20.74 0.62 -8.13
CA ARG D 201 19.35 0.18 -7.97
C ARG D 201 19.12 -0.42 -6.57
N PHE D 202 17.89 -0.26 -6.08
CA PHE D 202 17.57 -0.56 -4.68
C PHE D 202 16.32 -1.42 -4.56
N ASN D 203 16.44 -2.54 -3.87
CA ASN D 203 15.32 -3.44 -3.62
C ASN D 203 15.24 -3.89 -2.15
N VAL D 204 14.09 -4.46 -1.80
CA VAL D 204 13.81 -4.85 -0.42
C VAL D 204 13.22 -6.26 -0.37
N ILE D 205 13.68 -7.05 0.61
CA ILE D 205 13.01 -8.29 0.98
C ILE D 205 12.39 -8.10 2.35
N GLN D 206 11.11 -8.46 2.48
CA GLN D 206 10.42 -8.49 3.76
C GLN D 206 10.21 -9.93 4.20
N PRO D 207 11.08 -10.44 5.07
CA PRO D 207 10.93 -11.81 5.57
C PRO D 207 9.90 -11.96 6.68
N GLY D 208 9.21 -13.10 6.67
CA GLY D 208 8.53 -13.60 7.85
C GLY D 208 9.55 -14.37 8.68
N PRO D 209 9.07 -15.26 9.56
CA PRO D 209 9.98 -16.00 10.45
C PRO D 209 10.82 -17.05 9.73
N ILE D 210 12.13 -16.96 9.91
CA ILE D 210 13.05 -17.93 9.32
C ILE D 210 13.70 -18.79 10.39
N LYS D 211 13.73 -20.10 10.12
CA LYS D 211 14.37 -21.10 10.96
C LYS D 211 15.88 -20.87 11.02
N THR D 212 16.34 -20.11 12.03
CA THR D 212 17.78 -19.89 12.22
C THR D 212 18.32 -20.75 13.36
N PHE D 225 8.88 -22.10 23.69
CA PHE D 225 8.82 -22.40 22.26
C PHE D 225 8.07 -21.33 21.47
N GLU D 226 8.49 -21.12 20.22
CA GLU D 226 7.81 -20.22 19.30
C GLU D 226 7.53 -20.96 18.00
N LYS D 227 6.48 -21.77 18.01
CA LYS D 227 6.13 -22.60 16.87
C LYS D 227 4.64 -22.57 16.51
N GLU D 228 3.86 -21.89 17.35
CA GLU D 228 2.44 -21.70 17.08
C GLU D 228 2.19 -20.62 16.02
N MET D 229 3.26 -19.93 15.63
CA MET D 229 3.18 -18.97 14.53
C MET D 229 3.10 -19.66 13.16
N ILE D 230 3.41 -20.96 13.13
CA ILE D 230 3.26 -21.78 11.93
C ILE D 230 1.78 -21.91 11.51
N GLY D 231 0.88 -21.86 12.48
CA GLY D 231 -0.55 -21.85 12.22
C GLY D 231 -1.04 -20.56 11.57
N ARG D 232 -0.13 -19.59 11.42
CA ARG D 232 -0.46 -18.33 10.76
C ARG D 232 0.24 -18.21 9.40
N ILE D 233 0.89 -19.29 8.98
CA ILE D 233 1.65 -19.34 7.74
C ILE D 233 1.00 -20.33 6.76
N PRO D 234 0.38 -19.82 5.69
CA PRO D 234 -0.23 -20.67 4.66
C PRO D 234 0.67 -21.80 4.15
N CYS D 235 1.96 -21.51 3.95
CA CYS D 235 2.91 -22.50 3.47
C CYS D 235 3.27 -23.59 4.51
N GLY D 236 2.80 -23.41 5.74
CA GLY D 236 2.81 -24.47 6.76
C GLY D 236 4.12 -24.74 7.49
N ARG D 237 5.08 -23.85 7.32
CA ARG D 237 6.39 -24.01 7.95
C ARG D 237 7.08 -22.67 8.02
N LEU D 238 8.19 -22.62 8.78
CA LEU D 238 9.07 -21.46 8.76
C LEU D 238 9.90 -21.54 7.48
N GLY D 239 10.45 -20.41 7.07
CA GLY D 239 11.34 -20.36 5.92
C GLY D 239 12.74 -20.74 6.33
N THR D 240 13.61 -20.94 5.35
CA THR D 240 15.01 -21.28 5.63
C THR D 240 15.97 -20.22 5.12
N VAL D 241 17.15 -20.16 5.75
CA VAL D 241 18.21 -19.22 5.42
C VAL D 241 18.66 -19.37 3.97
N GLU D 242 18.71 -20.62 3.51
CA GLU D 242 19.16 -20.93 2.15
C GLU D 242 18.17 -20.42 1.09
N GLU D 243 16.88 -20.57 1.38
CA GLU D 243 15.83 -20.01 0.51
C GLU D 243 15.91 -18.49 0.41
N LEU D 244 16.11 -17.82 1.55
CA LEU D 244 16.26 -16.37 1.55
C LEU D 244 17.49 -15.93 0.78
N ALA D 245 18.61 -16.62 1.00
CA ALA D 245 19.84 -16.34 0.29
C ALA D 245 19.66 -16.42 -1.22
N ASN D 246 18.94 -17.43 -1.70
CA ASN D 246 18.64 -17.58 -3.13
C ASN D 246 17.89 -16.36 -3.68
N LEU D 247 16.86 -15.92 -2.95
CA LEU D 247 16.09 -14.74 -3.33
C LEU D 247 16.97 -13.50 -3.33
N ALA D 248 17.79 -13.36 -2.28
CA ALA D 248 18.70 -12.23 -2.15
C ALA D 248 19.72 -12.18 -3.28
N ALA D 249 20.31 -13.33 -3.57
CA ALA D 249 21.28 -13.44 -4.66
C ALA D 249 20.67 -13.09 -6.01
N PHE D 250 19.47 -13.59 -6.28
CA PHE D 250 18.76 -13.27 -7.52
C PHE D 250 18.61 -11.76 -7.68
N LEU D 251 18.11 -11.10 -6.64
CA LEU D 251 17.88 -9.67 -6.69
C LEU D 251 19.17 -8.86 -6.85
N CYS D 252 20.27 -9.40 -6.36
CA CYS D 252 21.58 -8.74 -6.45
C CYS D 252 22.38 -9.17 -7.69
N SER D 253 21.75 -9.99 -8.53
CA SER D 253 22.38 -10.49 -9.76
C SER D 253 22.02 -9.67 -11.00
N ASP D 254 22.77 -9.87 -12.08
CA ASP D 254 22.50 -9.17 -13.33
C ASP D 254 21.22 -9.64 -14.02
N TYR D 255 20.72 -10.81 -13.62
CA TYR D 255 19.42 -11.30 -14.08
C TYR D 255 18.29 -10.37 -13.62
N ALA D 256 18.56 -9.61 -12.55
CA ALA D 256 17.59 -8.68 -11.97
C ALA D 256 17.98 -7.23 -12.23
N SER D 257 18.72 -6.98 -13.31
CA SER D 257 19.22 -5.63 -13.61
C SER D 257 18.13 -4.60 -13.92
N TRP D 258 16.91 -5.05 -14.23
CA TRP D 258 15.77 -4.15 -14.44
C TRP D 258 14.79 -4.15 -13.26
N ILE D 259 15.18 -4.80 -12.17
CA ILE D 259 14.36 -4.81 -10.95
C ILE D 259 14.89 -3.75 -10.01
N ASN D 260 14.05 -2.77 -9.72
CA ASN D 260 14.45 -1.54 -9.03
C ASN D 260 13.27 -0.85 -8.35
N GLY D 261 13.34 -0.72 -7.02
CA GLY D 261 12.26 -0.15 -6.24
C GLY D 261 11.24 -1.19 -5.79
N ALA D 262 11.58 -2.45 -5.99
CA ALA D 262 10.70 -3.54 -5.63
C ALA D 262 10.81 -3.89 -4.15
N VAL D 263 9.69 -4.36 -3.60
CA VAL D 263 9.61 -4.84 -2.24
C VAL D 263 9.00 -6.22 -2.31
N ILE D 264 9.79 -7.25 -1.98
CA ILE D 264 9.33 -8.64 -2.06
C ILE D 264 9.11 -9.28 -0.68
N LYS D 265 7.87 -9.71 -0.44
CA LYS D 265 7.56 -10.51 0.73
C LYS D 265 8.11 -11.92 0.56
N PHE D 266 8.79 -12.40 1.60
CA PHE D 266 9.27 -13.77 1.68
C PHE D 266 8.81 -14.25 3.05
N ASP D 267 7.57 -14.75 3.11
CA ASP D 267 6.90 -14.97 4.39
C ASP D 267 5.98 -16.19 4.40
N GLY D 268 6.04 -17.00 3.33
CA GLY D 268 5.17 -18.15 3.18
C GLY D 268 3.69 -17.82 3.18
N GLY D 269 3.36 -16.56 2.86
CA GLY D 269 1.98 -16.12 2.87
C GLY D 269 1.50 -15.55 4.18
N GLU D 270 2.39 -15.44 5.17
CA GLU D 270 1.96 -15.00 6.50
C GLU D 270 1.22 -13.65 6.48
N GLU D 271 1.78 -12.66 5.79
CA GLU D 271 1.16 -11.33 5.82
C GLU D 271 -0.25 -11.30 5.23
N VAL D 272 -0.45 -11.94 4.09
CA VAL D 272 -1.78 -11.98 3.51
C VAL D 272 -2.76 -12.77 4.39
N LEU D 273 -2.27 -13.83 5.04
CA LEU D 273 -3.11 -14.59 5.96
C LEU D 273 -3.61 -13.72 7.13
N ILE D 274 -2.69 -13.14 7.89
CA ILE D 274 -3.10 -12.39 9.10
C ILE D 274 -3.90 -11.11 8.79
N SER D 275 -3.59 -10.47 7.66
CA SER D 275 -4.22 -9.19 7.34
C SER D 275 -5.64 -9.30 6.76
N GLY D 276 -6.02 -10.48 6.28
CA GLY D 276 -7.30 -10.66 5.63
C GLY D 276 -8.40 -10.87 6.64
N GLU D 277 -9.39 -9.99 6.65
CA GLU D 277 -10.44 -9.93 7.67
C GLU D 277 -11.10 -11.28 8.00
N PHE D 278 -11.40 -12.06 6.96
CA PHE D 278 -12.16 -13.29 7.13
C PHE D 278 -11.32 -14.57 7.14
N ASN D 279 -10.00 -14.41 7.18
CA ASN D 279 -9.09 -15.56 7.20
C ASN D 279 -9.11 -16.34 8.51
N ASP D 280 -9.77 -15.80 9.53
CA ASP D 280 -9.93 -16.51 10.80
C ASP D 280 -10.96 -17.64 10.67
N LEU D 281 -11.49 -17.80 9.46
CA LEU D 281 -12.43 -18.86 9.13
C LEU D 281 -11.72 -20.08 8.52
N ARG D 282 -10.39 -20.08 8.56
CA ARG D 282 -9.58 -21.12 7.92
C ARG D 282 -9.65 -22.49 8.61
N LYS D 283 -10.05 -22.51 9.88
CA LYS D 283 -10.11 -23.74 10.66
C LYS D 283 -11.47 -24.45 10.52
N VAL D 284 -12.46 -23.73 10.01
CA VAL D 284 -13.78 -24.30 9.72
C VAL D 284 -13.60 -25.43 8.70
N THR D 285 -14.05 -26.63 9.05
CA THR D 285 -13.84 -27.81 8.22
C THR D 285 -14.92 -28.03 7.16
N LYS D 286 -14.65 -28.94 6.23
CA LYS D 286 -15.57 -29.33 5.16
C LYS D 286 -17.00 -29.57 5.67
N GLU D 287 -17.11 -30.33 6.75
CA GLU D 287 -18.40 -30.71 7.34
C GLU D 287 -19.13 -29.51 7.94
N GLN D 288 -18.37 -28.61 8.57
CA GLN D 288 -18.92 -27.45 9.26
C GLN D 288 -19.49 -26.38 8.32
N TRP D 289 -18.94 -26.32 7.10
CA TRP D 289 -19.35 -25.31 6.12
C TRP D 289 -20.75 -25.52 5.53
N ASP D 290 -21.26 -26.76 5.63
CA ASP D 290 -22.57 -27.09 5.09
C ASP D 290 -23.72 -26.37 5.79
N THR D 291 -23.73 -26.42 7.13
CA THR D 291 -24.79 -25.80 7.92
C THR D 291 -24.80 -24.26 7.82
N ILE D 292 -23.62 -23.67 7.64
CA ILE D 292 -23.50 -22.20 7.55
C ILE D 292 -24.30 -21.64 6.36
N GLU D 293 -24.30 -22.35 5.24
CA GLU D 293 -24.99 -21.91 4.03
C GLU D 293 -26.52 -22.11 4.09
N GLU D 294 -27.01 -22.58 5.22
CA GLU D 294 -28.45 -22.78 5.43
C GLU D 294 -29.07 -21.62 6.19
PA NAP E . -27.14 -4.14 2.81
PA NAP E . -25.19 -4.57 1.67
O1A NAP E . -27.12 -5.49 3.42
O1A NAP E . -23.71 -4.63 1.58
O2A NAP E . -28.06 -3.19 3.61
O2A NAP E . -25.77 -5.95 2.03
O5B NAP E . -27.64 -4.29 1.29
O5B NAP E . -25.74 -4.04 0.26
C5B NAP E . -26.90 -3.80 0.18
C5B NAP E . -27.11 -4.16 -0.03
C4B NAP E . -27.67 -2.73 -0.56
C4B NAP E . -27.66 -2.86 -0.57
O4B NAP E . -27.33 -2.74 -1.94
C3B NAP E . -29.18 -2.90 -0.50
O3B NAP E . -29.72 -1.62 -0.24
C2B NAP E . -29.60 -3.42 -1.86
O2B NAP E . -30.87 -2.95 -2.24
C1B NAP E . -28.50 -2.85 -2.75
N9A NAP E . -28.22 -3.69 -3.92
C8A NAP E . -27.79 -5.00 -3.95
N7A NAP E . -27.65 -5.39 -5.23
C5A NAP E . -28.00 -4.36 -6.03
C6A NAP E . -28.04 -4.22 -7.42
N6A NAP E . -27.87 -5.29 -8.22
N1A NAP E . -28.44 -3.02 -7.95
C2A NAP E . -28.78 -1.96 -7.14
N3A NAP E . -28.73 -2.10 -5.77
C4A NAP E . -28.35 -3.28 -5.23
O3 NAP E . -25.63 -3.55 2.71
O3 NAP E . -25.73 -3.46 2.71
PN NAP E . -24.92 -2.76 3.93
PN NAP E . -24.92 -2.75 3.92
O1N NAP E . -24.54 -3.74 4.95
O2N NAP E . -25.75 -1.58 4.29
O5D NAP E . -23.55 -2.24 3.24
C5D NAP E . -23.48 -1.04 2.51
C4D NAP E . -22.07 -0.92 1.90
O4D NAP E . -21.07 -0.96 2.91
C3D NAP E . -21.74 -2.06 0.95
O3D NAP E . -21.03 -1.51 -0.14
C2D NAP E . -20.84 -2.97 1.73
O2D NAP E . -19.94 -3.61 0.87
C1D NAP E . -20.14 -1.99 2.67
N1N NAP E . -19.71 -2.60 3.94
C2N NAP E . -20.59 -2.78 4.97
C3N NAP E . -20.16 -3.35 6.15
C7N NAP E . -21.12 -3.54 7.30
O7N NAP E . -20.58 -3.96 8.53
N7N NAP E . -22.42 -3.34 7.13
C4N NAP E . -18.82 -3.74 6.31
C5N NAP E . -17.93 -3.54 5.25
C6N NAP E . -18.40 -2.96 4.08
P2B NAP E . -31.83 -3.88 -3.14
O1X NAP E . -31.92 -5.21 -2.52
O2X NAP E . -33.20 -3.18 -3.19
O3X NAP E . -31.23 -4.01 -4.55
C2 HXC F . -22.44 -19.38 -2.35
C4 HXC F . -24.38 -18.64 -3.39
C5 HXC F . -24.94 -18.36 -2.16
C6 HXC F . -24.18 -18.61 -1.01
C8 HXC F . -26.36 -17.84 -3.68
N9 HXC F . -25.28 -18.31 -4.31
N7 HXC F . -26.15 -17.87 -2.37
N3 HXC F . -23.14 -19.15 -3.45
N1 HXC F . -22.95 -19.12 -1.15
N6 HXC F . -24.68 -18.36 0.20
C1' HXC F . -25.11 -18.43 -5.78
C2' HXC F . -25.97 -19.55 -6.39
O2' HXC F . -25.30 -20.81 -6.26
C3' HXC F . -26.05 -19.12 -7.86
O3' HXC F . -25.08 -19.82 -8.64
C4' HXC F . -25.70 -17.63 -7.84
O4' HXC F . -25.62 -17.26 -6.45
C5' HXC F . -26.85 -16.87 -8.52
O5' HXC F . -26.80 -15.47 -8.22
P1 HXC F . -27.85 -14.82 -7.16
O11 HXC F . -29.19 -15.42 -7.36
O12 HXC F . -27.21 -14.88 -5.83
O6 HXC F . -27.88 -13.29 -7.68
P2 HXC F . -28.60 -12.10 -6.85
O21 HXC F . -30.06 -12.35 -6.79
O22 HXC F . -28.12 -10.81 -7.41
O7 HXC F . -27.99 -12.25 -5.37
CPB HXC F . -28.35 -11.33 -4.33
CPA HXC F . -27.45 -11.42 -3.09
CP7 HXC F . -27.87 -10.28 -2.13
CP9 HXC F . -25.99 -11.27 -3.52
CP8 HXC F . -27.66 -12.79 -2.45
OP3 HXC F . -29.16 -10.54 -1.54
CP6 HXC F . -26.85 -9.98 -1.00
OP2 HXC F . -25.94 -9.00 -1.25
NP2 HXC F . -26.94 -10.67 0.13
CP5 HXC F . -26.09 -10.60 1.17
CP4 HXC F . -24.95 -9.81 1.23
CP3 HXC F . -24.28 -9.62 2.44
OP1 HXC F . -24.74 -10.19 3.43
NP1 HXC F . -23.19 -8.84 2.53
CP2 HXC F . -22.85 -7.73 1.62
CP1 HXC F . -21.72 -6.91 2.26
S HXC F . -20.29 -6.61 1.16
P3 HXC F . -25.56 -20.94 -9.70
O31 HXC F . -26.69 -20.22 -10.62
O32 HXC F . -24.32 -21.18 -10.70
O33 HXC F . -26.03 -22.18 -9.05
CM1 HXC F . -18.93 -6.80 2.28
CM2 HXC F . -19.17 -7.10 3.62
CM3 HXC F . -18.14 -7.26 4.55
OM2 HXC F . -17.78 -6.68 1.87
CM4 HXC F . -18.50 -7.45 5.88
CM5 HXC F . -17.74 -6.91 6.92
CM6 HXC F . -18.20 -7.14 8.37
PA NAP G . 6.84 25.10 9.49
PA NAP G . 7.57 22.96 9.04
O1A NAP G . 8.24 25.41 9.16
O1A NAP G . 7.37 21.64 8.40
O2A NAP G . 5.92 26.33 9.33
O2A NAP G . 8.85 23.62 8.51
O5B NAP G . 6.73 24.53 10.98
O5B NAP G . 7.68 22.71 10.63
C5B NAP G . 7.66 23.58 11.46
C5B NAP G . 8.30 23.68 11.43
C4B NAP G . 7.54 23.64 12.97
C4B NAP G . 7.69 23.66 12.82
O4B NAP G . 8.29 22.63 13.57
C3B NAP G . 8.04 24.97 13.50
O3B NAP G . 6.97 25.48 14.26
C2B NAP G . 9.22 24.63 14.38
O2B NAP G . 9.23 25.43 15.53
C1B NAP G . 8.97 23.17 14.70
N9A NAP G . 10.23 22.45 14.97
C8A NAP G . 11.28 22.25 14.13
N7A NAP G . 12.23 21.55 14.79
C5A NAP G . 11.79 21.31 16.05
C6A NAP G . 12.35 20.65 17.13
N6A NAP G . 13.60 20.17 17.04
N1A NAP G . 11.65 20.57 18.31
C2A NAP G . 10.39 21.13 18.42
N3A NAP G . 9.83 21.79 17.34
C4A NAP G . 10.53 21.87 16.18
O3 NAP G . 6.36 23.82 8.66
O3 NAP G . 6.31 23.94 8.85
PN NAP G . 4.83 23.56 8.27
PN NAP G . 4.84 23.57 8.28
O1N NAP G . 4.75 23.85 6.83
O2N NAP G . 3.90 24.24 9.21
O5D NAP G . 4.69 21.97 8.45
C5D NAP G . 3.95 21.40 9.51
C4D NAP G . 3.85 19.89 9.29
O4D NAP G . 3.21 19.61 8.05
C3D NAP G . 5.22 19.23 9.23
O3D NAP G . 5.16 18.00 9.93
C2D NAP G . 5.43 18.98 7.74
O2D NAP G . 6.28 17.87 7.49
C1D NAP G . 4.00 18.78 7.22
N1N NAP G . 3.81 19.14 5.81
C2N NAP G . 3.63 20.44 5.43
C3N NAP G . 3.44 20.76 4.08
C7N NAP G . 3.29 22.20 3.65
O7N NAP G . 2.97 22.48 2.32
N7N NAP G . 3.45 23.18 4.54
C4N NAP G . 3.40 19.75 3.13
C5N NAP G . 3.57 18.42 3.52
C6N NAP G . 3.77 18.13 4.87
P2B NAP G . 10.64 25.87 16.18
O1X NAP G . 11.47 26.41 15.10
O2X NAP G . 10.33 26.92 17.25
O3X NAP G . 11.31 24.65 16.81
C2 HXC H . 22.33 19.86 3.40
C4 HXC H . 22.26 21.01 5.40
C5 HXC H . 21.44 21.96 4.82
C6 HXC H . 21.08 21.81 3.49
C8 HXC H . 21.77 22.51 6.88
N9 HXC H . 22.45 21.37 6.66
N7 HXC H . 21.16 22.87 5.75
N3 HXC H . 22.69 19.97 4.67
N1 HXC H . 21.55 20.74 2.81
N6 HXC H . 20.30 22.70 2.89
C1' HXC H . 23.26 20.64 7.68
C2' HXC H . 24.55 21.35 8.07
O2' HXC H . 25.57 21.12 7.08
C3' HXC H . 24.91 20.62 9.37
O3' HXC H . 25.67 19.43 9.10
C4' HXC H . 23.54 20.20 9.93
O4' HXC H . 22.55 20.57 8.92
C5' HXC H . 23.26 20.94 11.25
O5' HXC H . 21.85 21.18 11.43
P1 HXC H . 21.26 22.68 11.33
O11 HXC H . 21.78 23.45 12.47
O12 HXC H . 21.50 23.17 9.95
O6 HXC H . 19.68 22.43 11.50
P2 HXC H . 18.93 22.64 12.92
O21 HXC H . 18.92 24.08 13.23
O22 HXC H . 19.52 21.68 13.88
O7 HXC H . 17.43 22.16 12.55
CPB HXC H . 16.53 22.99 11.78
CPA HXC H . 16.22 22.45 10.37
CP7 HXC H . 14.69 22.59 10.08
CP9 HXC H . 16.59 20.96 10.29
CP8 HXC H . 17.11 23.20 9.39
OP3 HXC H . 14.01 23.08 11.25
CP6 HXC H . 14.30 23.48 8.87
OP2 HXC H . 15.06 24.57 8.59
NP2 HXC H . 13.22 23.14 8.17
CP5 HXC H . 12.88 23.89 7.14
CP4 HXC H . 11.80 23.71 6.28
CP3 HXC H . 10.83 22.69 6.28
OP1 HXC H . 9.98 22.78 5.39
NP1 HXC H . 10.85 21.72 7.22
CP2 HXC H . 9.89 20.59 7.36
CP1 HXC H . 8.81 20.50 6.27
S HXC H . 8.42 18.80 5.73
P3 HXC H . 27.23 19.31 9.55
O31 HXC H . 27.68 17.85 9.09
O32 HXC H . 28.03 20.34 8.58
O33 HXC H . 27.43 19.57 10.99
CM1 HXC H . 8.12 19.09 4.02
CM2 HXC H . 8.52 20.29 3.43
CM3 HXC H . 8.33 20.60 2.10
OM2 HXC H . 7.56 18.22 3.35
CM4 HXC H . 8.77 21.84 1.63
CM5 HXC H . 8.60 22.22 0.31
CM6 HXC H . 9.11 23.58 -0.16
PA NAP I . -0.41 -9.25 -25.96
PA NAP I . -1.47 -8.40 -24.22
O1A NAP I . -0.40 -7.93 -26.61
O1A NAP I . -1.42 -7.60 -22.97
O2A NAP I . 0.62 -10.19 -26.61
O2A NAP I . -1.79 -7.54 -25.44
O5B NAP I . -1.90 -9.87 -26.06
O5B NAP I . -2.52 -9.58 -24.04
C5B NAP I . -2.61 -10.33 -24.93
C5B NAP I . -2.93 -10.28 -25.18
C4B NAP I . -2.69 -11.86 -24.93
C4B NAP I . -2.75 -11.78 -24.98
O4B NAP I . -3.88 -12.28 -24.27
C3B NAP I . -2.75 -12.47 -26.32
O3B NAP I . -1.90 -13.59 -26.34
C2B NAP I . -4.18 -12.89 -26.52
O2B NAP I . -4.29 -14.03 -27.34
C1B NAP I . -4.66 -13.14 -25.10
N9A NAP I . -6.09 -12.85 -24.96
C8A NAP I . -6.72 -11.66 -25.21
N7A NAP I . -8.04 -11.83 -24.97
C5A NAP I . -8.26 -13.10 -24.57
C6A NAP I . -9.40 -13.79 -24.19
N6A NAP I . -10.58 -13.18 -24.16
N1A NAP I . -9.31 -15.13 -23.82
C2A NAP I . -8.08 -15.75 -23.82
N3A NAP I . -6.95 -15.06 -24.19
C4A NAP I . -7.04 -13.75 -24.55
O3 NAP I . -0.13 -9.08 -24.38
O3 NAP I . -0.08 -9.18 -24.43
PN NAP I . 1.33 -8.72 -23.82
PN NAP I . 1.33 -8.72 -23.82
O1N NAP I . 1.65 -7.35 -24.24
O2N NAP I . 2.27 -9.83 -24.14
O5D NAP I . 1.10 -8.69 -22.23
C5D NAP I . 0.87 -9.89 -21.50
C4D NAP I . 0.50 -9.52 -20.06
O4D NAP I . 1.45 -8.60 -19.52
C3D NAP I . -0.85 -8.84 -20.00
O3D NAP I . -1.57 -9.37 -18.91
C2D NAP I . -0.54 -7.37 -19.78
O2D NAP I . -1.53 -6.72 -19.02
C1D NAP I . 0.79 -7.43 -19.06
N1N NAP I . 1.63 -6.23 -19.28
C2N NAP I . 2.32 -6.05 -20.47
C3N NAP I . 3.11 -4.92 -20.63
C7N NAP I . 4.03 -4.78 -21.82
O7N NAP I . 4.94 -3.72 -21.84
N7N NAP I . 3.95 -5.67 -22.81
C4N NAP I . 3.20 -3.97 -19.62
C5N NAP I . 2.50 -4.16 -18.43
C6N NAP I . 1.71 -5.30 -18.29
P2B NAP I . -5.46 -14.10 -28.43
O1X NAP I . -5.49 -12.82 -29.18
O2X NAP I . -5.17 -15.28 -29.36
O3X NAP I . -6.81 -14.32 -27.72
C2 HXC J . -12.66 2.40 -26.71
C4 HXC J . -13.46 0.68 -28.05
C5 HXC J . -12.23 0.62 -28.69
C6 HXC J . -11.23 1.51 -28.31
C8 HXC J . -13.54 -0.87 -29.55
N9 HXC J . -14.24 -0.25 -28.59
N7 HXC J . -12.32 -0.34 -29.62
N3 HXC J . -13.63 1.58 -27.06
N1 HXC J . -11.48 2.38 -27.31
N6 HXC J . -10.04 1.49 -28.91
C1' HXC J . -15.65 -0.55 -28.20
C2' HXC J . -16.63 -0.48 -29.36
O2' HXC J . -17.12 0.85 -29.52
C3' HXC J . -17.75 -1.42 -28.92
O3' HXC J . -18.75 -0.70 -28.19
C4' HXC J . -17.06 -2.42 -27.99
O4' HXC J . -15.70 -1.93 -27.77
C5' HXC J . -17.08 -3.83 -28.64
O5' HXC J . -15.81 -4.18 -29.22
P1 HXC J . -14.62 -4.84 -28.34
O11 HXC J . -13.55 -3.81 -28.22
O12 HXC J . -15.21 -5.42 -27.12
O6 HXC J . -14.09 -6.03 -29.29
P2 HXC J . -13.05 -7.14 -28.74
O21 HXC J . -12.46 -7.85 -29.90
O22 HXC J . -13.74 -7.91 -27.69
O7 HXC J . -11.91 -6.22 -28.05
CPB HXC J . -10.81 -5.66 -28.79
CPA HXC J . -9.50 -5.68 -27.98
CP7 HXC J . -8.45 -4.76 -28.67
CP9 HXC J . -9.00 -7.13 -27.96
CP8 HXC J . -9.83 -5.22 -26.55
OP3 HXC J . -8.93 -3.42 -28.79
CP6 HXC J . -7.08 -4.75 -27.95
OP2 HXC J . -5.97 -4.51 -28.72
NP2 HXC J . -7.07 -4.95 -26.64
CP5 HXC J . -6.04 -5.04 -25.81
CP4 HXC J . -4.68 -5.05 -26.10
CP3 HXC J . -3.82 -5.32 -25.04
OP1 HXC J . -2.60 -5.31 -25.26
NP1 HXC J . -4.37 -5.57 -23.85
CP2 HXC J . -3.63 -5.89 -22.62
CP1 HXC J . -2.94 -4.69 -21.97
S HXC J . -2.88 -4.92 -20.15
P3 HXC J . -20.32 -1.09 -28.37
O31 HXC J . -20.43 -2.65 -27.94
O32 HXC J . -21.10 -0.28 -27.21
O33 HXC J . -20.84 -0.82 -29.72
CM1 HXC J . -1.85 -3.59 -19.64
CM2 HXC J . -0.97 -2.92 -20.51
CM3 HXC J . -0.20 -1.88 -20.00
OM2 HXC J . -1.91 -3.24 -18.47
CM4 HXC J . 1.06 -1.58 -20.46
CM5 HXC J . 1.80 -0.65 -19.74
CM6 HXC J . 3.20 -0.29 -20.20
PA NAP K . 20.90 -11.79 13.83
PA NAP K . 19.47 -10.08 13.72
O1A NAP K . 20.89 -11.47 15.27
O1A NAP K . 18.21 -9.49 13.24
O2A NAP K . 21.37 -13.23 13.55
O2A NAP K . 19.57 -10.09 15.26
O5B NAP K . 21.80 -10.74 13.02
O5B NAP K . 20.69 -9.24 13.10
C5B NAP K . 21.79 -9.35 13.31
C5B NAP K . 21.82 -9.01 13.91
C4B NAP K . 23.16 -8.84 12.86
C4B NAP K . 23.05 -8.83 13.03
O4B NAP K . 23.28 -7.45 12.91
C3B NAP K . 24.26 -9.43 13.71
O3B NAP K . 25.12 -10.11 12.82
C2B NAP K . 24.95 -8.25 14.35
O2B NAP K . 26.35 -8.41 14.42
C1B NAP K . 24.55 -7.10 13.43
N9A NAP K . 24.49 -5.83 14.15
C8A NAP K . 23.71 -5.52 15.25
N7A NAP K . 23.99 -4.25 15.60
C5A NAP K . 24.91 -3.75 14.76
C6A NAP K . 25.54 -2.51 14.67
N6A NAP K . 25.29 -1.56 15.56
N1A NAP K . 26.47 -2.30 13.67
C2A NAP K . 26.78 -3.30 12.77
N3A NAP K . 26.16 -4.53 12.86
C4A NAP K . 25.25 -4.74 13.84
O3 NAP K . 19.46 -11.50 13.18
O3 NAP K . 19.67 -11.58 13.14
PN NAP K . 18.99 -12.17 11.80
PN NAP K . 19.00 -12.17 11.80
O1N NAP K . 17.84 -13.03 12.16
O2N NAP K . 20.12 -12.75 11.04
O5D NAP K . 18.42 -10.91 10.98
C5D NAP K . 19.07 -10.35 9.87
C4D NAP K . 18.08 -9.40 9.21
O4D NAP K . 16.89 -10.08 8.86
C3D NAP K . 17.68 -8.27 10.15
O3D NAP K . 17.72 -7.04 9.46
C2D NAP K . 16.27 -8.60 10.57
O2D NAP K . 15.51 -7.45 10.83
C1D NAP K . 15.76 -9.40 9.38
N1N NAP K . 14.68 -10.34 9.73
C2N NAP K . 14.94 -11.54 10.32
C3N NAP K . 13.91 -12.42 10.64
C7N NAP K . 14.18 -13.82 11.09
O7N NAP K . 13.11 -14.72 11.22
N7N NAP K . 15.44 -14.21 11.35
C4N NAP K . 12.58 -12.07 10.37
C5N NAP K . 12.31 -10.84 9.76
C6N NAP K . 13.38 -9.98 9.45
P2B NAP K . 27.14 -7.91 15.72
O1X NAP K . 26.44 -8.43 16.92
O2X NAP K . 28.57 -8.48 15.65
O3X NAP K . 27.21 -6.38 15.73
C2 HXC L . 13.28 -2.98 26.73
C4 HXC L . 15.60 -3.08 26.62
C5 HXC L . 15.54 -4.47 26.60
C6 HXC L . 14.29 -5.08 26.66
C8 HXC L . 17.60 -3.86 26.52
N9 HXC L . 16.88 -2.74 26.57
N7 HXC L . 16.79 -4.92 26.55
N3 HXC L . 14.45 -2.37 26.69
N1 HXC L . 13.19 -4.32 26.72
N6 HXC L . 14.19 -6.41 26.65
C1' HXC L . 17.40 -1.35 26.56
C2' HXC L . 18.27 -0.99 27.76
O2' HXC L . 17.44 -0.69 28.88
C3' HXC L . 18.99 0.26 27.25
O3' HXC L . 18.28 1.44 27.64
C4' HXC L . 18.94 0.12 25.73
O4' HXC L . 18.32 -1.17 25.47
C5' HXC L . 20.36 0.16 25.15
O5' HXC L . 20.91 -1.15 24.93
P1 HXC L . 22.23 -1.65 25.71
O11 HXC L . 23.07 -0.49 26.07
O12 HXC L . 21.80 -2.59 26.78
O6 HXC L . 22.97 -2.50 24.55
P2 HXC L . 23.63 -1.82 23.24
O21 HXC L . 25.09 -2.09 23.29
O22 HXC L . 23.15 -0.44 23.09
O7 HXC L . 22.99 -2.71 22.05
CPB HXC L . 23.03 -4.16 22.11
CPA HXC L . 21.66 -4.80 21.81
CP7 HXC L . 21.27 -4.45 20.35
CP9 HXC L . 20.64 -4.22 22.81
CP8 HXC L . 21.78 -6.31 22.04
OP3 HXC L . 22.18 -5.02 19.40
CP6 HXC L . 19.79 -4.80 20.00
OP2 HXC L . 18.85 -3.88 20.33
NP2 HXC L . 19.45 -5.95 19.40
CP5 HXC L . 20.22 -6.99 19.11
CP4 HXC L . 19.70 -8.13 18.49
CP3 HXC L . 18.36 -8.28 18.11
OP1 HXC L . 17.58 -7.34 18.34
NP1 HXC L . 17.98 -9.40 17.50
CP2 HXC L . 16.58 -9.62 17.09
CP1 HXC L . 16.46 -9.47 15.57
S HXC L . 16.69 -7.75 14.95
P3 HXC L . 18.79 2.34 28.86
O31 HXC L . 17.78 3.59 28.93
O32 HXC L . 18.46 1.47 30.19
O33 HXC L . 20.21 2.74 28.75
CM1 HXC L . 15.45 -7.52 13.69
CM2 HXC L . 14.24 -8.22 13.60
CM3 HXC L . 13.87 -9.24 14.47
OM2 HXC L . 15.66 -6.67 12.83
CM4 HXC L . 12.85 -10.14 14.17
CM5 HXC L . 12.56 -11.13 15.09
CM6 HXC L . 11.46 -12.16 14.83
#